data_7CYI
#
_entry.id   7CYI
#
_cell.length_a   77.533
_cell.length_b   78.490
_cell.length_c   102.441
_cell.angle_alpha   71.880
_cell.angle_beta   74.020
_cell.angle_gamma   59.970
#
_symmetry.space_group_name_H-M   'P 1'
#
loop_
_entity.id
_entity.type
_entity.pdbx_description
1 polymer 'Alcohol dehydrogenase 1'
2 non-polymer 'ZINC ION'
3 water water
#
_entity_poly.entity_id   1
_entity_poly.type   'polypeptide(L)'
_entity_poly.pdbx_seq_one_letter_code
;MAQKAPGVITCKAAVVWESSGPVVLEEIRVDPPKASEVRIKMLCASLCHTDVLCTKGFPIPLFPRIPGHEGVGVIESIGK
DAKGLKPGDIVMPLYLGECGQCLNCKTGKTNLCHVYPPSFSGLMNDGTSRMSIARTGESIYHFASCSTWTEYAVADCNYV
LKINPKISYPHASFLSCGFTTGFGATWRETQVSKGSSVAVFGIGTVGLGVIKGAQLQGASKIIGVDVNQYKAAKGKVFGM
TDFINPKDHPDKSVSELVKELTHGLGVDHCFECTGVPSLLNEALEASKIGIGTVVPIGAGGEASVAINSLILFSGRTLKF
TAFGGVRTQSDLPVIIDKCLNKEIQLDELLTHEIHLDNIQEAFEILKKPDCVKILIKFLEHHHHHH
;
_entity_poly.pdbx_strand_id   A,B,C,D
#
loop_
_chem_comp.id
_chem_comp.type
_chem_comp.name
_chem_comp.formula
ZN non-polymer 'ZINC ION' 'Zn 2'
#
# COMPACT_ATOMS: atom_id res chain seq x y z
N PRO A 6 6.41 23.99 -34.11
CA PRO A 6 5.57 22.81 -34.30
C PRO A 6 4.37 23.09 -35.21
N GLY A 7 4.41 22.56 -36.42
CA GLY A 7 3.37 22.79 -37.41
C GLY A 7 2.31 21.70 -37.42
N VAL A 8 1.74 21.47 -38.60
CA VAL A 8 0.74 20.44 -38.82
C VAL A 8 1.20 19.61 -40.01
N ILE A 9 1.58 18.36 -39.76
CA ILE A 9 2.12 17.51 -40.81
C ILE A 9 0.98 16.86 -41.58
N THR A 10 1.23 16.63 -42.88
CA THR A 10 0.29 15.94 -43.75
C THR A 10 0.99 14.69 -44.28
N CYS A 11 0.56 13.52 -43.80
CA CYS A 11 1.20 12.27 -44.20
C CYS A 11 0.16 11.21 -44.56
N LYS A 12 0.60 9.96 -44.68
CA LYS A 12 -0.26 8.84 -45.03
C LYS A 12 -0.64 8.04 -43.78
N ALA A 13 -1.62 7.17 -43.94
CA ALA A 13 -2.08 6.32 -42.85
C ALA A 13 -2.99 5.23 -43.40
N ALA A 14 -2.96 4.08 -42.74
CA ALA A 14 -3.86 2.98 -43.07
C ALA A 14 -5.17 3.19 -42.31
N VAL A 15 -6.28 3.22 -43.05
CA VAL A 15 -7.57 3.63 -42.50
C VAL A 15 -8.60 2.54 -42.77
N VAL A 16 -9.30 2.12 -41.72
CA VAL A 16 -10.49 1.30 -41.85
C VAL A 16 -11.70 2.23 -41.84
N TRP A 17 -12.69 1.93 -42.67
CA TRP A 17 -13.85 2.80 -42.82
C TRP A 17 -15.15 2.20 -42.30
N GLU A 18 -15.25 0.88 -42.22
CA GLU A 18 -16.45 0.22 -41.74
C GLU A 18 -16.07 -1.13 -41.16
N SER A 19 -17.01 -1.73 -40.43
CA SER A 19 -16.76 -3.01 -39.78
C SER A 19 -16.51 -4.10 -40.82
N SER A 20 -15.44 -4.87 -40.62
CA SER A 20 -15.06 -5.96 -41.52
C SER A 20 -14.82 -5.47 -42.94
N GLY A 21 -14.49 -4.19 -43.09
CA GLY A 21 -14.24 -3.61 -44.39
C GLY A 21 -12.78 -3.62 -44.76
N PRO A 22 -12.43 -2.94 -45.85
CA PRO A 22 -11.04 -2.87 -46.29
C PRO A 22 -10.27 -1.75 -45.58
N VAL A 23 -8.95 -1.95 -45.53
CA VAL A 23 -8.02 -0.95 -44.99
C VAL A 23 -7.31 -0.31 -46.17
N VAL A 24 -7.43 1.01 -46.31
CA VAL A 24 -6.93 1.73 -47.46
C VAL A 24 -6.06 2.88 -46.98
N LEU A 25 -5.16 3.32 -47.86
CA LEU A 25 -4.29 4.45 -47.57
C LEU A 25 -5.03 5.77 -47.81
N GLU A 26 -4.93 6.68 -46.84
CA GLU A 26 -5.57 7.98 -46.92
C GLU A 26 -4.56 9.06 -46.54
N GLU A 27 -4.61 10.19 -47.24
CA GLU A 27 -3.79 11.35 -46.87
C GLU A 27 -4.44 12.01 -45.66
N ILE A 28 -3.76 11.94 -44.52
CA ILE A 28 -4.31 12.45 -43.27
C ILE A 28 -3.52 13.69 -42.86
N ARG A 29 -3.98 14.34 -41.79
CA ARG A 29 -3.32 15.50 -41.21
C ARG A 29 -3.19 15.29 -39.71
N VAL A 30 -1.99 15.53 -39.18
CA VAL A 30 -1.66 15.25 -37.78
C VAL A 30 -1.55 16.57 -37.03
N ASP A 31 -2.41 16.74 -36.02
CA ASP A 31 -2.39 17.94 -35.21
C ASP A 31 -1.17 17.96 -34.30
N PRO A 32 -0.74 19.14 -33.86
CA PRO A 32 0.38 19.23 -32.91
C PRO A 32 0.00 18.66 -31.55
N PRO A 33 0.98 18.23 -30.76
CA PRO A 33 0.66 17.66 -29.45
C PRO A 33 0.44 18.75 -28.41
N LYS A 34 -0.70 18.67 -27.71
CA LYS A 34 -0.99 19.64 -26.66
C LYS A 34 -0.22 19.30 -25.39
N ALA A 35 -0.72 19.74 -24.23
CA ALA A 35 -0.03 19.46 -22.98
C ALA A 35 -0.08 17.96 -22.66
N SER A 36 0.99 17.47 -22.04
CA SER A 36 1.10 16.07 -21.65
C SER A 36 0.98 15.14 -22.86
N GLU A 37 1.51 15.59 -24.00
CA GLU A 37 1.43 14.83 -25.24
C GLU A 37 2.75 14.93 -25.98
N VAL A 38 3.09 13.86 -26.71
CA VAL A 38 4.18 13.86 -27.67
C VAL A 38 3.66 13.22 -28.95
N ARG A 39 4.31 13.56 -30.06
CA ARG A 39 3.95 12.97 -31.34
C ARG A 39 5.20 12.43 -32.02
N ILE A 40 5.04 11.34 -32.75
CA ILE A 40 6.13 10.49 -33.18
C ILE A 40 6.18 10.42 -34.70
N LYS A 41 7.38 10.21 -35.22
CA LYS A 41 7.58 9.81 -36.61
C LYS A 41 7.83 8.30 -36.60
N MET A 42 6.86 7.54 -37.12
CA MET A 42 6.92 6.08 -37.03
C MET A 42 8.04 5.53 -37.90
N LEU A 43 8.86 4.66 -37.33
CA LEU A 43 9.99 4.05 -38.03
C LEU A 43 9.60 2.75 -38.72
N CYS A 44 8.89 1.87 -38.00
CA CYS A 44 8.39 0.62 -38.57
C CYS A 44 7.20 0.17 -37.73
N ALA A 45 6.57 -0.92 -38.17
CA ALA A 45 5.32 -1.35 -37.56
C ALA A 45 5.21 -2.87 -37.65
N SER A 46 4.26 -3.41 -36.89
CA SER A 46 3.92 -4.82 -36.96
C SER A 46 2.42 -4.96 -36.72
N LEU A 47 1.93 -6.19 -36.77
CA LEU A 47 0.51 -6.45 -36.56
C LEU A 47 0.33 -7.82 -35.96
N CYS A 48 -0.83 -8.01 -35.32
CA CYS A 48 -1.20 -9.28 -34.72
C CYS A 48 -2.71 -9.43 -34.82
N HIS A 49 -3.26 -10.36 -34.06
CA HIS A 49 -4.70 -10.63 -34.13
C HIS A 49 -5.53 -9.48 -33.59
N THR A 50 -4.96 -8.68 -32.67
CA THR A 50 -5.70 -7.55 -32.12
C THR A 50 -6.05 -6.52 -33.19
N ASP A 51 -5.19 -6.38 -34.20
CA ASP A 51 -5.48 -5.46 -35.29
C ASP A 51 -6.55 -5.99 -36.22
N VAL A 52 -6.60 -7.31 -36.41
CA VAL A 52 -7.70 -7.91 -37.18
C VAL A 52 -9.02 -7.71 -36.44
N LEU A 53 -8.99 -7.83 -35.12
CA LEU A 53 -10.19 -7.58 -34.33
C LEU A 53 -10.60 -6.11 -34.37
N CYS A 54 -9.64 -5.22 -34.58
CA CYS A 54 -9.96 -3.80 -34.64
C CYS A 54 -10.75 -3.46 -35.89
N THR A 55 -10.36 -4.03 -37.04
CA THR A 55 -11.07 -3.74 -38.28
C THR A 55 -12.49 -4.28 -38.26
N LYS A 56 -12.74 -5.32 -37.48
CA LYS A 56 -14.07 -5.91 -37.37
C LYS A 56 -14.93 -5.26 -36.29
N GLY A 57 -14.44 -4.19 -35.66
CA GLY A 57 -15.23 -3.47 -34.68
C GLY A 57 -15.04 -3.90 -33.25
N PHE A 58 -13.89 -4.45 -32.90
CA PHE A 58 -13.65 -4.92 -31.54
C PHE A 58 -12.45 -4.22 -30.92
N PRO A 59 -12.48 -3.91 -29.62
CA PRO A 59 -13.58 -4.20 -28.68
C PRO A 59 -14.83 -3.36 -28.94
N ILE A 60 -14.63 -2.06 -29.12
CA ILE A 60 -15.71 -1.12 -29.39
C ILE A 60 -15.62 -0.72 -30.85
N PRO A 61 -16.70 -0.86 -31.63
CA PRO A 61 -16.64 -0.48 -33.04
C PRO A 61 -16.56 1.03 -33.25
N LEU A 62 -15.40 1.51 -33.69
CA LEU A 62 -15.17 2.92 -33.94
C LEU A 62 -14.59 3.08 -35.34
N PHE A 63 -15.28 3.86 -36.18
CA PHE A 63 -14.88 4.07 -37.55
C PHE A 63 -15.20 5.51 -37.94
N PRO A 64 -14.35 6.15 -38.77
CA PRO A 64 -13.11 5.60 -39.33
C PRO A 64 -11.99 5.53 -38.30
N ARG A 65 -11.11 4.53 -38.46
CA ARG A 65 -10.07 4.25 -37.47
C ARG A 65 -8.76 3.92 -38.17
N ILE A 66 -7.66 4.18 -37.49
CA ILE A 66 -6.33 3.84 -37.96
C ILE A 66 -5.79 2.75 -37.04
N PRO A 67 -5.74 1.49 -37.47
CA PRO A 67 -5.35 0.41 -36.56
C PRO A 67 -3.83 0.33 -36.39
N GLY A 68 -3.36 -0.81 -35.89
CA GLY A 68 -1.94 -0.96 -35.62
C GLY A 68 -1.53 -0.43 -34.27
N HIS A 69 -0.91 -1.27 -33.46
CA HIS A 69 -0.46 -0.90 -32.13
C HIS A 69 0.98 -1.27 -31.82
N GLU A 70 1.60 -2.18 -32.58
CA GLU A 70 2.96 -2.61 -32.35
C GLU A 70 3.88 -1.82 -33.28
N GLY A 71 4.80 -1.06 -32.69
CA GLY A 71 5.70 -0.27 -33.51
C GLY A 71 6.74 0.42 -32.68
N VAL A 72 7.55 1.23 -33.37
CA VAL A 72 8.62 2.02 -32.77
C VAL A 72 8.85 3.23 -33.65
N GLY A 73 9.18 4.37 -33.03
CA GLY A 73 9.40 5.60 -33.77
C GLY A 73 10.30 6.54 -33.00
N VAL A 74 10.60 7.67 -33.62
CA VAL A 74 11.46 8.70 -33.06
C VAL A 74 10.62 9.93 -32.76
N ILE A 75 10.76 10.46 -31.54
CA ILE A 75 10.01 11.66 -31.16
C ILE A 75 10.41 12.81 -32.07
N GLU A 76 9.39 13.50 -32.59
CA GLU A 76 9.60 14.64 -33.49
C GLU A 76 9.15 15.96 -32.90
N SER A 77 8.03 15.97 -32.18
CA SER A 77 7.50 17.18 -31.58
C SER A 77 6.99 16.86 -30.17
N ILE A 78 7.44 17.64 -29.20
CA ILE A 78 7.03 17.47 -27.81
C ILE A 78 6.20 18.67 -27.39
N GLY A 79 5.18 18.42 -26.57
CA GLY A 79 4.53 19.48 -25.82
C GLY A 79 4.83 19.31 -24.34
N LYS A 80 5.49 20.31 -23.73
CA LYS A 80 5.96 20.17 -22.37
C LYS A 80 4.78 19.97 -21.41
N ASP A 81 5.12 19.55 -20.18
CA ASP A 81 4.30 18.74 -19.27
C ASP A 81 4.34 17.28 -19.70
N ALA A 82 5.39 16.91 -20.44
CA ALA A 82 5.55 15.56 -20.95
C ALA A 82 6.77 14.88 -20.33
N LYS A 83 6.74 14.72 -19.01
CA LYS A 83 7.64 13.86 -18.24
C LYS A 83 9.09 13.81 -18.73
N GLY A 84 9.55 14.87 -19.38
CA GLY A 84 10.95 14.97 -19.76
C GLY A 84 11.41 14.02 -20.85
N LEU A 85 10.75 14.05 -22.01
CA LEU A 85 11.25 13.37 -23.20
C LEU A 85 11.71 14.42 -24.20
N LYS A 86 12.44 13.97 -25.23
CA LYS A 86 13.10 14.91 -26.13
C LYS A 86 12.94 14.47 -27.58
N PRO A 87 12.89 15.43 -28.50
CA PRO A 87 12.97 15.07 -29.93
C PRO A 87 14.32 14.43 -30.23
N GLY A 88 14.28 13.33 -30.98
CA GLY A 88 15.44 12.50 -31.21
C GLY A 88 15.45 11.22 -30.39
N ASP A 89 14.72 11.20 -29.27
CA ASP A 89 14.55 9.96 -28.52
C ASP A 89 13.77 8.95 -29.35
N ILE A 90 13.99 7.68 -29.06
CA ILE A 90 13.30 6.58 -29.74
C ILE A 90 12.31 5.99 -28.73
N VAL A 91 11.04 5.96 -29.11
CA VAL A 91 9.97 5.54 -28.23
C VAL A 91 9.29 4.30 -28.81
N MET A 92 8.52 3.63 -27.96
CA MET A 92 7.61 2.58 -28.39
C MET A 92 6.29 2.79 -27.66
N PRO A 93 5.16 2.57 -28.34
CA PRO A 93 3.86 2.79 -27.69
C PRO A 93 3.56 1.69 -26.68
N LEU A 94 3.02 2.08 -25.54
CA LEU A 94 2.66 1.15 -24.47
C LEU A 94 1.16 0.94 -24.44
N TYR A 95 0.76 -0.33 -24.29
CA TYR A 95 -0.66 -0.64 -24.22
C TYR A 95 -1.29 -0.13 -22.92
N LEU A 96 -0.55 -0.23 -21.82
CA LEU A 96 -0.95 0.37 -20.55
C LEU A 96 0.25 1.16 -20.00
N GLY A 97 0.06 1.76 -18.82
CA GLY A 97 1.08 2.59 -18.21
C GLY A 97 1.46 2.11 -16.82
N GLU A 98 2.58 2.63 -16.33
CA GLU A 98 3.04 2.37 -14.97
C GLU A 98 3.26 3.72 -14.29
N CYS A 99 2.36 4.08 -13.39
CA CYS A 99 2.48 5.32 -12.62
C CYS A 99 3.71 5.27 -11.74
N GLY A 100 3.66 4.49 -10.67
CA GLY A 100 4.78 4.38 -9.77
C GLY A 100 4.40 4.69 -8.33
N GLN A 101 3.41 5.57 -8.16
CA GLN A 101 2.97 5.98 -6.84
C GLN A 101 1.59 5.49 -6.45
N CYS A 102 0.83 4.91 -7.38
CA CYS A 102 -0.47 4.35 -7.05
C CYS A 102 -0.30 3.07 -6.23
N LEU A 103 -1.38 2.65 -5.57
CA LEU A 103 -1.27 1.54 -4.63
C LEU A 103 -0.89 0.24 -5.32
N ASN A 104 -1.28 0.06 -6.60
CA ASN A 104 -0.92 -1.17 -7.29
C ASN A 104 0.56 -1.18 -7.67
N CYS A 105 1.09 -0.04 -8.12
CA CYS A 105 2.52 0.02 -8.47
C CYS A 105 3.40 -0.16 -7.24
N LYS A 106 2.99 0.40 -6.10
CA LYS A 106 3.70 0.19 -4.85
C LYS A 106 3.75 -1.29 -4.48
N THR A 107 2.66 -2.01 -4.77
CA THR A 107 2.57 -3.42 -4.45
C THR A 107 3.65 -4.22 -5.18
N GLY A 108 3.91 -3.88 -6.45
CA GLY A 108 4.92 -4.57 -7.21
C GLY A 108 4.54 -5.95 -7.68
N LYS A 109 3.33 -6.42 -7.41
CA LYS A 109 2.88 -7.72 -7.85
C LYS A 109 2.10 -7.66 -9.16
N THR A 110 1.97 -6.49 -9.77
CA THR A 110 1.13 -6.37 -10.97
C THR A 110 1.55 -5.14 -11.76
N ASN A 111 1.16 -5.14 -13.03
CA ASN A 111 1.40 -4.03 -13.94
C ASN A 111 0.15 -3.23 -14.24
N LEU A 112 -1.01 -3.67 -13.74
CA LEU A 112 -2.28 -3.00 -14.01
C LEU A 112 -2.40 -1.78 -13.10
N CYS A 113 -1.73 -0.71 -13.50
CA CYS A 113 -1.72 0.52 -12.72
C CYS A 113 -3.10 1.18 -12.73
N HIS A 114 -3.41 1.86 -11.63
CA HIS A 114 -4.70 2.52 -11.49
C HIS A 114 -4.77 3.83 -12.28
N VAL A 115 -3.67 4.57 -12.35
CA VAL A 115 -3.73 5.92 -12.89
C VAL A 115 -3.68 5.89 -14.41
N TYR A 116 -2.89 4.99 -15.00
CA TYR A 116 -2.79 4.86 -16.46
C TYR A 116 -3.23 3.47 -16.89
N PRO A 117 -4.53 3.21 -16.92
CA PRO A 117 -5.03 1.92 -17.39
C PRO A 117 -5.18 1.93 -18.91
N PRO A 118 -5.43 0.78 -19.53
CA PRO A 118 -5.63 0.78 -20.99
C PRO A 118 -6.91 1.51 -21.36
N SER A 119 -6.83 2.30 -22.43
CA SER A 119 -7.95 3.07 -22.93
C SER A 119 -8.65 2.35 -24.08
N PHE A 120 -9.93 2.65 -24.25
CA PHE A 120 -10.75 2.04 -25.29
C PHE A 120 -11.62 3.07 -26.00
N SER A 121 -11.19 4.34 -25.99
CA SER A 121 -11.99 5.42 -26.54
C SER A 121 -11.60 5.79 -27.97
N GLY A 122 -10.36 5.55 -28.37
CA GLY A 122 -9.91 5.94 -29.68
C GLY A 122 -9.51 7.40 -29.81
N LEU A 123 -9.71 8.21 -28.77
CA LEU A 123 -9.34 9.61 -28.76
C LEU A 123 -8.42 9.89 -27.58
N MET A 124 -7.90 11.10 -27.53
CA MET A 124 -7.01 11.52 -26.45
C MET A 124 -7.82 11.76 -25.18
N ASN A 125 -7.16 12.29 -24.14
CA ASN A 125 -7.89 12.72 -22.95
C ASN A 125 -8.83 13.89 -23.26
N ASP A 126 -8.58 14.61 -24.35
CA ASP A 126 -9.46 15.69 -24.78
C ASP A 126 -10.84 15.18 -25.20
N GLY A 127 -10.97 13.89 -25.47
CA GLY A 127 -12.10 13.41 -26.23
C GLY A 127 -12.03 13.76 -27.70
N THR A 128 -10.99 14.48 -28.12
CA THR A 128 -10.76 14.83 -29.51
C THR A 128 -9.52 14.11 -30.03
N SER A 129 -9.49 13.86 -31.32
CA SER A 129 -8.36 13.19 -31.96
C SER A 129 -7.46 14.21 -32.63
N ARG A 130 -6.18 13.89 -32.70
CA ARG A 130 -5.19 14.72 -33.38
C ARG A 130 -5.04 14.37 -34.85
N MET A 131 -5.83 13.45 -35.36
CA MET A 131 -5.69 12.96 -36.73
C MET A 131 -7.01 13.14 -37.47
N SER A 132 -6.93 13.67 -38.69
CA SER A 132 -8.10 13.87 -39.53
C SER A 132 -7.71 13.70 -40.98
N ILE A 133 -8.70 13.35 -41.81
CA ILE A 133 -8.46 13.23 -43.25
C ILE A 133 -8.24 14.60 -43.85
N ALA A 134 -7.28 14.70 -44.78
CA ALA A 134 -6.91 15.99 -45.34
C ALA A 134 -8.07 16.64 -46.09
N ARG A 135 -8.69 15.89 -47.01
CA ARG A 135 -9.75 16.47 -47.83
C ARG A 135 -11.03 16.68 -47.04
N THR A 136 -11.53 15.62 -46.39
CA THR A 136 -12.84 15.71 -45.75
C THR A 136 -12.81 16.34 -44.36
N GLY A 137 -11.64 16.46 -43.74
CA GLY A 137 -11.57 16.97 -42.39
C GLY A 137 -12.24 16.10 -41.35
N GLU A 138 -12.62 14.88 -41.72
CA GLU A 138 -13.27 13.97 -40.78
C GLU A 138 -12.26 13.46 -39.76
N SER A 139 -12.63 13.49 -38.49
CA SER A 139 -11.70 13.09 -37.44
C SER A 139 -11.66 11.58 -37.30
N ILE A 140 -10.45 11.05 -37.10
CA ILE A 140 -10.17 9.63 -37.15
C ILE A 140 -9.80 9.15 -35.76
N TYR A 141 -10.45 8.08 -35.31
CA TYR A 141 -10.06 7.43 -34.05
C TYR A 141 -8.73 6.71 -34.22
N HIS A 142 -7.96 6.67 -33.15
CA HIS A 142 -6.76 5.84 -33.11
C HIS A 142 -7.06 4.54 -32.37
N PHE A 143 -6.07 3.66 -32.31
CA PHE A 143 -6.24 2.34 -31.71
C PHE A 143 -5.37 2.22 -30.46
N ALA A 144 -5.89 1.51 -29.46
CA ALA A 144 -5.21 1.30 -28.18
C ALA A 144 -4.93 2.67 -27.58
N SER A 145 -3.69 3.01 -27.23
CA SER A 145 -3.35 4.34 -26.77
C SER A 145 -2.51 5.10 -27.79
N CYS A 146 -2.24 4.51 -28.94
CA CYS A 146 -1.48 5.16 -30.01
C CYS A 146 -1.55 4.34 -31.29
N SER A 147 -2.07 4.93 -32.35
CA SER A 147 -2.07 4.25 -33.64
C SER A 147 -0.63 4.12 -34.16
N THR A 148 -0.39 3.05 -34.91
CA THR A 148 0.96 2.73 -35.38
C THR A 148 1.07 2.65 -36.89
N TRP A 149 0.03 2.21 -37.59
CA TRP A 149 0.04 2.19 -39.05
C TRP A 149 -0.14 3.57 -39.68
N THR A 150 0.57 4.57 -39.15
CA THR A 150 0.57 5.91 -39.70
C THR A 150 2.00 6.46 -39.58
N GLU A 151 2.39 7.27 -40.56
CA GLU A 151 3.74 7.83 -40.54
C GLU A 151 3.95 8.75 -39.33
N TYR A 152 2.87 9.36 -38.83
CA TYR A 152 2.95 10.22 -37.67
C TYR A 152 1.73 9.97 -36.79
N ALA A 153 1.96 9.89 -35.48
CA ALA A 153 0.89 9.66 -34.51
C ALA A 153 1.16 10.48 -33.25
N VAL A 154 0.07 10.92 -32.62
CA VAL A 154 0.15 11.71 -31.39
C VAL A 154 -0.36 10.85 -30.25
N ALA A 155 0.50 10.61 -29.25
CA ALA A 155 0.17 9.76 -28.13
C ALA A 155 0.42 10.50 -26.82
N ASP A 156 -0.22 10.00 -25.76
CA ASP A 156 0.06 10.52 -24.43
C ASP A 156 1.47 10.13 -24.01
N CYS A 157 2.16 11.05 -23.33
CA CYS A 157 3.55 10.81 -22.96
C CYS A 157 3.69 9.66 -21.97
N ASN A 158 2.69 9.46 -21.11
CA ASN A 158 2.72 8.37 -20.14
C ASN A 158 2.44 7.01 -20.75
N TYR A 159 2.18 6.94 -22.05
CA TYR A 159 1.92 5.67 -22.74
C TYR A 159 2.99 5.35 -23.78
N VAL A 160 4.14 6.02 -23.69
CA VAL A 160 5.32 5.69 -24.49
C VAL A 160 6.49 5.50 -23.52
N LEU A 161 7.48 4.72 -23.95
CA LEU A 161 8.62 4.39 -23.10
C LEU A 161 9.90 4.79 -23.80
N LYS A 162 10.77 5.50 -23.07
CA LYS A 162 12.10 5.85 -23.55
C LYS A 162 12.96 4.59 -23.58
N ILE A 163 13.28 4.10 -24.77
CA ILE A 163 14.03 2.86 -24.91
C ILE A 163 15.45 3.18 -25.35
N ASN A 164 16.33 2.21 -25.14
CA ASN A 164 17.73 2.32 -25.54
C ASN A 164 17.82 2.50 -27.05
N PRO A 165 18.37 3.63 -27.53
CA PRO A 165 18.38 3.88 -28.98
C PRO A 165 19.22 2.90 -29.78
N LYS A 166 20.02 2.07 -29.12
CA LYS A 166 20.86 1.10 -29.83
C LYS A 166 20.08 -0.13 -30.27
N ILE A 167 18.88 -0.36 -29.73
CA ILE A 167 18.07 -1.49 -30.15
C ILE A 167 17.63 -1.30 -31.59
N SER A 168 17.43 -2.41 -32.30
CA SER A 168 16.99 -2.36 -33.68
C SER A 168 15.49 -2.07 -33.74
N TYR A 169 15.08 -1.40 -34.81
CA TYR A 169 13.66 -1.03 -34.94
C TYR A 169 12.78 -2.24 -35.19
N PRO A 170 13.10 -3.15 -36.12
CA PRO A 170 12.26 -4.35 -36.27
C PRO A 170 12.28 -5.30 -35.09
N HIS A 171 13.03 -5.00 -34.04
CA HIS A 171 13.01 -5.77 -32.81
C HIS A 171 12.25 -5.10 -31.69
N ALA A 172 12.40 -3.77 -31.55
CA ALA A 172 11.63 -3.04 -30.54
C ALA A 172 10.13 -3.07 -30.85
N SER A 173 9.76 -3.05 -32.13
CA SER A 173 8.35 -3.20 -32.49
C SER A 173 7.84 -4.59 -32.15
N PHE A 174 8.67 -5.62 -32.36
CA PHE A 174 8.27 -6.97 -32.00
C PHE A 174 8.11 -7.14 -30.50
N LEU A 175 8.93 -6.44 -29.72
CA LEU A 175 8.86 -6.50 -28.27
C LEU A 175 7.90 -5.48 -27.67
N SER A 176 6.92 -5.01 -28.45
CA SER A 176 5.87 -4.17 -27.91
C SER A 176 4.59 -4.93 -27.60
N CYS A 177 4.46 -6.16 -28.11
CA CYS A 177 3.30 -7.01 -27.88
C CYS A 177 3.56 -8.36 -28.54
N GLY A 178 3.27 -9.43 -27.81
CA GLY A 178 3.43 -10.76 -28.37
C GLY A 178 4.57 -11.52 -27.73
N PHE A 179 5.81 -11.12 -28.03
CA PHE A 179 6.97 -11.82 -27.48
C PHE A 179 7.16 -11.50 -26.00
N THR A 180 7.01 -10.23 -25.62
CA THR A 180 7.18 -9.87 -24.21
C THR A 180 6.05 -10.44 -23.36
N THR A 181 4.84 -10.46 -23.89
CA THR A 181 3.72 -11.03 -23.15
C THR A 181 3.99 -12.48 -22.79
N GLY A 182 4.60 -13.23 -23.71
CA GLY A 182 4.97 -14.60 -23.44
C GLY A 182 6.24 -14.70 -22.62
N PHE A 183 7.19 -13.81 -22.88
CA PHE A 183 8.46 -13.84 -22.15
C PHE A 183 8.25 -13.41 -20.70
N GLY A 184 7.56 -12.30 -20.49
CA GLY A 184 7.35 -11.79 -19.15
C GLY A 184 6.46 -12.66 -18.29
N ALA A 185 5.55 -13.42 -18.90
CA ALA A 185 4.67 -14.29 -18.13
C ALA A 185 5.42 -15.39 -17.40
N THR A 186 6.66 -15.68 -17.80
CA THR A 186 7.44 -16.74 -17.18
C THR A 186 8.15 -16.30 -15.90
N TRP A 187 7.97 -15.05 -15.47
CA TRP A 187 8.52 -14.67 -14.17
C TRP A 187 7.65 -13.64 -13.48
N ARG A 188 6.89 -12.85 -14.25
CA ARG A 188 6.01 -11.86 -13.63
C ARG A 188 4.70 -12.49 -13.14
N GLU A 189 4.17 -13.46 -13.89
CA GLU A 189 2.91 -14.10 -13.54
C GLU A 189 3.09 -15.40 -12.78
N THR A 190 3.99 -16.27 -13.24
CA THR A 190 4.37 -17.48 -12.52
C THR A 190 5.88 -17.64 -12.65
N GLN A 191 6.56 -17.72 -11.51
CA GLN A 191 8.02 -17.83 -11.50
C GLN A 191 8.43 -19.24 -11.90
N VAL A 192 8.91 -19.38 -13.13
CA VAL A 192 9.41 -20.68 -13.62
C VAL A 192 10.77 -20.94 -12.98
N SER A 193 10.84 -21.91 -12.08
CA SER A 193 12.05 -22.19 -11.33
C SER A 193 12.98 -23.10 -12.12
N LYS A 194 14.19 -23.28 -11.57
CA LYS A 194 15.17 -24.14 -12.20
C LYS A 194 14.77 -25.60 -12.09
N GLY A 195 14.94 -26.34 -13.17
CA GLY A 195 14.59 -27.75 -13.20
C GLY A 195 13.10 -28.04 -13.34
N SER A 196 12.28 -27.03 -13.54
CA SER A 196 10.83 -27.22 -13.63
C SER A 196 10.43 -27.61 -15.04
N SER A 197 9.15 -27.91 -15.23
CA SER A 197 8.59 -28.33 -16.50
C SER A 197 7.50 -27.35 -16.92
N VAL A 198 7.56 -26.90 -18.18
CA VAL A 198 6.56 -25.98 -18.70
C VAL A 198 5.93 -26.59 -19.95
N ALA A 199 4.69 -26.21 -20.21
CA ALA A 199 3.96 -26.62 -21.40
C ALA A 199 3.35 -25.39 -22.06
N VAL A 200 3.56 -25.25 -23.35
CA VAL A 200 3.07 -24.10 -24.12
C VAL A 200 1.99 -24.62 -25.07
N PHE A 201 0.77 -24.11 -24.89
CA PHE A 201 -0.33 -24.44 -25.78
C PHE A 201 -0.40 -23.35 -26.85
N GLY A 202 -0.01 -23.70 -28.07
CA GLY A 202 0.04 -22.74 -29.16
C GLY A 202 1.40 -22.11 -29.33
N ILE A 203 2.16 -22.59 -30.32
CA ILE A 203 3.52 -22.10 -30.54
C ILE A 203 3.51 -21.04 -31.63
N GLY A 204 2.72 -19.99 -31.44
CA GLY A 204 2.76 -18.85 -32.34
C GLY A 204 4.02 -18.05 -32.11
N THR A 205 3.88 -16.78 -31.71
CA THR A 205 5.01 -16.01 -31.22
C THR A 205 4.89 -15.67 -29.75
N VAL A 206 3.68 -15.61 -29.21
CA VAL A 206 3.52 -15.59 -27.76
C VAL A 206 4.06 -16.88 -27.15
N GLY A 207 3.87 -18.00 -27.86
CA GLY A 207 4.47 -19.25 -27.41
C GLY A 207 5.98 -19.23 -27.52
N LEU A 208 6.51 -18.57 -28.55
CA LEU A 208 7.96 -18.44 -28.68
C LEU A 208 8.53 -17.57 -27.56
N GLY A 209 7.77 -16.59 -27.09
CA GLY A 209 8.21 -15.81 -25.95
C GLY A 209 8.24 -16.63 -24.67
N VAL A 210 7.22 -17.48 -24.46
CA VAL A 210 7.19 -18.34 -23.28
C VAL A 210 8.32 -19.35 -23.34
N ILE A 211 8.56 -19.95 -24.52
CA ILE A 211 9.59 -20.98 -24.65
C ILE A 211 10.96 -20.40 -24.34
N LYS A 212 11.32 -19.31 -25.01
CA LYS A 212 12.58 -18.65 -24.70
C LYS A 212 12.60 -18.08 -23.29
N GLY A 213 11.42 -17.77 -22.75
CA GLY A 213 11.36 -17.33 -21.36
C GLY A 213 11.66 -18.46 -20.39
N ALA A 214 11.03 -19.62 -20.59
CA ALA A 214 11.25 -20.74 -19.70
C ALA A 214 12.67 -21.29 -19.81
N GLN A 215 13.28 -21.20 -21.00
CA GLN A 215 14.64 -21.71 -21.16
C GLN A 215 15.64 -20.91 -20.35
N LEU A 216 15.53 -19.57 -20.39
CA LEU A 216 16.42 -18.72 -19.61
C LEU A 216 16.13 -18.82 -18.12
N GLN A 217 14.94 -19.26 -17.73
CA GLN A 217 14.63 -19.50 -16.34
C GLN A 217 15.12 -20.86 -15.84
N GLY A 218 15.63 -21.70 -16.74
CA GLY A 218 16.18 -22.98 -16.33
C GLY A 218 15.22 -24.14 -16.36
N ALA A 219 14.18 -24.08 -17.21
CA ALA A 219 13.21 -25.16 -17.26
C ALA A 219 13.81 -26.39 -17.94
N SER A 220 13.56 -27.56 -17.34
CA SER A 220 14.08 -28.80 -17.90
C SER A 220 13.32 -29.22 -19.15
N LYS A 221 12.00 -29.39 -19.01
CA LYS A 221 11.15 -29.79 -20.13
C LYS A 221 10.29 -28.60 -20.54
N ILE A 222 10.39 -28.22 -21.81
CA ILE A 222 9.56 -27.19 -22.40
C ILE A 222 8.76 -27.87 -23.51
N ILE A 223 7.51 -28.22 -23.21
CA ILE A 223 6.66 -28.97 -24.12
C ILE A 223 5.82 -27.98 -24.92
N GLY A 224 5.86 -28.11 -26.25
CA GLY A 224 5.06 -27.29 -27.15
C GLY A 224 3.97 -28.12 -27.77
N VAL A 225 2.79 -27.51 -27.96
CA VAL A 225 1.64 -28.17 -28.55
C VAL A 225 1.17 -27.34 -29.73
N ASP A 226 1.15 -27.94 -30.92
CA ASP A 226 0.71 -27.27 -32.13
C ASP A 226 0.52 -28.31 -33.22
N VAL A 227 -0.37 -27.98 -34.17
CA VAL A 227 -0.61 -28.84 -35.33
C VAL A 227 0.21 -28.43 -36.54
N ASN A 228 1.09 -27.45 -36.39
CA ASN A 228 1.87 -26.89 -37.49
C ASN A 228 3.34 -27.23 -37.26
N GLN A 229 3.92 -28.00 -38.18
CA GLN A 229 5.34 -28.34 -38.08
C GLN A 229 6.22 -27.10 -38.19
N TYR A 230 5.75 -26.03 -38.82
CA TYR A 230 6.51 -24.80 -38.90
C TYR A 230 6.71 -24.19 -37.52
N LYS A 231 5.66 -24.16 -36.70
CA LYS A 231 5.78 -23.65 -35.35
C LYS A 231 6.71 -24.52 -34.51
N ALA A 232 6.68 -25.84 -34.73
CA ALA A 232 7.56 -26.74 -34.00
C ALA A 232 9.02 -26.44 -34.30
N ALA A 233 9.34 -26.16 -35.57
CA ALA A 233 10.70 -25.82 -35.94
C ALA A 233 11.15 -24.52 -35.29
N LYS A 234 10.30 -23.48 -35.38
CA LYS A 234 10.60 -22.23 -34.68
C LYS A 234 10.63 -22.45 -33.17
N GLY A 235 9.89 -23.46 -32.68
CA GLY A 235 9.88 -23.72 -31.25
C GLY A 235 11.22 -24.20 -30.73
N LYS A 236 11.81 -25.19 -31.40
CA LYS A 236 13.10 -25.71 -30.96
C LYS A 236 14.20 -24.66 -31.12
N VAL A 237 14.05 -23.74 -32.08
CA VAL A 237 15.02 -22.66 -32.24
C VAL A 237 15.10 -21.82 -30.98
N PHE A 238 13.96 -21.58 -30.33
CA PHE A 238 13.91 -20.80 -29.11
C PHE A 238 14.05 -21.66 -27.85
N GLY A 239 14.25 -22.96 -27.99
CA GLY A 239 14.55 -23.82 -26.87
C GLY A 239 13.49 -24.84 -26.48
N MET A 240 12.60 -25.21 -27.39
CA MET A 240 11.61 -26.24 -27.09
C MET A 240 12.27 -27.61 -27.02
N THR A 241 11.95 -28.37 -25.98
CA THR A 241 12.56 -29.69 -25.78
C THR A 241 11.67 -30.84 -26.23
N ASP A 242 10.35 -30.67 -26.23
CA ASP A 242 9.44 -31.72 -26.68
C ASP A 242 8.29 -31.09 -27.44
N PHE A 243 7.77 -31.81 -28.42
CA PHE A 243 6.70 -31.34 -29.28
C PHE A 243 5.60 -32.38 -29.36
N ILE A 244 4.35 -31.92 -29.27
CA ILE A 244 3.17 -32.78 -29.28
C ILE A 244 2.22 -32.26 -30.35
N ASN A 245 2.12 -32.98 -31.46
CA ASN A 245 1.16 -32.63 -32.51
C ASN A 245 -0.18 -33.29 -32.16
N PRO A 246 -1.21 -32.51 -31.81
CA PRO A 246 -2.48 -33.12 -31.39
C PRO A 246 -3.13 -33.97 -32.48
N LYS A 247 -2.82 -33.71 -33.75
CA LYS A 247 -3.40 -34.50 -34.82
C LYS A 247 -2.69 -35.83 -35.04
N ASP A 248 -1.55 -36.05 -34.39
CA ASP A 248 -0.88 -37.34 -34.47
C ASP A 248 -1.65 -38.40 -33.71
N HIS A 249 -2.39 -38.01 -32.68
CA HIS A 249 -3.13 -38.95 -31.83
C HIS A 249 -4.58 -38.48 -31.74
N PRO A 250 -5.49 -39.07 -32.50
CA PRO A 250 -6.90 -38.67 -32.43
C PRO A 250 -7.60 -39.21 -31.19
N ASP A 251 -7.21 -40.40 -30.75
CA ASP A 251 -7.85 -41.05 -29.61
C ASP A 251 -7.24 -40.65 -28.28
N LYS A 252 -6.47 -39.57 -28.24
CA LYS A 252 -5.91 -39.05 -27.00
C LYS A 252 -6.09 -37.54 -26.97
N SER A 253 -6.21 -37.01 -25.76
CA SER A 253 -6.36 -35.57 -25.57
C SER A 253 -4.99 -34.92 -25.38
N VAL A 254 -4.99 -33.59 -25.41
CA VAL A 254 -3.74 -32.87 -25.23
C VAL A 254 -3.20 -33.06 -23.82
N SER A 255 -4.08 -33.11 -22.82
CA SER A 255 -3.62 -33.30 -21.44
C SER A 255 -3.04 -34.69 -21.24
N GLU A 256 -3.66 -35.71 -21.84
CA GLU A 256 -3.14 -37.07 -21.71
C GLU A 256 -1.75 -37.19 -22.34
N LEU A 257 -1.56 -36.56 -23.51
CA LEU A 257 -0.26 -36.61 -24.17
C LEU A 257 0.79 -35.86 -23.36
N VAL A 258 0.42 -34.75 -22.75
CA VAL A 258 1.34 -34.02 -21.89
C VAL A 258 1.66 -34.83 -20.64
N LYS A 259 0.68 -35.56 -20.12
CA LYS A 259 0.92 -36.38 -18.94
C LYS A 259 1.88 -37.53 -19.24
N GLU A 260 1.87 -38.04 -20.47
CA GLU A 260 2.77 -39.14 -20.82
C GLU A 260 4.23 -38.71 -20.78
N LEU A 261 4.51 -37.43 -21.03
CA LEU A 261 5.87 -36.91 -20.99
C LEU A 261 6.21 -36.29 -19.65
N THR A 262 5.37 -36.49 -18.62
CA THR A 262 5.58 -35.90 -17.31
C THR A 262 5.46 -36.93 -16.19
N HIS A 263 5.75 -38.19 -16.51
CA HIS A 263 5.59 -39.30 -15.55
C HIS A 263 4.18 -39.37 -14.99
N GLY A 264 3.19 -38.94 -15.79
CA GLY A 264 1.81 -39.00 -15.40
C GLY A 264 1.35 -37.89 -14.48
N LEU A 265 2.23 -36.96 -14.10
CA LEU A 265 1.85 -35.89 -13.17
C LEU A 265 1.34 -34.65 -13.91
N GLY A 266 2.08 -34.20 -14.90
CA GLY A 266 1.82 -32.94 -15.58
C GLY A 266 2.99 -32.00 -15.47
N VAL A 267 2.80 -30.81 -16.03
CA VAL A 267 3.83 -29.79 -16.04
C VAL A 267 3.64 -28.86 -14.85
N ASP A 268 4.71 -28.18 -14.46
CA ASP A 268 4.62 -27.21 -13.37
C ASP A 268 3.88 -25.96 -13.83
N HIS A 269 4.28 -25.41 -14.96
CA HIS A 269 3.71 -24.17 -15.49
C HIS A 269 3.13 -24.44 -16.87
N CYS A 270 1.84 -24.15 -17.03
CA CYS A 270 1.15 -24.30 -18.31
C CYS A 270 0.74 -22.93 -18.81
N PHE A 271 1.02 -22.65 -20.09
CA PHE A 271 0.75 -21.35 -20.68
C PHE A 271 -0.22 -21.52 -21.84
N GLU A 272 -1.44 -21.03 -21.67
CA GLU A 272 -2.48 -21.10 -22.70
C GLU A 272 -2.35 -19.88 -23.58
N CYS A 273 -1.78 -20.06 -24.78
CA CYS A 273 -1.52 -18.95 -25.68
C CYS A 273 -2.47 -18.89 -26.86
N THR A 274 -3.36 -19.86 -27.03
CA THR A 274 -4.27 -19.85 -28.17
C THR A 274 -5.49 -18.98 -27.91
N GLY A 275 -6.39 -19.45 -27.05
CA GLY A 275 -7.63 -18.77 -26.77
C GLY A 275 -8.87 -19.56 -27.11
N VAL A 276 -8.74 -20.69 -27.79
CA VAL A 276 -9.93 -21.52 -28.05
C VAL A 276 -10.43 -22.09 -26.74
N PRO A 277 -11.75 -22.19 -26.52
CA PRO A 277 -12.25 -22.62 -25.21
C PRO A 277 -11.89 -24.05 -24.87
N SER A 278 -11.69 -24.91 -25.87
CA SER A 278 -11.34 -26.30 -25.58
C SER A 278 -10.00 -26.40 -24.86
N LEU A 279 -9.05 -25.52 -25.20
CA LEU A 279 -7.70 -25.66 -24.68
C LEU A 279 -7.52 -25.03 -23.30
N LEU A 280 -8.45 -24.18 -22.85
CA LEU A 280 -8.36 -23.68 -21.49
C LEU A 280 -8.57 -24.80 -20.48
N ASN A 281 -9.59 -25.64 -20.71
CA ASN A 281 -9.80 -26.78 -19.82
C ASN A 281 -8.69 -27.81 -19.97
N GLU A 282 -8.06 -27.88 -21.15
CA GLU A 282 -6.93 -28.77 -21.32
C GLU A 282 -5.67 -28.23 -20.66
N ALA A 283 -5.49 -26.91 -20.66
CA ALA A 283 -4.34 -26.33 -19.95
C ALA A 283 -4.42 -26.62 -18.46
N LEU A 284 -5.60 -26.48 -17.87
CA LEU A 284 -5.77 -26.83 -16.46
C LEU A 284 -5.53 -28.32 -16.24
N GLU A 285 -5.98 -29.15 -17.18
CA GLU A 285 -5.85 -30.59 -17.01
C GLU A 285 -4.42 -31.09 -17.23
N ALA A 286 -3.61 -30.34 -17.97
CA ALA A 286 -2.22 -30.72 -18.22
C ALA A 286 -1.28 -30.26 -17.12
N SER A 287 -1.71 -29.35 -16.25
CA SER A 287 -0.88 -28.89 -15.15
C SER A 287 -0.85 -29.94 -14.04
N LYS A 288 -0.07 -29.67 -13.01
CA LYS A 288 0.13 -30.61 -11.92
C LYS A 288 -0.95 -30.45 -10.86
N ILE A 289 -1.24 -31.56 -10.17
CA ILE A 289 -2.23 -31.57 -9.11
C ILE A 289 -1.66 -30.84 -7.90
N GLY A 290 -2.35 -29.79 -7.46
CA GLY A 290 -1.97 -29.14 -6.22
C GLY A 290 -0.81 -28.17 -6.30
N ILE A 291 0.07 -28.35 -7.28
CA ILE A 291 1.23 -27.48 -7.44
C ILE A 291 1.35 -26.90 -8.84
N GLY A 292 0.45 -27.26 -9.76
CA GLY A 292 0.52 -26.71 -11.10
C GLY A 292 -0.15 -25.35 -11.20
N THR A 293 0.37 -24.51 -12.09
CA THR A 293 -0.18 -23.20 -12.35
C THR A 293 -0.46 -23.04 -13.84
N VAL A 294 -1.53 -22.32 -14.16
CA VAL A 294 -1.95 -22.11 -15.53
C VAL A 294 -2.11 -20.61 -15.77
N VAL A 295 -1.64 -20.13 -16.91
CA VAL A 295 -1.73 -18.72 -17.27
C VAL A 295 -2.46 -18.59 -18.60
N PRO A 296 -3.71 -18.10 -18.60
CA PRO A 296 -4.43 -17.92 -19.87
C PRO A 296 -4.03 -16.63 -20.58
N ILE A 297 -3.08 -16.73 -21.51
CA ILE A 297 -2.58 -15.55 -22.20
C ILE A 297 -3.50 -15.15 -23.34
N GLY A 298 -3.75 -16.08 -24.27
CA GLY A 298 -4.56 -15.76 -25.43
C GLY A 298 -6.04 -15.68 -25.11
N ALA A 299 -6.76 -14.90 -25.90
CA ALA A 299 -8.19 -14.69 -25.74
C ALA A 299 -8.96 -15.33 -26.88
N GLY A 300 -10.23 -15.63 -26.62
CA GLY A 300 -11.07 -16.26 -27.62
C GLY A 300 -12.12 -15.33 -28.18
N GLY A 301 -12.26 -14.14 -27.59
CA GLY A 301 -13.26 -13.19 -28.04
C GLY A 301 -14.69 -13.66 -27.86
N GLU A 302 -14.93 -14.62 -26.98
CA GLU A 302 -16.25 -15.17 -26.73
C GLU A 302 -16.86 -14.52 -25.49
N ALA A 303 -18.02 -15.02 -25.08
CA ALA A 303 -18.69 -14.47 -23.91
C ALA A 303 -18.00 -14.92 -22.63
N SER A 304 -18.02 -16.21 -22.36
CA SER A 304 -17.47 -16.78 -21.12
C SER A 304 -16.45 -17.85 -21.46
N VAL A 305 -15.82 -18.39 -20.42
CA VAL A 305 -14.88 -19.49 -20.52
C VAL A 305 -15.39 -20.61 -19.61
N ALA A 306 -15.48 -21.82 -20.14
CA ALA A 306 -15.99 -22.96 -19.40
C ALA A 306 -14.87 -23.68 -18.67
N ILE A 307 -15.09 -23.96 -17.38
CA ILE A 307 -14.14 -24.68 -16.55
C ILE A 307 -14.87 -25.85 -15.89
N ASN A 308 -14.24 -27.02 -15.91
CA ASN A 308 -14.84 -28.18 -15.27
C ASN A 308 -14.96 -27.98 -13.76
N SER A 309 -16.11 -28.37 -13.20
CA SER A 309 -16.32 -28.22 -11.77
C SER A 309 -15.34 -29.04 -10.96
N LEU A 310 -14.93 -30.21 -11.47
CA LEU A 310 -13.98 -31.06 -10.76
C LEU A 310 -12.61 -30.41 -10.64
N ILE A 311 -12.27 -29.49 -11.55
CA ILE A 311 -10.97 -28.83 -11.48
C ILE A 311 -10.88 -27.92 -10.27
N LEU A 312 -12.02 -27.41 -9.79
CA LEU A 312 -12.04 -26.52 -8.63
C LEU A 312 -11.51 -27.20 -7.37
N PHE A 313 -11.41 -28.53 -7.37
CA PHE A 313 -10.86 -29.26 -6.24
C PHE A 313 -9.40 -29.66 -6.42
N SER A 314 -8.83 -29.43 -7.60
CA SER A 314 -7.50 -29.93 -7.91
C SER A 314 -6.38 -29.10 -7.30
N GLY A 315 -6.69 -28.06 -6.52
CA GLY A 315 -5.66 -27.25 -5.91
C GLY A 315 -4.77 -26.48 -6.87
N ARG A 316 -5.14 -26.41 -8.14
CA ARG A 316 -4.32 -25.71 -9.13
C ARG A 316 -4.50 -24.20 -9.00
N THR A 317 -3.57 -23.47 -9.62
CA THR A 317 -3.56 -22.01 -9.59
C THR A 317 -3.83 -21.50 -11.00
N LEU A 318 -4.85 -20.66 -11.14
CA LEU A 318 -5.17 -20.01 -12.40
C LEU A 318 -4.84 -18.53 -12.23
N LYS A 319 -3.81 -18.06 -12.90
CA LYS A 319 -3.32 -16.69 -12.76
C LYS A 319 -3.66 -15.91 -14.03
N PHE A 320 -4.60 -15.00 -13.93
CA PHE A 320 -4.94 -14.14 -15.05
C PHE A 320 -3.86 -13.09 -15.27
N THR A 321 -3.78 -12.58 -16.49
CA THR A 321 -2.66 -11.74 -16.88
C THR A 321 -3.10 -10.74 -17.94
N ALA A 322 -2.33 -9.67 -18.06
CA ALA A 322 -2.49 -8.68 -19.12
C ALA A 322 -1.11 -8.18 -19.49
N PHE A 323 -0.77 -8.27 -20.78
CA PHE A 323 0.58 -7.96 -21.27
C PHE A 323 1.63 -8.79 -20.55
N GLY A 324 1.27 -10.02 -20.17
CA GLY A 324 2.21 -10.93 -19.54
C GLY A 324 2.75 -10.48 -18.22
N GLY A 325 2.04 -9.59 -17.51
CA GLY A 325 2.53 -9.08 -16.25
C GLY A 325 3.72 -8.15 -16.35
N VAL A 326 4.14 -7.81 -17.57
CA VAL A 326 5.29 -6.93 -17.76
C VAL A 326 4.88 -5.51 -17.39
N ARG A 327 5.63 -4.90 -16.47
CA ARG A 327 5.40 -3.51 -16.10
C ARG A 327 6.06 -2.61 -17.15
N THR A 328 5.30 -1.63 -17.64
CA THR A 328 5.71 -0.89 -18.83
C THR A 328 6.99 -0.09 -18.60
N GLN A 329 7.25 0.34 -17.37
CA GLN A 329 8.41 1.17 -17.08
C GLN A 329 9.49 0.46 -16.28
N SER A 330 9.17 -0.63 -15.58
CA SER A 330 10.14 -1.29 -14.71
C SER A 330 10.70 -2.58 -15.29
N ASP A 331 9.92 -3.33 -16.06
CA ASP A 331 10.34 -4.63 -16.56
C ASP A 331 10.66 -4.64 -18.05
N LEU A 332 9.94 -3.86 -18.85
CA LEU A 332 10.18 -3.87 -20.30
C LEU A 332 11.57 -3.38 -20.68
N PRO A 333 12.15 -2.33 -20.06
CA PRO A 333 13.54 -1.98 -20.41
C PRO A 333 14.53 -3.09 -20.14
N VAL A 334 14.25 -3.96 -19.16
CA VAL A 334 15.14 -5.09 -18.89
C VAL A 334 15.07 -6.09 -20.02
N ILE A 335 13.87 -6.35 -20.55
CA ILE A 335 13.72 -7.28 -21.66
C ILE A 335 14.41 -6.73 -22.91
N ILE A 336 14.42 -5.41 -23.09
CA ILE A 336 15.16 -4.83 -24.20
C ILE A 336 16.66 -5.02 -24.00
N ASP A 337 17.12 -5.00 -22.75
CA ASP A 337 18.54 -5.23 -22.49
C ASP A 337 18.95 -6.65 -22.83
N LYS A 338 18.13 -7.63 -22.43
CA LYS A 338 18.46 -9.02 -22.74
C LYS A 338 18.43 -9.30 -24.24
N CYS A 339 17.70 -8.50 -25.01
CA CYS A 339 17.76 -8.59 -26.46
C CYS A 339 18.89 -7.75 -27.05
N LEU A 340 19.25 -6.65 -26.36
CA LEU A 340 20.40 -5.87 -26.80
C LEU A 340 21.71 -6.60 -26.50
N ASN A 341 21.78 -7.27 -25.36
CA ASN A 341 22.95 -8.06 -24.98
C ASN A 341 22.97 -9.43 -25.64
N LYS A 342 22.08 -9.68 -26.61
CA LYS A 342 22.01 -10.92 -27.37
C LYS A 342 21.72 -12.14 -26.50
N GLU A 343 21.19 -11.94 -25.29
CA GLU A 343 20.71 -13.07 -24.51
C GLU A 343 19.47 -13.70 -25.14
N ILE A 344 18.63 -12.90 -25.77
CA ILE A 344 17.48 -13.37 -26.55
C ILE A 344 17.76 -13.07 -28.01
N GLN A 345 17.41 -14.01 -28.87
CA GLN A 345 17.62 -13.88 -30.31
C GLN A 345 16.25 -13.78 -30.99
N LEU A 346 15.89 -12.57 -31.41
CA LEU A 346 14.62 -12.32 -32.06
C LEU A 346 14.72 -12.32 -33.59
N ASP A 347 15.85 -12.77 -34.14
CA ASP A 347 16.01 -12.75 -35.59
C ASP A 347 15.05 -13.70 -36.28
N GLU A 348 14.78 -14.85 -35.65
CA GLU A 348 13.90 -15.84 -36.26
C GLU A 348 12.42 -15.45 -36.20
N LEU A 349 12.07 -14.36 -35.51
CA LEU A 349 10.68 -13.93 -35.46
C LEU A 349 10.23 -13.31 -36.77
N LEU A 350 11.13 -12.63 -37.48
CA LEU A 350 10.78 -11.97 -38.73
C LEU A 350 10.60 -12.98 -39.85
N THR A 351 9.55 -12.79 -40.65
CA THR A 351 9.22 -13.75 -41.69
C THR A 351 8.84 -13.08 -43.00
N HIS A 352 8.01 -12.04 -42.93
CA HIS A 352 7.59 -11.31 -44.11
C HIS A 352 7.78 -9.82 -43.89
N GLU A 353 7.79 -9.08 -45.00
CA GLU A 353 8.05 -7.65 -44.97
C GLU A 353 7.19 -6.96 -46.03
N ILE A 354 6.49 -5.91 -45.63
CA ILE A 354 5.66 -5.13 -46.53
C ILE A 354 5.86 -3.65 -46.23
N HIS A 355 5.43 -2.82 -47.17
CA HIS A 355 5.38 -1.39 -46.96
C HIS A 355 3.96 -0.96 -46.61
N LEU A 356 3.85 0.24 -46.05
CA LEU A 356 2.53 0.74 -45.63
C LEU A 356 1.58 0.82 -46.82
N ASP A 357 2.09 1.19 -48.00
CA ASP A 357 1.26 1.24 -49.19
C ASP A 357 0.65 -0.11 -49.54
N ASN A 358 1.28 -1.20 -49.08
CA ASN A 358 0.79 -2.54 -49.35
C ASN A 358 0.22 -3.16 -48.09
N ILE A 359 -0.62 -2.41 -47.36
CA ILE A 359 -1.09 -2.86 -46.06
C ILE A 359 -2.20 -3.90 -46.19
N GLN A 360 -2.99 -3.85 -47.27
CA GLN A 360 -4.08 -4.80 -47.42
C GLN A 360 -3.58 -6.23 -47.54
N GLU A 361 -2.37 -6.41 -48.08
CA GLU A 361 -1.80 -7.75 -48.20
C GLU A 361 -1.43 -8.33 -46.84
N ALA A 362 -1.16 -7.48 -45.84
CA ALA A 362 -0.74 -7.98 -44.53
C ALA A 362 -1.80 -8.86 -43.89
N PHE A 363 -3.08 -8.65 -44.21
CA PHE A 363 -4.12 -9.49 -43.64
C PHE A 363 -4.12 -10.88 -44.26
N GLU A 364 -3.72 -10.99 -45.52
CA GLU A 364 -3.61 -12.30 -46.16
C GLU A 364 -2.30 -12.99 -45.83
N ILE A 365 -1.26 -12.24 -45.49
CA ILE A 365 0.02 -12.84 -45.14
C ILE A 365 -0.05 -13.49 -43.76
N LEU A 366 -0.84 -12.92 -42.85
CA LEU A 366 -0.94 -13.44 -41.50
C LEU A 366 -1.52 -14.85 -41.45
N LYS A 367 -2.25 -15.27 -42.48
CA LYS A 367 -2.83 -16.60 -42.51
C LYS A 367 -1.88 -17.67 -43.06
N LYS A 368 -0.72 -17.26 -43.56
CA LYS A 368 0.25 -18.23 -44.05
C LYS A 368 0.79 -19.07 -42.89
N PRO A 369 0.93 -20.39 -43.07
CA PRO A 369 1.43 -21.22 -41.98
C PRO A 369 2.90 -20.98 -41.65
N ASP A 370 3.72 -20.62 -42.64
CA ASP A 370 5.12 -20.30 -42.39
C ASP A 370 5.30 -18.89 -41.83
N CYS A 371 4.22 -18.17 -41.57
CA CYS A 371 4.31 -16.80 -41.06
C CYS A 371 4.51 -16.79 -39.56
N VAL A 372 5.33 -15.84 -39.10
CA VAL A 372 5.58 -15.64 -37.68
C VAL A 372 5.18 -14.21 -37.34
N LYS A 373 6.07 -13.25 -37.61
CA LYS A 373 5.79 -11.85 -37.38
C LYS A 373 6.04 -11.07 -38.67
N ILE A 374 5.14 -10.15 -39.00
CA ILE A 374 5.24 -9.35 -40.21
C ILE A 374 5.76 -7.97 -39.82
N LEU A 375 6.68 -7.45 -40.65
CA LEU A 375 7.27 -6.13 -40.43
C LEU A 375 6.74 -5.15 -41.46
N ILE A 376 6.22 -4.02 -40.99
CA ILE A 376 5.68 -2.97 -41.84
C ILE A 376 6.65 -1.81 -41.81
N LYS A 377 7.12 -1.41 -42.99
CA LYS A 377 8.09 -0.33 -43.13
C LYS A 377 7.45 0.88 -43.81
N PHE A 378 8.05 2.05 -43.57
CA PHE A 378 7.56 3.31 -44.09
C PHE A 378 8.60 3.95 -44.98
N LEU A 379 8.14 4.86 -45.83
CA LEU A 379 9.02 5.64 -46.69
C LEU A 379 9.58 6.83 -45.91
N GLU A 380 10.42 7.62 -46.57
CA GLU A 380 11.06 8.76 -45.93
C GLU A 380 10.18 10.01 -45.99
N PRO B 6 -30.07 31.84 -17.13
CA PRO B 6 -29.47 32.88 -17.97
C PRO B 6 -29.78 34.30 -17.49
N GLY B 7 -29.07 35.27 -18.02
CA GLY B 7 -29.27 36.66 -17.66
C GLY B 7 -28.15 37.20 -16.80
N VAL B 8 -28.02 38.53 -16.78
CA VAL B 8 -27.01 39.23 -16.00
C VAL B 8 -27.71 39.89 -14.82
N ILE B 9 -27.15 39.67 -13.62
CA ILE B 9 -27.70 40.21 -12.38
C ILE B 9 -26.94 41.46 -11.99
N THR B 10 -27.66 42.48 -11.54
CA THR B 10 -27.07 43.72 -11.05
C THR B 10 -27.29 43.81 -9.55
N CYS B 11 -26.20 43.94 -8.79
CA CYS B 11 -26.27 43.91 -7.34
C CYS B 11 -25.20 44.81 -6.76
N LYS B 12 -25.13 44.86 -5.44
CA LYS B 12 -24.13 45.61 -4.70
C LYS B 12 -22.98 44.70 -4.30
N ALA B 13 -21.80 45.29 -4.12
CA ALA B 13 -20.60 44.52 -3.80
C ALA B 13 -19.62 45.40 -3.05
N ALA B 14 -18.86 44.78 -2.16
CA ALA B 14 -17.83 45.47 -1.38
C ALA B 14 -16.52 45.40 -2.14
N VAL B 15 -16.09 46.53 -2.71
CA VAL B 15 -14.92 46.60 -3.56
C VAL B 15 -13.80 47.32 -2.81
N VAL B 16 -12.58 46.82 -2.98
CA VAL B 16 -11.37 47.52 -2.57
C VAL B 16 -10.60 47.88 -3.83
N TRP B 17 -10.25 49.16 -3.97
CA TRP B 17 -9.70 49.67 -5.22
C TRP B 17 -8.18 49.73 -5.27
N GLU B 18 -7.51 49.75 -4.12
CA GLU B 18 -6.06 49.83 -4.09
C GLU B 18 -5.57 49.25 -2.78
N SER B 19 -4.26 49.01 -2.72
CA SER B 19 -3.65 48.40 -1.54
C SER B 19 -3.79 49.32 -0.33
N SER B 20 -4.27 48.75 0.78
CA SER B 20 -4.53 49.48 2.03
C SER B 20 -5.50 50.64 1.83
N GLY B 21 -6.35 50.58 0.82
CA GLY B 21 -7.29 51.63 0.55
C GLY B 21 -8.65 51.36 1.16
N PRO B 22 -9.62 52.22 0.89
CA PRO B 22 -10.96 52.03 1.45
C PRO B 22 -11.74 50.97 0.69
N VAL B 23 -12.57 50.25 1.44
CA VAL B 23 -13.46 49.23 0.89
C VAL B 23 -14.82 49.89 0.73
N VAL B 24 -15.18 50.22 -0.51
CA VAL B 24 -16.43 50.91 -0.80
C VAL B 24 -17.38 49.95 -1.51
N LEU B 25 -18.65 50.37 -1.59
CA LEU B 25 -19.69 49.56 -2.20
C LEU B 25 -20.03 50.12 -3.58
N GLU B 26 -19.94 49.27 -4.59
CA GLU B 26 -20.25 49.63 -5.97
C GLU B 26 -21.44 48.81 -6.45
N GLU B 27 -22.00 49.25 -7.57
CA GLU B 27 -23.08 48.52 -8.25
C GLU B 27 -22.45 47.76 -9.41
N ILE B 28 -22.39 46.45 -9.29
CA ILE B 28 -21.69 45.61 -10.26
C ILE B 28 -22.69 44.74 -11.01
N ARG B 29 -22.21 44.12 -12.08
CA ARG B 29 -22.98 43.16 -12.87
C ARG B 29 -22.29 41.80 -12.81
N VAL B 30 -23.08 40.75 -12.63
CA VAL B 30 -22.57 39.39 -12.50
C VAL B 30 -23.01 38.58 -13.71
N ASP B 31 -22.05 38.05 -14.45
CA ASP B 31 -22.34 37.29 -15.65
C ASP B 31 -22.94 35.92 -15.29
N PRO B 32 -23.67 35.32 -16.23
CA PRO B 32 -24.23 33.99 -15.95
C PRO B 32 -23.13 32.95 -15.90
N PRO B 33 -23.34 31.85 -15.17
CA PRO B 33 -22.30 30.82 -15.07
C PRO B 33 -22.16 30.05 -16.37
N LYS B 34 -20.91 29.70 -16.69
CA LYS B 34 -20.63 28.88 -17.86
C LYS B 34 -20.62 27.41 -17.47
N ALA B 35 -19.87 26.59 -18.21
CA ALA B 35 -19.82 25.16 -17.92
C ALA B 35 -19.11 24.91 -16.58
N SER B 36 -19.70 24.03 -15.78
CA SER B 36 -19.16 23.65 -14.47
C SER B 36 -19.03 24.86 -13.55
N GLU B 37 -20.05 25.72 -13.56
CA GLU B 37 -20.08 26.91 -12.72
C GLU B 37 -21.49 27.11 -12.18
N VAL B 38 -21.57 27.71 -11.00
CA VAL B 38 -22.85 28.03 -10.37
C VAL B 38 -22.82 29.47 -9.91
N ARG B 39 -24.00 30.09 -9.85
CA ARG B 39 -24.16 31.44 -9.31
C ARG B 39 -24.89 31.35 -7.98
N ILE B 40 -24.34 32.03 -6.97
CA ILE B 40 -24.79 31.88 -5.59
C ILE B 40 -25.40 33.21 -5.15
N LYS B 41 -26.65 33.15 -4.69
CA LYS B 41 -27.28 34.29 -4.02
C LYS B 41 -26.86 34.26 -2.56
N MET B 42 -25.97 35.17 -2.18
CA MET B 42 -25.36 35.12 -0.85
C MET B 42 -26.39 35.44 0.23
N LEU B 43 -26.44 34.58 1.26
CA LEU B 43 -27.32 34.80 2.40
C LEU B 43 -26.63 35.65 3.48
N CYS B 44 -25.47 35.19 3.94
CA CYS B 44 -24.68 35.95 4.91
C CYS B 44 -23.21 35.58 4.75
N ALA B 45 -22.35 36.47 5.22
CA ALA B 45 -20.91 36.30 5.06
C ALA B 45 -20.21 36.66 6.36
N SER B 46 -18.90 36.41 6.40
CA SER B 46 -18.09 36.72 7.56
C SER B 46 -16.68 37.02 7.09
N LEU B 47 -15.86 37.58 7.99
CA LEU B 47 -14.51 37.97 7.66
C LEU B 47 -13.54 37.47 8.72
N CYS B 48 -12.25 37.48 8.35
CA CYS B 48 -11.17 37.13 9.26
C CYS B 48 -9.91 37.82 8.75
N HIS B 49 -8.77 37.47 9.34
CA HIS B 49 -7.51 38.12 8.99
C HIS B 49 -7.08 37.85 7.55
N THR B 50 -7.55 36.77 6.95
CA THR B 50 -7.26 36.52 5.53
C THR B 50 -7.90 37.58 4.64
N ASP B 51 -8.95 38.24 5.11
CA ASP B 51 -9.59 39.30 4.35
C ASP B 51 -8.92 40.66 4.53
N VAL B 52 -8.36 40.92 5.72
CA VAL B 52 -7.59 42.16 5.90
C VAL B 52 -6.27 42.07 5.15
N LEU B 53 -5.73 40.86 4.99
CA LEU B 53 -4.50 40.71 4.22
C LEU B 53 -4.76 40.86 2.72
N CYS B 54 -5.95 40.49 2.27
CA CYS B 54 -6.29 40.64 0.86
C CYS B 54 -6.31 42.11 0.46
N THR B 55 -6.86 42.97 1.31
CA THR B 55 -6.92 44.40 1.01
C THR B 55 -5.55 45.06 1.05
N LYS B 56 -4.53 44.38 1.56
CA LYS B 56 -3.18 44.92 1.62
C LYS B 56 -2.31 44.44 0.46
N GLY B 57 -2.73 43.42 -0.28
CA GLY B 57 -1.98 42.88 -1.40
C GLY B 57 -1.65 41.41 -1.26
N PHE B 58 -1.48 40.93 -0.04
CA PHE B 58 -1.11 39.53 0.18
C PHE B 58 -2.33 38.64 0.02
N PRO B 59 -2.23 37.51 -0.70
CA PRO B 59 -1.03 36.98 -1.36
C PRO B 59 -0.53 37.80 -2.56
N ILE B 60 -1.25 37.78 -3.67
CA ILE B 60 -0.86 38.46 -4.89
C ILE B 60 -1.76 39.69 -5.05
N PRO B 61 -1.19 40.90 -5.10
CA PRO B 61 -2.03 42.12 -5.16
C PRO B 61 -2.74 42.29 -6.49
N LEU B 62 -4.06 42.06 -6.49
CA LEU B 62 -4.89 42.22 -7.68
C LEU B 62 -6.04 43.15 -7.34
N PHE B 63 -6.11 44.30 -8.00
CA PHE B 63 -7.13 45.30 -7.77
C PHE B 63 -7.70 45.78 -9.10
N PRO B 64 -8.99 46.14 -9.14
CA PRO B 64 -9.94 46.13 -8.02
C PRO B 64 -10.39 44.71 -7.66
N ARG B 65 -10.87 44.51 -6.44
CA ARG B 65 -11.13 43.17 -5.94
C ARG B 65 -12.33 43.20 -5.01
N ILE B 66 -13.07 42.10 -5.00
CA ILE B 66 -14.13 41.88 -4.01
C ILE B 66 -13.59 40.94 -2.93
N PRO B 67 -13.17 41.47 -1.79
CA PRO B 67 -12.64 40.59 -0.74
C PRO B 67 -13.72 39.72 -0.12
N GLY B 68 -13.37 38.97 0.93
CA GLY B 68 -14.32 38.09 1.57
C GLY B 68 -14.25 36.67 1.05
N HIS B 69 -14.24 35.71 1.98
CA HIS B 69 -14.22 34.30 1.63
C HIS B 69 -15.14 33.45 2.50
N GLU B 70 -15.61 33.96 3.64
CA GLU B 70 -16.46 33.21 4.55
C GLU B 70 -17.92 33.55 4.27
N GLY B 71 -18.77 32.54 4.19
CA GLY B 71 -20.18 32.78 3.98
C GLY B 71 -20.91 31.52 3.56
N VAL B 72 -22.20 31.70 3.31
CA VAL B 72 -23.09 30.64 2.87
C VAL B 72 -24.14 31.28 1.97
N GLY B 73 -24.65 30.52 1.01
CA GLY B 73 -25.59 31.08 0.07
C GLY B 73 -26.47 30.03 -0.57
N VAL B 74 -27.59 30.52 -1.12
CA VAL B 74 -28.49 29.69 -1.92
C VAL B 74 -28.08 29.82 -3.38
N ILE B 75 -28.23 28.72 -4.12
CA ILE B 75 -27.77 28.66 -5.50
C ILE B 75 -28.91 29.09 -6.42
N GLU B 76 -28.61 30.03 -7.31
CA GLU B 76 -29.60 30.62 -8.20
C GLU B 76 -29.66 29.96 -9.56
N SER B 77 -28.51 29.61 -10.14
CA SER B 77 -28.48 28.96 -11.45
C SER B 77 -27.27 28.05 -11.53
N ILE B 78 -27.36 27.07 -12.43
CA ILE B 78 -26.27 26.15 -12.71
C ILE B 78 -26.00 26.18 -14.20
N GLY B 79 -24.81 25.68 -14.58
CA GLY B 79 -24.40 25.59 -15.95
C GLY B 79 -24.36 24.16 -16.44
N LYS B 80 -23.66 23.98 -17.57
CA LYS B 80 -23.49 22.64 -18.13
C LYS B 80 -22.58 21.81 -17.24
N ASP B 81 -23.07 20.65 -16.82
CA ASP B 81 -22.35 19.72 -15.95
C ASP B 81 -21.98 20.41 -14.62
N ALA B 82 -23.03 20.61 -13.81
CA ALA B 82 -22.88 21.17 -12.48
C ALA B 82 -22.65 20.09 -11.42
N LYS B 83 -22.46 18.84 -11.84
CA LYS B 83 -22.17 17.71 -10.94
C LYS B 83 -23.29 17.52 -9.90
N GLY B 84 -24.53 17.58 -10.37
CA GLY B 84 -25.66 17.21 -9.53
C GLY B 84 -26.09 18.27 -8.56
N LEU B 85 -25.95 19.54 -8.91
CA LEU B 85 -26.42 20.64 -8.08
C LEU B 85 -27.56 21.36 -8.78
N LYS B 86 -28.64 21.62 -8.03
CA LYS B 86 -29.87 22.20 -8.56
C LYS B 86 -30.17 23.52 -7.86
N PRO B 87 -30.78 24.47 -8.56
CA PRO B 87 -31.11 25.76 -7.93
C PRO B 87 -32.02 25.56 -6.73
N GLY B 88 -31.69 26.27 -5.65
CA GLY B 88 -32.39 26.14 -4.38
C GLY B 88 -31.56 25.54 -3.28
N ASP B 89 -30.55 24.75 -3.61
CA ASP B 89 -29.68 24.17 -2.60
C ASP B 89 -28.92 25.27 -1.85
N ILE B 90 -28.67 25.03 -0.57
CA ILE B 90 -27.85 25.90 0.24
C ILE B 90 -26.40 25.44 0.10
N VAL B 91 -25.51 26.38 -0.22
CA VAL B 91 -24.15 26.04 -0.61
C VAL B 91 -23.16 26.86 0.21
N MET B 92 -21.92 26.36 0.28
CA MET B 92 -20.83 27.00 0.99
C MET B 92 -19.60 27.03 0.09
N PRO B 93 -18.89 28.15 0.03
CA PRO B 93 -17.62 28.18 -0.72
C PRO B 93 -16.57 27.35 0.01
N LEU B 94 -15.61 26.87 -0.77
CA LEU B 94 -14.57 26.00 -0.23
C LEU B 94 -13.19 26.54 -0.56
N TYR B 95 -12.29 26.44 0.41
CA TYR B 95 -10.90 26.85 0.19
C TYR B 95 -10.23 25.96 -0.87
N LEU B 96 -10.59 24.68 -0.90
CA LEU B 96 -10.04 23.75 -1.88
C LEU B 96 -11.03 22.62 -2.06
N GLY B 97 -10.77 21.76 -3.06
CA GLY B 97 -11.70 20.70 -3.41
C GLY B 97 -11.22 19.33 -2.96
N GLU B 98 -12.05 18.34 -3.26
CA GLU B 98 -11.73 16.93 -2.99
C GLU B 98 -12.31 16.10 -4.13
N CYS B 99 -11.46 15.75 -5.10
CA CYS B 99 -11.90 14.99 -6.27
C CYS B 99 -12.28 13.57 -5.86
N GLY B 100 -11.29 12.76 -5.51
CA GLY B 100 -11.55 11.41 -5.06
C GLY B 100 -10.63 10.37 -5.65
N GLN B 101 -10.10 10.64 -6.85
CA GLN B 101 -9.28 9.66 -7.55
C GLN B 101 -7.83 10.09 -7.75
N CYS B 102 -7.47 11.31 -7.38
CA CYS B 102 -6.07 11.69 -7.45
C CYS B 102 -5.26 10.94 -6.39
N LEU B 103 -3.95 10.88 -6.58
CA LEU B 103 -3.10 10.05 -5.74
C LEU B 103 -3.12 10.46 -4.28
N ASN B 104 -3.45 11.72 -3.99
CA ASN B 104 -3.38 12.19 -2.61
C ASN B 104 -4.58 11.77 -1.79
N CYS B 105 -5.78 12.25 -2.15
CA CYS B 105 -6.97 11.90 -1.39
C CYS B 105 -7.38 10.44 -1.57
N LYS B 106 -6.72 9.71 -2.46
CA LYS B 106 -6.91 8.25 -2.53
C LYS B 106 -6.31 7.55 -1.33
N THR B 107 -5.39 8.21 -0.61
CA THR B 107 -4.83 7.67 0.62
C THR B 107 -5.63 8.07 1.85
N GLY B 108 -6.35 9.20 1.78
CA GLY B 108 -7.14 9.66 2.90
C GLY B 108 -6.37 10.30 4.03
N LYS B 109 -5.05 10.45 3.89
CA LYS B 109 -4.21 11.06 4.91
C LYS B 109 -3.94 12.54 4.63
N THR B 110 -4.72 13.16 3.75
CA THR B 110 -4.53 14.58 3.45
C THR B 110 -5.80 15.12 2.81
N ASN B 111 -5.96 16.44 2.92
CA ASN B 111 -7.07 17.15 2.29
C ASN B 111 -6.61 17.98 1.10
N LEU B 112 -5.33 17.96 0.77
CA LEU B 112 -4.79 18.73 -0.35
C LEU B 112 -4.94 17.90 -1.62
N CYS B 113 -6.07 18.05 -2.29
CA CYS B 113 -6.33 17.31 -3.51
C CYS B 113 -5.47 17.83 -4.65
N HIS B 114 -4.97 16.91 -5.47
CA HIS B 114 -4.12 17.30 -6.60
C HIS B 114 -4.93 17.99 -7.69
N VAL B 115 -6.21 17.64 -7.83
CA VAL B 115 -6.99 18.13 -8.96
C VAL B 115 -7.57 19.51 -8.69
N TYR B 116 -7.95 19.78 -7.43
CA TYR B 116 -8.58 21.05 -7.06
C TYR B 116 -7.75 21.73 -5.96
N PRO B 117 -6.60 22.30 -6.31
CA PRO B 117 -5.79 22.99 -5.31
C PRO B 117 -6.34 24.38 -5.05
N PRO B 118 -5.87 25.05 -3.99
CA PRO B 118 -6.34 26.42 -3.73
C PRO B 118 -5.96 27.35 -4.87
N SER B 119 -6.96 28.07 -5.38
CA SER B 119 -6.75 29.02 -6.47
C SER B 119 -6.26 30.35 -5.92
N PHE B 120 -5.30 30.96 -6.64
CA PHE B 120 -4.72 32.23 -6.22
C PHE B 120 -4.69 33.24 -7.37
N SER B 121 -5.49 33.03 -8.41
CA SER B 121 -5.49 33.92 -9.57
C SER B 121 -6.50 35.04 -9.46
N GLY B 122 -7.52 34.90 -8.61
CA GLY B 122 -8.58 35.88 -8.53
C GLY B 122 -9.57 35.84 -9.69
N LEU B 123 -9.40 34.94 -10.64
CA LEU B 123 -10.26 34.81 -11.80
C LEU B 123 -10.83 33.40 -11.86
N MET B 124 -11.75 33.20 -12.81
CA MET B 124 -12.40 31.91 -12.97
C MET B 124 -11.43 30.91 -13.62
N ASN B 125 -11.95 29.75 -13.99
CA ASN B 125 -11.09 28.68 -14.50
C ASN B 125 -10.56 29.01 -15.90
N ASP B 126 -11.30 29.78 -16.68
CA ASP B 126 -10.87 30.12 -18.04
C ASP B 126 -10.13 31.45 -18.12
N GLY B 127 -9.89 32.12 -16.99
CA GLY B 127 -9.15 33.36 -16.98
C GLY B 127 -10.00 34.61 -16.99
N THR B 128 -11.30 34.49 -17.26
CA THR B 128 -12.20 35.62 -17.25
C THR B 128 -12.83 35.79 -15.86
N SER B 129 -13.43 36.95 -15.64
CA SER B 129 -14.17 37.24 -14.42
C SER B 129 -15.65 37.40 -14.75
N ARG B 130 -16.50 36.72 -13.99
CA ARG B 130 -17.95 36.80 -14.18
C ARG B 130 -18.53 38.10 -13.65
N MET B 131 -17.73 38.94 -13.01
CA MET B 131 -18.21 40.20 -12.44
C MET B 131 -17.74 41.37 -13.30
N SER B 132 -18.63 42.34 -13.48
CA SER B 132 -18.32 43.57 -14.22
C SER B 132 -19.01 44.73 -13.51
N ILE B 133 -18.24 45.78 -13.20
CA ILE B 133 -18.84 46.94 -12.54
C ILE B 133 -19.70 47.69 -13.55
N ALA B 134 -20.92 48.05 -13.12
CA ALA B 134 -21.96 48.46 -14.07
C ALA B 134 -21.58 49.74 -14.80
N ARG B 135 -21.24 50.79 -14.06
CA ARG B 135 -20.98 52.09 -14.70
C ARG B 135 -19.67 52.07 -15.49
N THR B 136 -18.67 51.33 -15.03
CA THR B 136 -17.34 51.35 -15.64
C THR B 136 -17.13 50.25 -16.66
N GLY B 137 -17.61 49.04 -16.36
CA GLY B 137 -17.32 47.88 -17.18
C GLY B 137 -16.00 47.21 -16.87
N GLU B 138 -15.26 47.71 -15.89
CA GLU B 138 -13.97 47.13 -15.54
C GLU B 138 -14.15 45.76 -14.92
N SER B 139 -13.20 44.86 -15.18
CA SER B 139 -13.26 43.51 -14.65
C SER B 139 -12.81 43.51 -13.18
N ILE B 140 -13.46 42.66 -12.39
CA ILE B 140 -13.17 42.57 -10.95
C ILE B 140 -12.58 41.20 -10.64
N TYR B 141 -11.48 41.19 -9.89
CA TYR B 141 -10.97 39.96 -9.32
C TYR B 141 -11.77 39.59 -8.09
N HIS B 142 -12.04 38.31 -7.93
CA HIS B 142 -12.65 37.82 -6.71
C HIS B 142 -11.55 37.29 -5.78
N PHE B 143 -11.95 36.82 -4.61
CA PHE B 143 -11.02 36.34 -3.60
C PHE B 143 -11.16 34.85 -3.42
N ALA B 144 -10.02 34.18 -3.21
CA ALA B 144 -9.95 32.73 -3.01
C ALA B 144 -10.56 32.07 -4.25
N SER B 145 -11.55 31.20 -4.10
CA SER B 145 -12.26 30.64 -5.24
C SER B 145 -13.67 31.20 -5.40
N CYS B 146 -14.09 32.07 -4.48
CA CYS B 146 -15.43 32.66 -4.53
C CYS B 146 -15.54 33.82 -3.55
N SER B 147 -15.82 35.02 -4.06
CA SER B 147 -16.04 36.16 -3.18
C SER B 147 -17.35 36.00 -2.42
N THR B 148 -17.36 36.45 -1.16
CA THR B 148 -18.56 36.36 -0.34
C THR B 148 -19.15 37.71 0.02
N TRP B 149 -18.43 38.81 -0.19
CA TRP B 149 -18.94 40.14 0.09
C TRP B 149 -19.73 40.71 -1.09
N THR B 150 -20.36 39.86 -1.89
CA THR B 150 -21.23 40.26 -2.97
C THR B 150 -22.61 39.63 -2.76
N GLU B 151 -23.64 40.31 -3.26
CA GLU B 151 -24.98 39.74 -3.22
C GLU B 151 -25.12 38.55 -4.16
N TYR B 152 -24.28 38.46 -5.19
CA TYR B 152 -24.27 37.33 -6.10
C TYR B 152 -22.84 37.06 -6.54
N ALA B 153 -22.44 35.79 -6.50
CA ALA B 153 -21.09 35.40 -6.88
C ALA B 153 -21.15 34.14 -7.72
N VAL B 154 -20.14 33.97 -8.58
CA VAL B 154 -20.01 32.81 -9.44
C VAL B 154 -18.74 32.06 -9.06
N ALA B 155 -18.85 30.74 -8.88
CA ALA B 155 -17.72 29.92 -8.50
C ALA B 155 -17.80 28.58 -9.23
N ASP B 156 -16.70 27.84 -9.17
CA ASP B 156 -16.68 26.49 -9.70
C ASP B 156 -17.52 25.56 -8.84
N CYS B 157 -18.08 24.53 -9.47
CA CYS B 157 -18.92 23.58 -8.73
C CYS B 157 -18.09 22.70 -7.80
N ASN B 158 -16.83 22.45 -8.15
CA ASN B 158 -15.97 21.62 -7.31
C ASN B 158 -15.45 22.37 -6.09
N TYR B 159 -15.53 23.70 -6.09
CA TYR B 159 -15.08 24.52 -4.97
C TYR B 159 -16.25 25.00 -4.10
N VAL B 160 -17.39 24.33 -4.17
CA VAL B 160 -18.53 24.63 -3.31
C VAL B 160 -19.08 23.30 -2.79
N LEU B 161 -19.74 23.37 -1.64
CA LEU B 161 -20.23 22.17 -0.96
C LEU B 161 -21.73 22.30 -0.70
N LYS B 162 -22.47 21.25 -1.04
CA LYS B 162 -23.90 21.19 -0.76
C LYS B 162 -24.10 20.73 0.68
N ILE B 163 -24.53 21.63 1.55
CA ILE B 163 -24.77 21.33 2.95
C ILE B 163 -26.26 21.15 3.18
N ASN B 164 -26.59 20.54 4.32
CA ASN B 164 -27.99 20.33 4.69
C ASN B 164 -28.63 21.68 5.03
N PRO B 165 -29.77 22.03 4.43
CA PRO B 165 -30.46 23.28 4.79
C PRO B 165 -30.89 23.37 6.24
N LYS B 166 -30.65 22.34 7.06
CA LYS B 166 -31.10 22.38 8.45
C LYS B 166 -30.25 23.33 9.30
N ILE B 167 -28.99 23.55 8.92
CA ILE B 167 -28.06 24.32 9.72
C ILE B 167 -28.37 25.81 9.59
N SER B 168 -28.08 26.56 10.65
CA SER B 168 -28.24 28.00 10.61
C SER B 168 -27.30 28.62 9.58
N TYR B 169 -27.78 29.68 8.91
CA TYR B 169 -26.93 30.34 7.92
C TYR B 169 -25.73 31.03 8.55
N PRO B 170 -25.86 31.79 9.64
CA PRO B 170 -24.65 32.33 10.29
C PRO B 170 -23.68 31.25 10.75
N HIS B 171 -24.19 30.09 11.20
CA HIS B 171 -23.30 29.03 11.63
C HIS B 171 -22.53 28.43 10.46
N ALA B 172 -23.19 28.26 9.32
CA ALA B 172 -22.51 27.75 8.14
C ALA B 172 -21.42 28.70 7.67
N SER B 173 -21.63 30.01 7.82
CA SER B 173 -20.60 30.97 7.46
C SER B 173 -19.38 30.82 8.34
N PHE B 174 -19.59 30.59 9.64
CA PHE B 174 -18.48 30.44 10.57
C PHE B 174 -17.69 29.16 10.30
N LEU B 175 -18.35 28.13 9.77
CA LEU B 175 -17.70 26.85 9.50
C LEU B 175 -16.99 26.81 8.16
N SER B 176 -16.91 27.94 7.44
CA SER B 176 -16.20 28.01 6.18
C SER B 176 -14.71 28.26 6.35
N CYS B 177 -14.26 28.63 7.54
CA CYS B 177 -12.85 28.96 7.75
C CYS B 177 -12.46 28.84 9.22
N GLY B 178 -12.42 29.98 9.92
CA GLY B 178 -11.85 30.05 11.26
C GLY B 178 -12.61 29.33 12.35
N PHE B 179 -12.69 28.00 12.26
CA PHE B 179 -13.22 27.14 13.31
C PHE B 179 -13.06 25.68 12.91
N THR B 180 -13.41 25.36 11.66
CA THR B 180 -13.16 24.03 11.13
C THR B 180 -11.67 23.73 11.08
N THR B 181 -10.84 24.76 10.87
CA THR B 181 -9.39 24.55 10.85
C THR B 181 -8.91 24.04 12.21
N GLY B 182 -9.33 24.68 13.29
CA GLY B 182 -8.93 24.24 14.61
C GLY B 182 -9.66 22.99 15.08
N PHE B 183 -10.91 22.81 14.65
CA PHE B 183 -11.66 21.64 15.07
C PHE B 183 -11.17 20.38 14.35
N GLY B 184 -10.95 20.47 13.04
CA GLY B 184 -10.50 19.30 12.30
C GLY B 184 -9.06 18.93 12.59
N ALA B 185 -8.24 19.90 13.00
CA ALA B 185 -6.85 19.61 13.31
C ALA B 185 -6.70 18.68 14.50
N THR B 186 -7.75 18.51 15.30
CA THR B 186 -7.69 17.66 16.48
C THR B 186 -7.89 16.18 16.16
N TRP B 187 -8.04 15.81 14.89
CA TRP B 187 -8.07 14.38 14.54
C TRP B 187 -7.58 14.15 13.12
N ARG B 188 -7.63 15.17 12.27
CA ARG B 188 -7.18 14.99 10.89
C ARG B 188 -5.67 15.17 10.76
N GLU B 189 -5.09 16.11 11.51
CA GLU B 189 -3.65 16.35 11.43
C GLU B 189 -2.86 15.66 12.53
N THR B 190 -3.42 15.53 13.73
CA THR B 190 -2.82 14.65 14.72
C THR B 190 -3.93 14.11 15.61
N GLN B 191 -3.77 12.85 16.03
CA GLN B 191 -4.82 12.10 16.71
C GLN B 191 -4.81 12.45 18.20
N VAL B 192 -5.75 13.30 18.61
CA VAL B 192 -5.92 13.63 20.03
C VAL B 192 -6.74 12.52 20.68
N SER B 193 -6.14 11.81 21.63
CA SER B 193 -6.79 10.69 22.29
C SER B 193 -7.35 11.11 23.64
N LYS B 194 -8.09 10.18 24.27
CA LYS B 194 -8.66 10.44 25.57
C LYS B 194 -7.58 10.42 26.64
N GLY B 195 -7.71 11.33 27.61
CA GLY B 195 -6.71 11.48 28.65
C GLY B 195 -5.49 12.27 28.26
N SER B 196 -5.42 12.78 27.03
CA SER B 196 -4.25 13.51 26.57
C SER B 196 -4.32 14.97 27.02
N SER B 197 -3.21 15.68 26.81
CA SER B 197 -3.10 17.08 27.18
C SER B 197 -2.80 17.92 25.95
N VAL B 198 -3.54 19.01 25.77
CA VAL B 198 -3.38 19.89 24.63
C VAL B 198 -3.14 21.32 25.10
N ALA B 199 -2.46 22.10 24.26
CA ALA B 199 -2.19 23.51 24.52
C ALA B 199 -2.59 24.32 23.30
N VAL B 200 -3.35 25.38 23.51
CA VAL B 200 -3.85 26.23 22.43
C VAL B 200 -3.19 27.59 22.56
N PHE B 201 -2.28 27.90 21.66
CA PHE B 201 -1.59 29.18 21.63
C PHE B 201 -2.45 30.17 20.86
N GLY B 202 -3.06 31.11 21.58
CA GLY B 202 -3.98 32.06 20.98
C GLY B 202 -5.41 31.57 20.97
N ILE B 203 -6.22 32.07 21.90
CA ILE B 203 -7.60 31.60 22.06
C ILE B 203 -8.53 32.46 21.21
N GLY B 204 -8.27 32.50 19.91
CA GLY B 204 -9.21 33.10 18.98
C GLY B 204 -10.25 32.09 18.56
N THR B 205 -11.00 32.47 17.51
CA THR B 205 -11.98 31.53 16.97
C THR B 205 -11.30 30.30 16.37
N VAL B 206 -10.09 30.47 15.83
CA VAL B 206 -9.31 29.31 15.43
C VAL B 206 -8.87 28.51 16.64
N GLY B 207 -8.67 29.17 17.78
CA GLY B 207 -8.34 28.47 19.00
C GLY B 207 -9.54 27.78 19.60
N LEU B 208 -10.69 28.45 19.59
CA LEU B 208 -11.91 27.87 20.13
C LEU B 208 -12.28 26.59 19.39
N GLY B 209 -11.92 26.48 18.12
CA GLY B 209 -12.11 25.23 17.41
C GLY B 209 -11.20 24.13 17.93
N VAL B 210 -9.97 24.47 18.29
CA VAL B 210 -9.06 23.49 18.86
C VAL B 210 -9.55 23.02 20.23
N ILE B 211 -10.00 23.96 21.06
CA ILE B 211 -10.46 23.63 22.40
C ILE B 211 -11.68 22.72 22.34
N LYS B 212 -12.71 23.14 21.58
CA LYS B 212 -13.91 22.30 21.46
C LYS B 212 -13.60 21.00 20.73
N GLY B 213 -12.58 21.00 19.87
CA GLY B 213 -12.20 19.75 19.22
C GLY B 213 -11.55 18.79 20.19
N ALA B 214 -10.61 19.28 21.00
CA ALA B 214 -9.92 18.42 21.97
C ALA B 214 -10.87 17.92 23.06
N GLN B 215 -11.88 18.70 23.40
CA GLN B 215 -12.84 18.26 24.42
C GLN B 215 -13.63 17.05 23.94
N LEU B 216 -14.11 17.08 22.69
CA LEU B 216 -14.82 15.93 22.15
C LEU B 216 -13.92 14.72 22.06
N GLN B 217 -12.63 14.92 21.77
CA GLN B 217 -11.70 13.79 21.72
C GLN B 217 -11.41 13.22 23.11
N GLY B 218 -11.67 13.98 24.17
CA GLY B 218 -11.44 13.52 25.52
C GLY B 218 -10.14 13.96 26.14
N ALA B 219 -9.65 15.16 25.82
CA ALA B 219 -8.40 15.63 26.38
C ALA B 219 -8.57 15.93 27.86
N SER B 220 -7.72 15.33 28.69
CA SER B 220 -7.80 15.55 30.13
C SER B 220 -7.53 17.02 30.46
N LYS B 221 -6.47 17.58 29.90
CA LYS B 221 -6.09 18.97 30.16
C LYS B 221 -6.07 19.73 28.85
N ILE B 222 -6.66 20.92 28.84
CA ILE B 222 -6.73 21.78 27.66
C ILE B 222 -6.28 23.16 28.12
N ILE B 223 -5.03 23.51 27.84
CA ILE B 223 -4.44 24.76 28.28
C ILE B 223 -4.54 25.79 27.17
N GLY B 224 -4.88 27.01 27.54
CA GLY B 224 -4.96 28.11 26.58
C GLY B 224 -4.12 29.28 27.03
N VAL B 225 -3.43 29.89 26.08
CA VAL B 225 -2.56 31.03 26.34
C VAL B 225 -3.09 32.23 25.55
N ASP B 226 -3.30 33.35 26.24
CA ASP B 226 -3.84 34.53 25.58
C ASP B 226 -3.59 35.77 26.44
N VAL B 227 -3.48 36.91 25.76
CA VAL B 227 -3.34 38.19 26.44
C VAL B 227 -4.70 38.69 26.95
N ASN B 228 -5.78 38.34 26.25
CA ASN B 228 -7.10 38.89 26.50
C ASN B 228 -7.91 37.95 27.38
N GLN B 229 -8.47 38.48 28.46
CA GLN B 229 -9.36 37.69 29.31
C GLN B 229 -10.76 37.54 28.72
N TYR B 230 -11.12 38.36 27.73
CA TYR B 230 -12.34 38.10 26.98
C TYR B 230 -12.25 36.78 26.24
N LYS B 231 -11.15 36.55 25.53
CA LYS B 231 -10.95 35.30 24.81
C LYS B 231 -10.77 34.13 25.78
N ALA B 232 -10.26 34.40 26.99
CA ALA B 232 -10.19 33.36 28.00
C ALA B 232 -11.57 32.92 28.45
N ALA B 233 -12.50 33.87 28.56
CA ALA B 233 -13.86 33.53 28.95
C ALA B 233 -14.55 32.66 27.91
N LYS B 234 -14.39 33.01 26.63
CA LYS B 234 -14.93 32.17 25.56
C LYS B 234 -14.26 30.79 25.55
N GLY B 235 -13.00 30.72 25.96
CA GLY B 235 -12.31 29.45 26.01
C GLY B 235 -12.94 28.47 26.98
N LYS B 236 -13.34 28.96 28.15
CA LYS B 236 -14.00 28.10 29.14
C LYS B 236 -15.34 27.60 28.61
N VAL B 237 -16.04 28.40 27.80
CA VAL B 237 -17.32 27.99 27.27
C VAL B 237 -17.17 26.78 26.34
N PHE B 238 -16.03 26.65 25.69
CA PHE B 238 -15.77 25.53 24.79
C PHE B 238 -14.99 24.41 25.46
N GLY B 239 -14.74 24.50 26.75
CA GLY B 239 -14.16 23.42 27.51
C GLY B 239 -12.70 23.57 27.93
N MET B 240 -12.17 24.79 27.96
CA MET B 240 -10.79 24.99 28.38
C MET B 240 -10.65 24.68 29.87
N THR B 241 -9.65 23.86 30.21
CA THR B 241 -9.46 23.45 31.60
C THR B 241 -8.50 24.35 32.37
N ASP B 242 -7.54 24.97 31.68
CA ASP B 242 -6.57 25.84 32.32
C ASP B 242 -6.22 26.99 31.39
N PHE B 243 -6.01 28.18 31.97
CA PHE B 243 -5.72 29.38 31.20
C PHE B 243 -4.43 30.01 31.70
N ILE B 244 -3.56 30.40 30.77
CA ILE B 244 -2.27 31.01 31.08
C ILE B 244 -2.21 32.38 30.42
N ASN B 245 -2.13 33.43 31.25
CA ASN B 245 -1.93 34.78 30.74
C ASN B 245 -0.44 35.08 30.80
N PRO B 246 0.26 35.12 29.67
CA PRO B 246 1.72 35.32 29.71
C PRO B 246 2.13 36.68 30.27
N LYS B 247 1.21 37.65 30.31
CA LYS B 247 1.53 38.95 30.90
C LYS B 247 1.52 38.92 32.41
N ASP B 248 0.94 37.90 33.03
CA ASP B 248 1.02 37.74 34.47
C ASP B 248 2.39 37.28 34.93
N HIS B 249 3.19 36.71 34.02
CA HIS B 249 4.50 36.15 34.35
C HIS B 249 5.51 36.64 33.32
N PRO B 250 6.13 37.79 33.56
CA PRO B 250 7.15 38.28 32.62
C PRO B 250 8.49 37.59 32.82
N ASP B 251 8.76 37.13 34.04
CA ASP B 251 10.02 36.47 34.36
C ASP B 251 10.05 35.00 33.94
N LYS B 252 9.00 34.50 33.28
CA LYS B 252 8.96 33.13 32.80
C LYS B 252 8.36 33.12 31.40
N SER B 253 8.73 32.10 30.63
CA SER B 253 8.29 31.98 29.25
C SER B 253 6.93 31.29 29.19
N VAL B 254 6.35 31.27 27.98
CA VAL B 254 5.08 30.58 27.79
C VAL B 254 5.25 29.08 27.94
N SER B 255 6.30 28.52 27.34
CA SER B 255 6.53 27.09 27.43
C SER B 255 6.91 26.67 28.85
N GLU B 256 7.56 27.56 29.61
CA GLU B 256 7.85 27.26 31.01
C GLU B 256 6.56 27.15 31.82
N LEU B 257 5.61 28.06 31.57
CA LEU B 257 4.35 28.01 32.30
C LEU B 257 3.52 26.79 31.89
N VAL B 258 3.60 26.38 30.63
CA VAL B 258 2.87 25.20 30.19
C VAL B 258 3.41 23.95 30.84
N LYS B 259 4.75 23.83 30.93
CA LYS B 259 5.34 22.64 31.56
C LYS B 259 5.02 22.59 33.04
N GLU B 260 4.82 23.75 33.68
CA GLU B 260 4.48 23.77 35.10
C GLU B 260 3.16 23.06 35.36
N LEU B 261 2.20 23.21 34.45
CA LEU B 261 0.90 22.58 34.62
C LEU B 261 0.88 21.12 34.17
N THR B 262 1.94 20.64 33.52
CA THR B 262 2.00 19.30 32.98
C THR B 262 3.13 18.50 33.61
N HIS B 263 3.38 18.73 34.90
CA HIS B 263 4.38 17.99 35.66
C HIS B 263 5.78 18.11 35.05
N GLY B 264 6.05 19.24 34.39
CA GLY B 264 7.34 19.48 33.79
C GLY B 264 7.59 18.78 32.47
N LEU B 265 6.66 17.94 32.02
CA LEU B 265 6.86 17.19 30.77
C LEU B 265 6.45 18.01 29.56
N GLY B 266 5.18 18.39 29.49
CA GLY B 266 4.67 19.18 28.39
C GLY B 266 3.32 18.64 27.93
N VAL B 267 2.85 19.15 26.80
CA VAL B 267 1.57 18.75 26.24
C VAL B 267 1.80 17.62 25.25
N ASP B 268 0.76 16.80 25.06
CA ASP B 268 0.81 15.76 24.03
C ASP B 268 0.67 16.38 22.64
N HIS B 269 -0.31 17.26 22.46
CA HIS B 269 -0.56 17.92 21.19
C HIS B 269 -0.58 19.41 21.41
N CYS B 270 0.16 20.14 20.57
CA CYS B 270 0.27 21.59 20.66
C CYS B 270 -0.25 22.22 19.37
N PHE B 271 -1.07 23.26 19.51
CA PHE B 271 -1.68 23.94 18.39
C PHE B 271 -1.34 25.42 18.48
N GLU B 272 -0.55 25.91 17.52
CA GLU B 272 -0.15 27.31 17.47
C GLU B 272 -1.10 28.04 16.53
N CYS B 273 -2.12 28.68 17.11
CA CYS B 273 -3.17 29.31 16.31
C CYS B 273 -2.85 30.74 15.89
N THR B 274 -1.86 31.38 16.52
CA THR B 274 -1.46 32.71 16.12
C THR B 274 -0.43 32.62 15.00
N GLY B 275 0.23 33.73 14.70
CA GLY B 275 1.24 33.74 13.65
C GLY B 275 2.57 34.30 14.10
N VAL B 276 2.62 34.77 15.34
CA VAL B 276 3.82 35.40 15.89
C VAL B 276 4.97 34.40 15.83
N PRO B 277 6.07 34.72 15.14
CA PRO B 277 7.16 33.73 14.98
C PRO B 277 7.82 33.33 16.28
N SER B 278 7.62 34.08 17.36
CA SER B 278 8.18 33.70 18.65
C SER B 278 7.44 32.53 19.28
N LEU B 279 6.12 32.43 19.04
CA LEU B 279 5.30 31.44 19.72
C LEU B 279 5.40 30.05 19.11
N LEU B 280 5.81 29.94 17.84
CA LEU B 280 6.00 28.62 17.26
C LEU B 280 7.15 27.88 17.95
N ASN B 281 8.25 28.59 18.22
CA ASN B 281 9.35 27.99 18.96
C ASN B 281 8.94 27.68 20.40
N GLU B 282 8.01 28.47 20.96
CA GLU B 282 7.49 28.19 22.30
C GLU B 282 6.48 27.05 22.28
N ALA B 283 5.71 26.92 21.19
CA ALA B 283 4.77 25.80 21.08
C ALA B 283 5.50 24.48 21.02
N LEU B 284 6.65 24.44 20.35
CA LEU B 284 7.42 23.20 20.29
C LEU B 284 8.10 22.93 21.63
N GLU B 285 8.60 23.97 22.30
CA GLU B 285 9.21 23.78 23.61
C GLU B 285 8.18 23.36 24.65
N ALA B 286 6.92 23.73 24.46
CA ALA B 286 5.85 23.34 25.38
C ALA B 286 5.37 21.92 25.17
N SER B 287 5.67 21.32 24.02
CA SER B 287 5.25 19.96 23.74
C SER B 287 6.17 18.96 24.42
N LYS B 288 5.66 17.76 24.65
CA LYS B 288 6.44 16.71 25.30
C LYS B 288 7.60 16.28 24.40
N ILE B 289 8.72 15.95 25.03
CA ILE B 289 9.90 15.50 24.31
C ILE B 289 9.69 14.06 23.85
N GLY B 290 9.90 13.81 22.56
CA GLY B 290 9.82 12.48 21.99
C GLY B 290 8.43 12.05 21.54
N ILE B 291 7.40 12.43 22.29
CA ILE B 291 6.03 12.07 21.96
C ILE B 291 5.13 13.27 21.75
N GLY B 292 5.67 14.49 21.78
CA GLY B 292 4.87 15.67 21.53
C GLY B 292 4.68 15.94 20.06
N THR B 293 3.57 16.58 19.73
CA THR B 293 3.25 16.96 18.36
C THR B 293 2.78 18.40 18.34
N VAL B 294 3.27 19.16 17.37
CA VAL B 294 2.94 20.57 17.21
C VAL B 294 2.36 20.79 15.81
N VAL B 295 1.29 21.57 15.74
CA VAL B 295 0.61 21.84 14.48
C VAL B 295 0.54 23.35 14.27
N PRO B 296 1.36 23.93 13.39
CA PRO B 296 1.27 25.37 13.14
C PRO B 296 0.07 25.75 12.29
N ILE B 297 -1.02 26.17 12.95
CA ILE B 297 -2.26 26.45 12.24
C ILE B 297 -2.23 27.85 11.63
N GLY B 298 -2.03 28.86 12.47
CA GLY B 298 -2.10 30.24 12.01
C GLY B 298 -0.85 30.66 11.24
N ALA B 299 -1.04 31.63 10.36
CA ALA B 299 0.03 32.14 9.51
C ALA B 299 0.57 33.45 10.08
N GLY B 300 1.86 33.70 9.83
CA GLY B 300 2.51 34.88 10.35
C GLY B 300 2.77 35.95 9.31
N GLY B 301 2.64 35.59 8.03
CA GLY B 301 2.94 36.53 6.96
C GLY B 301 4.39 36.96 6.96
N GLU B 302 5.30 35.98 6.99
CA GLU B 302 6.73 36.25 7.03
C GLU B 302 7.41 35.51 5.89
N ALA B 303 8.68 35.85 5.65
CA ALA B 303 9.45 35.16 4.63
C ALA B 303 9.77 33.73 5.06
N SER B 304 10.29 33.57 6.27
CA SER B 304 10.60 32.25 6.81
C SER B 304 10.29 32.24 8.29
N VAL B 305 10.36 31.06 8.89
CA VAL B 305 10.20 30.89 10.32
C VAL B 305 11.46 30.24 10.87
N ALA B 306 11.86 30.64 12.07
CA ALA B 306 13.10 30.19 12.68
C ALA B 306 12.79 29.20 13.79
N ILE B 307 13.24 27.96 13.62
CA ILE B 307 13.08 26.92 14.63
C ILE B 307 14.42 26.73 15.33
N ASN B 308 14.36 26.50 16.64
CA ASN B 308 15.59 26.30 17.40
C ASN B 308 16.32 25.06 16.91
N SER B 309 17.63 25.21 16.68
CA SER B 309 18.41 24.12 16.12
C SER B 309 18.45 22.91 17.04
N LEU B 310 18.41 23.13 18.36
CA LEU B 310 18.49 22.03 19.30
C LEU B 310 17.19 21.23 19.35
N ILE B 311 16.09 21.78 18.85
CA ILE B 311 14.82 21.05 18.85
C ILE B 311 14.85 19.87 17.90
N LEU B 312 15.73 19.91 16.89
CA LEU B 312 15.83 18.81 15.93
C LEU B 312 16.10 17.47 16.58
N PHE B 313 16.66 17.46 17.79
CA PHE B 313 16.99 16.23 18.51
C PHE B 313 15.92 15.81 19.51
N SER B 314 14.78 16.51 19.54
CA SER B 314 13.78 16.30 20.59
C SER B 314 12.67 15.35 20.16
N GLY B 315 12.79 14.70 19.00
CA GLY B 315 11.84 13.68 18.59
C GLY B 315 10.41 14.15 18.42
N ARG B 316 10.19 15.46 18.37
CA ARG B 316 8.86 16.01 18.23
C ARG B 316 8.39 15.94 16.78
N THR B 317 7.08 15.84 16.60
CA THR B 317 6.47 15.78 15.27
C THR B 317 5.86 17.14 14.94
N LEU B 318 6.30 17.74 13.84
CA LEU B 318 5.77 19.00 13.35
C LEU B 318 4.87 18.70 12.16
N LYS B 319 3.56 18.82 12.35
CA LYS B 319 2.58 18.51 11.32
C LYS B 319 2.06 19.81 10.71
N PHE B 320 2.41 20.06 9.45
CA PHE B 320 1.92 21.24 8.76
C PHE B 320 0.50 21.02 8.27
N THR B 321 -0.26 22.11 8.20
CA THR B 321 -1.69 22.03 7.95
C THR B 321 -2.11 23.12 6.97
N ALA B 322 -3.31 22.96 6.42
CA ALA B 322 -3.88 23.95 5.51
C ALA B 322 -5.28 24.35 5.95
N PHE B 323 -6.26 23.47 5.74
CA PHE B 323 -7.62 23.66 6.22
C PHE B 323 -7.91 22.79 7.42
N GLY B 324 -6.93 22.66 8.32
CA GLY B 324 -7.07 21.76 9.44
C GLY B 324 -7.06 20.29 9.06
N GLY B 325 -6.57 19.96 7.88
CA GLY B 325 -6.66 18.60 7.38
C GLY B 325 -8.05 18.14 7.06
N VAL B 326 -9.01 19.06 6.98
CA VAL B 326 -10.41 18.70 6.77
C VAL B 326 -10.66 18.52 5.27
N ARG B 327 -11.12 17.34 4.89
CA ARG B 327 -11.54 17.12 3.52
C ARG B 327 -12.88 17.82 3.28
N THR B 328 -12.93 18.65 2.23
CA THR B 328 -14.03 19.58 2.07
C THR B 328 -15.34 18.90 1.76
N GLN B 329 -15.30 17.71 1.15
CA GLN B 329 -16.51 16.96 0.84
C GLN B 329 -16.71 15.72 1.70
N SER B 330 -15.69 15.32 2.47
CA SER B 330 -15.76 14.13 3.31
C SER B 330 -15.88 14.47 4.79
N ASP B 331 -14.89 15.17 5.34
CA ASP B 331 -14.90 15.48 6.77
C ASP B 331 -15.80 16.65 7.11
N LEU B 332 -15.95 17.61 6.18
CA LEU B 332 -16.81 18.76 6.45
C LEU B 332 -18.27 18.39 6.68
N PRO B 333 -18.89 17.51 5.88
CA PRO B 333 -20.26 17.09 6.22
C PRO B 333 -20.38 16.46 7.60
N VAL B 334 -19.34 15.76 8.07
CA VAL B 334 -19.37 15.20 9.42
C VAL B 334 -19.37 16.32 10.45
N ILE B 335 -18.80 17.48 10.12
CA ILE B 335 -18.69 18.56 11.11
C ILE B 335 -19.98 19.38 11.16
N ILE B 336 -20.56 19.69 10.00
CA ILE B 336 -21.80 20.46 9.99
C ILE B 336 -22.92 19.68 10.66
N ASP B 337 -22.91 18.36 10.52
CA ASP B 337 -23.93 17.54 11.19
C ASP B 337 -23.71 17.49 12.69
N LYS B 338 -22.46 17.66 13.15
CA LYS B 338 -22.21 17.73 14.59
C LYS B 338 -22.80 19.00 15.20
N CYS B 339 -22.98 20.04 14.39
CA CYS B 339 -23.58 21.28 14.86
C CYS B 339 -25.09 21.18 14.98
N LEU B 340 -25.72 20.25 14.27
CA LEU B 340 -27.16 20.08 14.33
C LEU B 340 -27.59 19.04 15.34
N ASN B 341 -26.73 18.05 15.61
CA ASN B 341 -26.95 17.15 16.74
C ASN B 341 -26.63 17.82 18.08
N LYS B 342 -26.35 19.13 18.06
CA LYS B 342 -26.06 19.93 19.25
C LYS B 342 -24.81 19.43 19.99
N GLU B 343 -23.95 18.67 19.31
CA GLU B 343 -22.69 18.26 19.91
C GLU B 343 -21.82 19.47 20.21
N ILE B 344 -21.74 20.41 19.27
CA ILE B 344 -21.04 21.67 19.45
C ILE B 344 -21.99 22.79 19.06
N GLN B 345 -22.03 23.85 19.88
CA GLN B 345 -22.89 24.99 19.61
C GLN B 345 -22.03 26.23 19.43
N LEU B 346 -22.18 26.89 18.28
CA LEU B 346 -21.40 28.07 17.94
C LEU B 346 -22.16 29.36 18.19
N ASP B 347 -23.15 29.34 19.09
CA ASP B 347 -23.89 30.56 19.40
C ASP B 347 -23.00 31.59 20.09
N GLU B 348 -21.96 31.15 20.80
CA GLU B 348 -21.08 32.08 21.49
C GLU B 348 -20.06 32.74 20.57
N LEU B 349 -19.95 32.30 19.31
CA LEU B 349 -19.01 32.90 18.37
C LEU B 349 -19.51 34.23 17.82
N LEU B 350 -20.81 34.49 17.87
CA LEU B 350 -21.40 35.69 17.29
C LEU B 350 -21.36 36.83 18.31
N THR B 351 -20.71 37.94 17.94
CA THR B 351 -20.56 39.06 18.87
C THR B 351 -20.98 40.38 18.23
N HIS B 352 -20.85 40.49 16.91
CA HIS B 352 -21.18 41.72 16.22
C HIS B 352 -21.86 41.39 14.90
N GLU B 353 -22.76 42.27 14.48
CA GLU B 353 -23.57 42.05 13.29
C GLU B 353 -23.74 43.37 12.55
N ILE B 354 -23.34 43.40 11.27
CA ILE B 354 -23.49 44.58 10.43
C ILE B 354 -24.06 44.16 9.09
N HIS B 355 -24.56 45.15 8.35
CA HIS B 355 -24.99 44.94 6.99
C HIS B 355 -23.85 45.26 6.03
N LEU B 356 -23.98 44.79 4.79
CA LEU B 356 -22.93 44.99 3.80
C LEU B 356 -22.73 46.47 3.48
N ASP B 357 -23.79 47.27 3.61
CA ASP B 357 -23.74 48.67 3.20
C ASP B 357 -22.68 49.46 3.98
N ASN B 358 -22.32 49.01 5.19
CA ASN B 358 -21.22 49.63 5.91
C ASN B 358 -20.14 48.61 6.23
N ILE B 359 -19.59 47.98 5.19
CA ILE B 359 -18.53 47.00 5.37
C ILE B 359 -17.24 47.66 5.85
N GLN B 360 -17.06 48.95 5.59
CA GLN B 360 -15.85 49.64 6.03
C GLN B 360 -15.72 49.60 7.55
N GLU B 361 -16.83 49.62 8.27
CA GLU B 361 -16.76 49.57 9.72
C GLU B 361 -16.24 48.21 10.20
N ALA B 362 -16.53 47.15 9.46
CA ALA B 362 -16.14 45.80 9.88
C ALA B 362 -14.65 45.66 10.12
N PHE B 363 -13.82 46.48 9.47
CA PHE B 363 -12.39 46.41 9.70
C PHE B 363 -11.97 47.03 11.03
N GLU B 364 -12.79 47.92 11.59
CA GLU B 364 -12.53 48.45 12.92
C GLU B 364 -13.15 47.62 14.02
N ILE B 365 -14.27 46.93 13.73
CA ILE B 365 -14.90 46.08 14.74
C ILE B 365 -14.07 44.82 14.99
N LEU B 366 -13.34 44.36 13.97
CA LEU B 366 -12.44 43.22 14.16
C LEU B 366 -11.28 43.55 15.10
N LYS B 367 -11.10 44.81 15.46
CA LYS B 367 -10.08 45.22 16.42
C LYS B 367 -10.59 45.24 17.86
N LYS B 368 -11.90 45.13 18.06
CA LYS B 368 -12.45 45.20 19.40
C LYS B 368 -11.97 44.00 20.23
N PRO B 369 -11.61 44.20 21.50
CA PRO B 369 -11.07 43.07 22.28
C PRO B 369 -12.09 41.98 22.53
N ASP B 370 -13.35 42.34 22.77
CA ASP B 370 -14.40 41.35 23.00
C ASP B 370 -15.09 40.91 21.72
N CYS B 371 -14.37 40.93 20.60
CA CYS B 371 -14.93 40.51 19.31
C CYS B 371 -14.44 39.11 18.96
N VAL B 372 -15.32 38.32 18.37
CA VAL B 372 -14.97 37.00 17.87
C VAL B 372 -15.22 36.97 16.37
N LYS B 373 -16.45 36.60 15.98
CA LYS B 373 -16.83 36.52 14.57
C LYS B 373 -17.90 37.55 14.26
N ILE B 374 -17.74 38.23 13.13
CA ILE B 374 -18.70 39.23 12.67
C ILE B 374 -19.62 38.58 11.64
N LEU B 375 -20.92 38.88 11.75
CA LEU B 375 -21.91 38.39 10.80
C LEU B 375 -22.25 39.52 9.83
N ILE B 376 -22.06 39.26 8.53
CA ILE B 376 -22.36 40.23 7.48
C ILE B 376 -23.67 39.82 6.83
N LYS B 377 -24.68 40.68 6.95
CA LYS B 377 -26.00 40.40 6.40
C LYS B 377 -26.23 41.19 5.11
N PHE B 378 -27.21 40.73 4.33
CA PHE B 378 -27.55 41.34 3.05
C PHE B 378 -29.02 41.75 3.05
N LEU B 379 -29.30 42.87 2.38
CA LEU B 379 -30.67 43.37 2.26
C LEU B 379 -31.35 42.69 1.07
N GLU B 380 -32.52 43.21 0.70
CA GLU B 380 -33.20 42.81 -0.53
C GLU B 380 -34.33 43.79 -0.86
N PRO C 6 42.18 -2.01 41.79
CA PRO C 6 41.49 -1.09 40.87
C PRO C 6 41.93 0.35 41.09
N GLY C 7 43.05 0.74 40.48
CA GLY C 7 43.63 2.05 40.75
C GLY C 7 43.74 2.94 39.53
N VAL C 8 44.62 3.94 39.64
CA VAL C 8 44.80 4.93 38.57
C VAL C 8 45.40 4.26 37.34
N ILE C 9 44.97 4.72 36.17
CA ILE C 9 45.51 4.25 34.89
C ILE C 9 46.05 5.46 34.14
N THR C 10 47.32 5.40 33.77
CA THR C 10 47.95 6.43 32.95
C THR C 10 48.04 5.93 31.52
N CYS C 11 47.67 6.79 30.57
CA CYS C 11 47.62 6.39 29.17
C CYS C 11 47.70 7.64 28.30
N LYS C 12 47.38 7.48 27.01
CA LYS C 12 47.37 8.56 26.04
C LYS C 12 45.93 8.89 25.67
N ALA C 13 45.75 10.11 25.15
CA ALA C 13 44.44 10.57 24.74
C ALA C 13 44.60 11.79 23.84
N ALA C 14 43.59 12.02 23.02
CA ALA C 14 43.53 13.21 22.17
C ALA C 14 42.79 14.31 22.92
N VAL C 15 43.42 15.46 23.07
CA VAL C 15 42.87 16.57 23.84
C VAL C 15 42.87 17.82 22.97
N VAL C 16 41.83 18.63 23.12
CA VAL C 16 41.73 19.93 22.46
C VAL C 16 41.51 20.98 23.55
N TRP C 17 42.27 22.07 23.48
CA TRP C 17 42.29 23.06 24.55
C TRP C 17 41.53 24.34 24.22
N GLU C 18 41.11 24.54 22.97
CA GLU C 18 40.42 25.76 22.59
C GLU C 18 39.57 25.48 21.36
N SER C 19 38.63 26.38 21.10
CA SER C 19 37.74 26.23 19.95
C SER C 19 38.53 26.34 18.65
N SER C 20 38.25 25.43 17.71
CA SER C 20 38.95 25.35 16.44
C SER C 20 40.45 25.25 16.63
N GLY C 21 40.89 24.56 17.68
CA GLY C 21 42.29 24.45 17.99
C GLY C 21 42.89 23.12 17.57
N PRO C 22 44.18 22.94 17.84
CA PRO C 22 44.85 21.69 17.48
C PRO C 22 44.51 20.58 18.46
N VAL C 23 44.31 19.38 17.92
CA VAL C 23 44.03 18.19 18.73
C VAL C 23 45.39 17.59 19.10
N VAL C 24 45.84 17.85 20.32
CA VAL C 24 47.15 17.44 20.80
C VAL C 24 47.02 16.13 21.56
N LEU C 25 47.92 15.18 21.28
CA LEU C 25 47.98 13.93 22.02
C LEU C 25 48.77 14.16 23.30
N GLU C 26 48.17 13.85 24.44
CA GLU C 26 48.79 14.11 25.74
C GLU C 26 48.73 12.86 26.61
N GLU C 27 49.54 12.87 27.66
CA GLU C 27 49.53 11.80 28.66
C GLU C 27 48.59 12.21 29.79
N ILE C 28 47.56 11.40 30.02
CA ILE C 28 46.50 11.74 30.95
C ILE C 28 46.42 10.68 32.04
N ARG C 29 45.61 10.96 33.06
CA ARG C 29 45.38 10.09 34.19
C ARG C 29 43.91 9.73 34.23
N VAL C 30 43.60 8.43 34.30
CA VAL C 30 42.23 7.95 34.27
C VAL C 30 41.93 7.25 35.60
N ASP C 31 40.93 7.75 36.32
CA ASP C 31 40.59 7.24 37.63
C ASP C 31 39.83 5.92 37.54
N PRO C 32 39.81 5.13 38.60
CA PRO C 32 39.04 3.89 38.60
C PRO C 32 37.55 4.19 38.63
N PRO C 33 36.71 3.21 38.28
CA PRO C 33 35.28 3.46 38.24
C PRO C 33 34.68 3.56 39.65
N LYS C 34 33.75 4.49 39.80
CA LYS C 34 32.99 4.60 41.04
C LYS C 34 31.72 3.76 40.92
N ALA C 35 30.69 4.08 41.69
CA ALA C 35 29.46 3.30 41.67
C ALA C 35 28.75 3.45 40.33
N SER C 36 28.20 2.34 39.83
CA SER C 36 27.43 2.31 38.58
C SER C 36 28.25 2.78 37.38
N GLU C 37 29.57 2.62 37.46
CA GLU C 37 30.47 3.02 36.38
C GLU C 37 31.33 1.84 35.99
N VAL C 38 31.83 1.88 34.75
CA VAL C 38 32.79 0.91 34.25
C VAL C 38 33.92 1.67 33.57
N ARG C 39 35.11 1.09 33.60
CA ARG C 39 36.27 1.63 32.92
C ARG C 39 36.65 0.66 31.81
N ILE C 40 36.60 1.13 30.56
CA ILE C 40 36.85 0.28 29.41
C ILE C 40 38.21 0.61 28.81
N LYS C 41 38.77 -0.37 28.12
CA LYS C 41 39.96 -0.19 27.31
C LYS C 41 39.56 -0.16 25.85
N MET C 42 39.81 0.97 25.19
CA MET C 42 39.32 1.18 23.83
C MET C 42 39.98 0.22 22.86
N LEU C 43 39.17 -0.45 22.03
CA LEU C 43 39.67 -1.34 21.01
C LEU C 43 39.82 -0.65 19.66
N CYS C 44 38.85 0.19 19.30
CA CYS C 44 38.93 0.99 18.09
C CYS C 44 37.86 2.07 18.15
N ALA C 45 38.19 3.24 17.62
CA ALA C 45 37.29 4.39 17.60
C ALA C 45 37.01 4.79 16.16
N SER C 46 36.23 5.85 16.00
CA SER C 46 35.89 6.38 14.68
C SER C 46 35.67 7.88 14.79
N LEU C 47 35.11 8.47 13.74
CA LEU C 47 34.98 9.91 13.64
C LEU C 47 33.63 10.28 13.03
N CYS C 48 33.14 11.45 13.39
CA CYS C 48 31.90 11.98 12.86
C CYS C 48 31.99 13.50 12.84
N HIS C 49 31.08 14.13 12.09
CA HIS C 49 31.05 15.58 12.04
C HIS C 49 30.72 16.19 13.41
N THR C 50 30.02 15.44 14.25
CA THR C 50 29.76 15.91 15.61
C THR C 50 31.05 16.06 16.38
N ASP C 51 32.06 15.23 16.09
CA ASP C 51 33.36 15.40 16.72
C ASP C 51 34.06 16.65 16.23
N VAL C 52 33.76 17.10 15.01
CA VAL C 52 34.31 18.36 14.52
C VAL C 52 33.59 19.55 15.15
N LEU C 53 32.27 19.45 15.32
CA LEU C 53 31.52 20.50 16.00
C LEU C 53 31.94 20.62 17.46
N CYS C 54 32.31 19.50 18.09
CA CYS C 54 32.74 19.52 19.48
C CYS C 54 34.03 20.32 19.64
N THR C 55 34.93 20.25 18.66
CA THR C 55 36.18 20.99 18.70
C THR C 55 36.00 22.47 18.36
N LYS C 56 34.82 22.87 17.87
CA LYS C 56 34.55 24.26 17.55
C LYS C 56 33.62 24.93 18.55
N GLY C 57 33.35 24.28 19.68
CA GLY C 57 32.50 24.83 20.71
C GLY C 57 31.04 24.45 20.64
N PHE C 58 30.60 23.84 19.54
CA PHE C 58 29.19 23.49 19.41
C PHE C 58 28.93 22.11 20.00
N PRO C 59 27.87 21.93 20.80
CA PRO C 59 26.91 22.99 21.16
C PRO C 59 27.37 23.84 22.35
N ILE C 60 27.96 23.20 23.35
CA ILE C 60 28.44 23.88 24.55
C ILE C 60 29.96 23.84 24.53
N PRO C 61 30.64 24.99 24.54
CA PRO C 61 32.10 24.98 24.57
C PRO C 61 32.65 24.52 25.92
N LEU C 62 33.31 23.36 25.93
CA LEU C 62 33.91 22.82 27.13
C LEU C 62 35.33 22.38 26.81
N PHE C 63 36.31 22.96 27.51
CA PHE C 63 37.72 22.71 27.27
C PHE C 63 38.48 22.69 28.58
N PRO C 64 39.52 21.83 28.70
CA PRO C 64 39.98 20.88 27.69
C PRO C 64 39.06 19.66 27.59
N ARG C 65 39.05 19.02 26.42
CA ARG C 65 38.09 17.95 26.14
C ARG C 65 38.75 16.85 25.33
N ILE C 66 38.35 15.62 25.60
CA ILE C 66 38.79 14.46 24.81
C ILE C 66 37.65 14.10 23.85
N PRO C 67 37.76 14.45 22.56
CA PRO C 67 36.62 14.23 21.64
C PRO C 67 36.39 12.77 21.32
N GLY C 68 35.50 12.51 20.37
CA GLY C 68 35.24 11.15 19.94
C GLY C 68 34.12 10.47 20.72
N HIS C 69 33.11 9.98 20.01
CA HIS C 69 31.99 9.30 20.64
C HIS C 69 31.72 7.91 20.08
N GLU C 70 32.20 7.58 18.89
CA GLU C 70 32.00 6.27 18.30
C GLU C 70 33.19 5.37 18.60
N GLY C 71 32.91 4.14 18.96
CA GLY C 71 33.97 3.19 19.24
C GLY C 71 33.44 1.97 19.96
N VAL C 72 34.38 1.13 20.39
CA VAL C 72 34.08 -0.08 21.14
C VAL C 72 35.25 -0.33 22.08
N GLY C 73 34.98 -1.04 23.17
CA GLY C 73 36.01 -1.30 24.15
C GLY C 73 35.74 -2.57 24.93
N VAL C 74 36.73 -2.98 25.70
CA VAL C 74 36.63 -4.13 26.58
C VAL C 74 36.52 -3.63 28.02
N ILE C 75 35.69 -4.31 28.81
CA ILE C 75 35.50 -3.90 30.21
C ILE C 75 36.74 -4.30 31.00
N GLU C 76 37.45 -3.31 31.52
CA GLU C 76 38.66 -3.56 32.29
C GLU C 76 38.38 -3.64 33.79
N SER C 77 37.46 -2.80 34.29
CA SER C 77 37.11 -2.81 35.70
C SER C 77 35.71 -2.23 35.85
N ILE C 78 35.03 -2.65 36.93
CA ILE C 78 33.68 -2.19 37.21
C ILE C 78 33.62 -1.71 38.65
N GLY C 79 32.68 -0.82 38.91
CA GLY C 79 32.39 -0.36 40.25
C GLY C 79 31.20 -1.05 40.86
N LYS C 80 30.67 -0.47 41.93
CA LYS C 80 29.48 -1.02 42.56
C LYS C 80 28.31 -1.00 41.58
N ASP C 81 27.48 -2.04 41.64
CA ASP C 81 26.20 -2.09 40.94
C ASP C 81 26.36 -1.73 39.46
N ALA C 82 27.19 -2.52 38.78
CA ALA C 82 27.41 -2.34 37.35
C ALA C 82 26.28 -2.92 36.50
N LYS C 83 25.20 -3.37 37.13
CA LYS C 83 24.04 -3.92 36.43
C LYS C 83 24.43 -5.10 35.54
N GLY C 84 25.21 -6.02 36.11
CA GLY C 84 25.60 -7.23 35.43
C GLY C 84 26.84 -7.11 34.57
N LEU C 85 27.32 -5.90 34.30
CA LEU C 85 28.48 -5.72 33.43
C LEU C 85 29.72 -6.29 34.12
N LYS C 86 30.33 -7.30 33.50
CA LYS C 86 31.48 -7.98 34.04
C LYS C 86 32.76 -7.60 33.30
N PRO C 87 33.90 -7.66 33.97
CA PRO C 87 35.18 -7.39 33.28
C PRO C 87 35.39 -8.36 32.13
N GLY C 88 35.89 -7.82 31.01
CA GLY C 88 36.10 -8.60 29.81
C GLY C 88 35.00 -8.46 28.78
N ASP C 89 33.85 -7.91 29.16
CA ASP C 89 32.74 -7.75 28.22
C ASP C 89 33.11 -6.77 27.12
N ILE C 90 32.54 -6.99 25.94
CA ILE C 90 32.70 -6.08 24.80
C ILE C 90 31.50 -5.15 24.77
N VAL C 91 31.74 -3.86 24.95
CA VAL C 91 30.67 -2.88 25.07
C VAL C 91 30.94 -1.72 24.13
N MET C 92 29.86 -1.08 23.67
CA MET C 92 29.96 0.13 22.89
C MET C 92 29.26 1.28 23.62
N PRO C 93 29.84 2.48 23.58
CA PRO C 93 29.19 3.63 24.22
C PRO C 93 27.86 3.93 23.58
N LEU C 94 26.96 4.54 24.36
CA LEU C 94 25.62 4.88 23.91
C LEU C 94 25.41 6.39 23.98
N TYR C 95 24.67 6.91 23.00
CA TYR C 95 24.28 8.32 23.04
C TYR C 95 23.30 8.59 24.17
N LEU C 96 22.50 7.60 24.54
CA LEU C 96 21.53 7.69 25.62
C LEU C 96 21.07 6.28 25.95
N GLY C 97 20.57 6.11 27.18
CA GLY C 97 20.19 4.81 27.68
C GLY C 97 18.75 4.46 27.37
N GLU C 98 18.29 3.37 27.97
CA GLU C 98 16.90 2.93 27.83
C GLU C 98 16.53 2.11 29.07
N CYS C 99 15.77 2.72 29.98
CA CYS C 99 15.38 2.02 31.20
C CYS C 99 14.29 1.00 30.91
N GLY C 100 13.24 1.40 30.19
CA GLY C 100 12.20 0.49 29.76
C GLY C 100 10.90 0.58 30.53
N GLN C 101 10.81 1.42 31.57
CA GLN C 101 9.61 1.49 32.36
C GLN C 101 9.17 2.93 32.67
N CYS C 102 9.70 3.92 31.94
CA CYS C 102 9.34 5.30 32.18
C CYS C 102 8.11 5.67 31.37
N LEU C 103 7.74 6.95 31.40
CA LEU C 103 6.53 7.39 30.70
C LEU C 103 6.69 7.38 29.18
N ASN C 104 7.93 7.48 28.68
CA ASN C 104 8.18 7.48 27.24
C ASN C 104 8.52 6.12 26.69
N CYS C 105 9.15 5.26 27.48
CA CYS C 105 9.44 3.89 27.02
C CYS C 105 8.17 3.08 26.89
N LYS C 106 7.17 3.34 27.74
CA LYS C 106 5.91 2.60 27.67
C LYS C 106 5.19 2.86 26.35
N THR C 107 5.35 4.07 25.79
CA THR C 107 4.66 4.40 24.55
C THR C 107 5.25 3.62 23.38
N GLY C 108 6.55 3.35 23.41
CA GLY C 108 7.20 2.72 22.28
C GLY C 108 7.25 3.59 21.04
N LYS C 109 7.10 4.90 21.20
CA LYS C 109 7.13 5.84 20.09
C LYS C 109 8.39 6.71 20.08
N THR C 110 9.25 6.59 21.08
CA THR C 110 10.46 7.39 21.14
C THR C 110 11.55 6.62 21.88
N ASN C 111 12.79 6.93 21.54
CA ASN C 111 13.96 6.34 22.17
C ASN C 111 14.58 7.26 23.22
N LEU C 112 13.92 8.35 23.56
CA LEU C 112 14.46 9.34 24.49
C LEU C 112 13.94 9.04 25.89
N CYS C 113 14.81 8.55 26.76
CA CYS C 113 14.44 8.20 28.12
C CYS C 113 14.38 9.42 29.01
N HIS C 114 13.34 9.50 29.85
CA HIS C 114 13.31 10.50 30.90
C HIS C 114 14.34 10.20 31.99
N VAL C 115 14.74 8.95 32.13
CA VAL C 115 15.70 8.55 33.16
C VAL C 115 17.14 8.65 32.66
N TYR C 116 17.38 8.29 31.40
CA TYR C 116 18.71 8.32 30.81
C TYR C 116 18.68 9.13 29.51
N PRO C 117 18.61 10.45 29.61
CA PRO C 117 18.63 11.29 28.42
C PRO C 117 20.06 11.52 27.95
N PRO C 118 20.24 12.08 26.76
CA PRO C 118 21.61 12.43 26.33
C PRO C 118 22.26 13.41 27.29
N SER C 119 23.56 13.21 27.50
CA SER C 119 24.32 14.04 28.42
C SER C 119 25.14 15.07 27.67
N PHE C 120 25.19 16.28 28.21
CA PHE C 120 25.97 17.38 27.65
C PHE C 120 26.83 18.07 28.69
N SER C 121 26.86 17.55 29.93
CA SER C 121 27.59 18.22 31.00
C SER C 121 29.10 18.15 30.80
N GLY C 122 29.58 17.13 30.09
CA GLY C 122 31.00 16.91 29.93
C GLY C 122 31.66 16.20 31.08
N LEU C 123 30.95 15.98 32.18
CA LEU C 123 31.47 15.25 33.34
C LEU C 123 30.49 14.14 33.70
N MET C 124 30.81 13.41 34.76
CA MET C 124 29.96 12.32 35.21
C MET C 124 28.75 12.85 35.98
N ASN C 125 28.07 11.98 36.73
CA ASN C 125 26.87 12.40 37.44
C ASN C 125 27.22 13.27 38.64
N ASP C 126 28.32 12.97 39.33
CA ASP C 126 28.71 13.71 40.52
C ASP C 126 29.39 15.04 40.23
N GLY C 127 29.31 15.52 38.98
CA GLY C 127 29.87 16.82 38.64
C GLY C 127 31.37 16.86 38.42
N THR C 128 32.08 15.76 38.64
CA THR C 128 33.52 15.70 38.45
C THR C 128 33.85 14.77 37.28
N SER C 129 35.13 14.75 36.92
CA SER C 129 35.64 13.97 35.81
C SER C 129 36.63 12.92 36.30
N ARG C 130 36.57 11.73 35.71
CA ARG C 130 37.52 10.68 36.03
C ARG C 130 38.82 10.80 35.25
N MET C 131 38.95 11.82 34.40
CA MET C 131 40.15 12.01 33.61
C MET C 131 40.81 13.34 33.97
N SER C 132 42.13 13.39 33.83
CA SER C 132 42.90 14.57 34.19
C SER C 132 44.25 14.50 33.50
N ILE C 133 44.82 15.67 33.22
CA ILE C 133 46.17 15.74 32.68
C ILE C 133 47.15 15.22 33.72
N ALA C 134 47.98 14.26 33.32
CA ALA C 134 48.88 13.62 34.28
C ALA C 134 49.97 14.55 34.80
N ARG C 135 50.25 15.63 34.09
CA ARG C 135 51.31 16.56 34.48
C ARG C 135 50.81 17.73 35.31
N THR C 136 49.65 18.30 34.96
CA THR C 136 49.14 19.47 35.64
C THR C 136 47.92 19.20 36.50
N GLY C 137 47.28 18.04 36.35
CA GLY C 137 46.10 17.73 37.13
C GLY C 137 44.82 18.38 36.67
N GLU C 138 44.84 19.07 35.53
CA GLU C 138 43.63 19.71 35.00
C GLU C 138 42.58 18.66 34.65
N SER C 139 41.41 18.78 35.26
CA SER C 139 40.32 17.86 34.94
C SER C 139 39.85 18.10 33.51
N ILE C 140 39.64 17.00 32.78
CA ILE C 140 39.33 17.03 31.35
C ILE C 140 37.86 16.64 31.16
N TYR C 141 37.20 17.35 30.24
CA TYR C 141 35.82 17.03 29.90
C TYR C 141 35.78 15.85 28.94
N HIS C 142 34.76 15.01 29.09
CA HIS C 142 34.48 13.97 28.12
C HIS C 142 33.38 14.42 27.17
N PHE C 143 33.21 13.68 26.08
CA PHE C 143 32.19 13.98 25.09
C PHE C 143 31.12 12.90 25.08
N ALA C 144 29.90 13.30 24.75
CA ALA C 144 28.73 12.41 24.71
C ALA C 144 28.60 11.78 26.10
N SER C 145 28.40 10.47 26.21
CA SER C 145 28.40 9.80 27.51
C SER C 145 29.69 9.04 27.77
N CYS C 146 30.61 9.01 26.80
CA CYS C 146 31.90 8.36 26.95
C CYS C 146 32.84 8.74 25.80
N SER C 147 34.03 9.23 26.13
CA SER C 147 35.02 9.55 25.11
C SER C 147 35.64 8.28 24.54
N THR C 148 35.91 8.29 23.24
CA THR C 148 36.51 7.15 22.57
C THR C 148 37.91 7.43 22.05
N TRP C 149 38.29 8.70 21.87
CA TRP C 149 39.63 9.03 21.39
C TRP C 149 40.64 8.97 22.53
N THR C 150 40.63 7.86 23.27
CA THR C 150 41.53 7.66 24.40
C THR C 150 41.68 6.15 24.61
N GLU C 151 42.83 5.76 25.16
CA GLU C 151 43.09 4.34 25.36
C GLU C 151 42.22 3.75 26.46
N TYR C 152 41.84 4.55 27.45
CA TYR C 152 40.97 4.12 28.53
C TYR C 152 39.93 5.19 28.80
N ALA C 153 38.72 4.76 29.16
CA ALA C 153 37.63 5.69 29.41
C ALA C 153 36.68 5.10 30.44
N VAL C 154 36.01 5.98 31.18
CA VAL C 154 35.03 5.61 32.19
C VAL C 154 33.66 6.08 31.73
N ALA C 155 32.66 5.22 31.88
CA ALA C 155 31.29 5.56 31.49
C ALA C 155 30.31 4.94 32.46
N ASP C 156 29.12 5.53 32.51
CA ASP C 156 28.04 4.99 33.34
C ASP C 156 27.58 3.64 32.78
N CYS C 157 27.23 2.73 33.69
CA CYS C 157 26.80 1.39 33.26
C CYS C 157 25.55 1.45 32.40
N ASN C 158 24.72 2.46 32.57
CA ASN C 158 23.49 2.60 31.79
C ASN C 158 23.71 3.22 30.42
N TYR C 159 24.93 3.67 30.11
CA TYR C 159 25.22 4.28 28.82
C TYR C 159 26.19 3.44 27.99
N VAL C 160 26.30 2.15 28.29
CA VAL C 160 27.06 1.22 27.47
C VAL C 160 26.19 0.00 27.21
N LEU C 161 26.46 -0.68 26.10
CA LEU C 161 25.66 -1.82 25.67
C LEU C 161 26.58 -3.02 25.46
N LYS C 162 26.34 -4.08 26.23
CA LYS C 162 27.05 -5.33 26.03
C LYS C 162 26.62 -5.97 24.71
N ILE C 163 27.57 -6.22 23.82
CA ILE C 163 27.28 -6.74 22.49
C ILE C 163 27.92 -8.11 22.34
N ASN C 164 27.58 -8.77 21.24
CA ASN C 164 28.10 -10.10 20.92
C ASN C 164 29.61 -10.02 20.68
N PRO C 165 30.43 -10.74 21.46
CA PRO C 165 31.88 -10.71 21.22
C PRO C 165 32.28 -11.26 19.86
N LYS C 166 31.35 -11.86 19.11
CA LYS C 166 31.69 -12.40 17.79
C LYS C 166 31.79 -11.31 16.74
N ILE C 167 31.04 -10.22 16.88
CA ILE C 167 31.03 -9.17 15.87
C ILE C 167 32.39 -8.49 15.82
N SER C 168 32.83 -8.12 14.62
CA SER C 168 34.13 -7.50 14.45
C SER C 168 34.13 -6.10 15.07
N TYR C 169 35.23 -5.78 15.74
CA TYR C 169 35.32 -4.49 16.43
C TYR C 169 35.27 -3.29 15.49
N PRO C 170 35.91 -3.29 14.31
CA PRO C 170 35.73 -2.16 13.40
C PRO C 170 34.28 -1.97 12.96
N HIS C 171 33.49 -3.05 12.91
CA HIS C 171 32.08 -2.91 12.55
C HIS C 171 31.24 -2.41 13.72
N ALA C 172 31.60 -2.78 14.95
CA ALA C 172 30.86 -2.30 16.12
C ALA C 172 31.00 -0.80 16.27
N SER C 173 32.19 -0.25 16.00
CA SER C 173 32.37 1.19 16.09
C SER C 173 31.56 1.92 15.03
N PHE C 174 31.37 1.32 13.85
CA PHE C 174 30.55 1.94 12.82
C PHE C 174 29.09 1.99 13.22
N LEU C 175 28.64 1.02 14.02
CA LEU C 175 27.25 0.98 14.49
C LEU C 175 27.01 1.88 15.69
N SER C 176 28.04 2.57 16.19
CA SER C 176 27.86 3.43 17.36
C SER C 176 27.10 4.69 17.01
N CYS C 177 27.44 5.33 15.89
CA CYS C 177 26.77 6.56 15.48
C CYS C 177 27.02 6.76 14.00
N GLY C 178 25.95 6.83 13.22
CA GLY C 178 26.07 7.02 11.79
C GLY C 178 25.20 6.07 11.00
N PHE C 179 25.71 4.87 10.73
CA PHE C 179 24.92 3.90 9.98
C PHE C 179 23.68 3.47 10.77
N THR C 180 23.84 3.28 12.08
CA THR C 180 22.69 2.89 12.90
C THR C 180 21.62 3.98 12.92
N THR C 181 22.04 5.25 12.98
CA THR C 181 21.07 6.34 13.01
C THR C 181 20.33 6.46 11.68
N GLY C 182 21.01 6.15 10.57
CA GLY C 182 20.39 6.21 9.27
C GLY C 182 19.53 5.01 8.98
N PHE C 183 20.05 3.83 9.30
CA PHE C 183 19.29 2.60 9.08
C PHE C 183 18.05 2.53 9.96
N GLY C 184 18.09 3.16 11.13
CA GLY C 184 16.98 3.10 12.06
C GLY C 184 15.91 4.15 11.80
N ALA C 185 16.28 5.26 11.18
CA ALA C 185 15.31 6.31 10.88
C ALA C 185 14.29 5.89 9.83
N THR C 186 14.54 4.79 9.12
CA THR C 186 13.65 4.32 8.07
C THR C 186 12.57 3.38 8.57
N TRP C 187 12.40 3.25 9.89
CA TRP C 187 11.29 2.48 10.42
C TRP C 187 10.89 2.95 11.80
N ARG C 188 11.78 3.66 12.49
CA ARG C 188 11.46 4.16 13.83
C ARG C 188 10.87 5.57 13.79
N GLU C 189 11.37 6.44 12.91
CA GLU C 189 10.86 7.80 12.81
C GLU C 189 9.73 7.90 11.78
N THR C 190 10.02 7.50 10.54
CA THR C 190 9.01 7.42 9.49
C THR C 190 9.05 6.02 8.89
N GLN C 191 7.91 5.32 8.97
CA GLN C 191 7.84 3.93 8.52
C GLN C 191 7.91 3.88 7.00
N VAL C 192 9.05 3.45 6.46
CA VAL C 192 9.22 3.29 5.03
C VAL C 192 8.57 1.98 4.60
N SER C 193 7.54 2.07 3.77
CA SER C 193 6.75 0.91 3.37
C SER C 193 7.24 0.36 2.03
N LYS C 194 6.62 -0.72 1.57
CA LYS C 194 6.95 -1.28 0.28
C LYS C 194 6.33 -0.43 -0.84
N GLY C 195 7.17 -0.05 -1.79
CA GLY C 195 6.79 0.84 -2.88
C GLY C 195 7.21 2.29 -2.73
N SER C 196 7.58 2.71 -1.53
CA SER C 196 7.82 4.10 -1.23
C SER C 196 9.03 4.61 -2.00
N SER C 197 9.04 5.92 -2.23
CA SER C 197 10.17 6.61 -2.84
C SER C 197 10.88 7.40 -1.76
N VAL C 198 12.18 7.24 -1.66
CA VAL C 198 12.99 7.86 -0.62
C VAL C 198 14.08 8.71 -1.28
N ALA C 199 14.23 9.93 -0.80
CA ALA C 199 15.31 10.82 -1.22
C ALA C 199 16.25 11.04 -0.04
N VAL C 200 17.51 10.65 -0.21
CA VAL C 200 18.52 10.76 0.84
C VAL C 200 19.51 11.85 0.44
N PHE C 201 19.53 12.92 1.23
CA PHE C 201 20.41 14.05 0.96
C PHE C 201 21.76 13.81 1.62
N GLY C 202 22.83 13.80 0.82
CA GLY C 202 24.16 13.54 1.34
C GLY C 202 24.39 12.08 1.63
N ILE C 203 25.13 11.41 0.76
CA ILE C 203 25.34 9.97 0.88
C ILE C 203 26.58 9.70 1.74
N GLY C 204 26.60 10.24 2.95
CA GLY C 204 27.60 9.88 3.93
C GLY C 204 27.29 8.53 4.53
N THR C 205 27.87 8.28 5.71
CA THR C 205 27.58 7.04 6.41
C THR C 205 26.14 7.00 6.91
N VAL C 206 25.60 8.15 7.33
CA VAL C 206 24.21 8.21 7.70
C VAL C 206 23.32 8.02 6.49
N GLY C 207 23.68 8.64 5.37
CA GLY C 207 22.92 8.46 4.15
C GLY C 207 22.95 7.02 3.65
N LEU C 208 24.12 6.38 3.71
CA LEU C 208 24.22 4.98 3.32
C LEU C 208 23.41 4.09 4.24
N GLY C 209 23.21 4.51 5.49
CA GLY C 209 22.31 3.77 6.37
C GLY C 209 20.87 3.86 5.91
N VAL C 210 20.41 5.05 5.53
CA VAL C 210 19.04 5.23 5.06
C VAL C 210 18.82 4.46 3.77
N ILE C 211 19.84 4.41 2.91
CA ILE C 211 19.71 3.70 1.63
C ILE C 211 19.47 2.22 1.87
N LYS C 212 20.35 1.57 2.63
CA LYS C 212 20.15 0.17 2.96
C LYS C 212 18.90 -0.02 3.81
N GLY C 213 18.52 1.01 4.58
CA GLY C 213 17.28 0.93 5.33
C GLY C 213 16.05 0.94 4.43
N ALA C 214 16.04 1.84 3.45
CA ALA C 214 14.91 1.89 2.52
C ALA C 214 14.84 0.64 1.66
N GLN C 215 16.00 0.07 1.28
CA GLN C 215 15.99 -1.14 0.47
C GLN C 215 15.38 -2.31 1.23
N LEU C 216 15.84 -2.55 2.46
CA LEU C 216 15.32 -3.62 3.28
C LEU C 216 13.96 -3.30 3.90
N GLN C 217 13.28 -2.28 3.40
CA GLN C 217 11.92 -1.98 3.82
C GLN C 217 10.93 -1.96 2.66
N GLY C 218 11.40 -1.99 1.41
CA GLY C 218 10.52 -2.12 0.27
C GLY C 218 10.49 -0.92 -0.67
N ALA C 219 11.47 -0.03 -0.55
CA ALA C 219 11.48 1.17 -1.37
C ALA C 219 11.74 0.82 -2.82
N SER C 220 10.86 1.30 -3.71
CA SER C 220 11.06 1.12 -5.14
C SER C 220 12.12 2.08 -5.68
N LYS C 221 12.01 3.35 -5.30
CA LYS C 221 12.93 4.39 -5.75
C LYS C 221 13.69 4.91 -4.53
N ILE C 222 15.01 4.84 -4.59
CA ILE C 222 15.86 5.34 -3.51
C ILE C 222 16.80 6.37 -4.15
N ILE C 223 16.35 7.62 -4.20
CA ILE C 223 17.15 8.69 -4.79
C ILE C 223 18.17 9.18 -3.77
N GLY C 224 19.42 9.26 -4.20
CA GLY C 224 20.48 9.80 -3.36
C GLY C 224 21.10 11.03 -3.97
N VAL C 225 21.12 12.13 -3.22
CA VAL C 225 21.65 13.40 -3.70
C VAL C 225 22.97 13.66 -3.00
N ASP C 226 24.03 13.85 -3.79
CA ASP C 226 25.34 14.18 -3.24
C ASP C 226 26.17 14.82 -4.35
N VAL C 227 27.09 15.70 -3.93
CA VAL C 227 27.94 16.42 -4.89
C VAL C 227 29.16 15.62 -5.32
N ASN C 228 29.39 14.45 -4.73
CA ASN C 228 30.59 13.68 -4.97
C ASN C 228 30.28 12.46 -5.82
N GLN C 229 31.02 12.30 -6.92
CA GLN C 229 30.83 11.13 -7.78
C GLN C 229 31.35 9.86 -7.11
N TYR C 230 32.32 9.99 -6.20
CA TYR C 230 32.83 8.82 -5.49
C TYR C 230 31.78 8.25 -4.55
N LYS C 231 31.03 9.12 -3.86
CA LYS C 231 29.99 8.64 -2.95
C LYS C 231 28.85 7.97 -3.70
N ALA C 232 28.64 8.34 -4.97
CA ALA C 232 27.58 7.73 -5.76
C ALA C 232 27.81 6.24 -5.94
N ALA C 233 29.07 5.82 -6.08
CA ALA C 233 29.36 4.41 -6.26
C ALA C 233 29.03 3.60 -5.00
N LYS C 234 29.35 4.15 -3.82
CA LYS C 234 29.05 3.45 -2.58
C LYS C 234 27.55 3.31 -2.36
N GLY C 235 26.76 4.29 -2.82
CA GLY C 235 25.32 4.23 -2.63
C GLY C 235 24.68 3.07 -3.35
N LYS C 236 25.13 2.78 -4.57
CA LYS C 236 24.55 1.67 -5.34
C LYS C 236 24.76 0.34 -4.63
N VAL C 237 25.91 0.16 -3.97
CA VAL C 237 26.19 -1.10 -3.29
C VAL C 237 25.23 -1.31 -2.13
N PHE C 238 24.68 -0.23 -1.58
CA PHE C 238 23.73 -0.33 -0.46
C PHE C 238 22.28 -0.32 -0.90
N GLY C 239 22.00 -0.09 -2.19
CA GLY C 239 20.64 -0.20 -2.69
C GLY C 239 20.10 1.04 -3.37
N MET C 240 20.95 2.03 -3.62
CA MET C 240 20.50 3.25 -4.26
C MET C 240 20.18 2.99 -5.74
N THR C 241 19.02 3.48 -6.18
CA THR C 241 18.58 3.28 -7.55
C THR C 241 18.97 4.46 -8.44
N ASP C 242 18.47 5.65 -8.12
CA ASP C 242 18.78 6.86 -8.87
C ASP C 242 19.71 7.75 -8.07
N PHE C 243 20.55 8.50 -8.79
CA PHE C 243 21.53 9.39 -8.19
C PHE C 243 21.41 10.77 -8.79
N ILE C 244 21.58 11.80 -7.97
CA ILE C 244 21.45 13.19 -8.39
C ILE C 244 22.61 13.99 -7.82
N ASN C 245 23.27 14.77 -8.68
CA ASN C 245 24.30 15.71 -8.25
C ASN C 245 23.83 17.11 -8.59
N PRO C 246 23.64 18.00 -7.61
CA PRO C 246 23.24 19.37 -7.94
C PRO C 246 24.25 20.11 -8.81
N LYS C 247 25.52 19.74 -8.72
CA LYS C 247 26.56 20.38 -9.52
C LYS C 247 26.61 19.85 -10.95
N ASP C 248 25.59 19.12 -11.39
CA ASP C 248 25.46 18.73 -12.78
C ASP C 248 24.45 19.58 -13.54
N HIS C 249 23.43 20.10 -12.86
CA HIS C 249 22.43 20.98 -13.48
C HIS C 249 22.18 22.15 -12.54
N PRO C 250 23.06 23.17 -12.58
CA PRO C 250 22.86 24.35 -11.73
C PRO C 250 21.68 25.21 -12.15
N ASP C 251 21.06 24.91 -13.30
CA ASP C 251 19.90 25.70 -13.74
C ASP C 251 18.70 25.45 -12.84
N LYS C 252 18.58 24.26 -12.26
CA LYS C 252 17.46 23.89 -11.42
C LYS C 252 17.94 23.52 -10.03
N SER C 253 17.00 23.54 -9.08
CA SER C 253 17.29 23.22 -7.69
C SER C 253 17.03 21.73 -7.42
N VAL C 254 17.53 21.27 -6.27
CA VAL C 254 17.41 19.85 -5.94
C VAL C 254 15.95 19.43 -5.81
N SER C 255 15.13 20.28 -5.18
CA SER C 255 13.71 19.95 -5.06
C SER C 255 13.05 19.80 -6.43
N GLU C 256 13.51 20.56 -7.43
CA GLU C 256 12.92 20.44 -8.75
C GLU C 256 13.38 19.17 -9.46
N LEU C 257 14.63 18.75 -9.23
CA LEU C 257 15.16 17.59 -9.92
C LEU C 257 14.68 16.28 -9.31
N VAL C 258 14.54 16.22 -7.98
CA VAL C 258 13.93 15.07 -7.36
C VAL C 258 12.48 14.93 -7.84
N LYS C 259 11.81 16.06 -8.11
CA LYS C 259 10.47 16.02 -8.66
C LYS C 259 10.47 15.50 -10.09
N GLU C 260 11.58 15.66 -10.82
CA GLU C 260 11.66 15.14 -12.18
C GLU C 260 11.63 13.62 -12.20
N LEU C 261 12.27 12.98 -11.21
CA LEU C 261 12.32 11.53 -11.15
C LEU C 261 11.07 10.91 -10.53
N THR C 262 10.19 11.72 -9.94
CA THR C 262 9.02 11.21 -9.23
C THR C 262 7.73 11.82 -9.78
N HIS C 263 7.68 12.03 -11.10
CA HIS C 263 6.47 12.48 -11.79
C HIS C 263 5.97 13.83 -11.27
N GLY C 264 6.89 14.69 -10.86
CA GLY C 264 6.54 16.03 -10.43
C GLY C 264 5.84 16.13 -9.09
N LEU C 265 5.87 15.08 -8.28
CA LEU C 265 5.19 15.07 -6.98
C LEU C 265 6.16 15.10 -5.80
N GLY C 266 7.30 14.42 -5.92
CA GLY C 266 8.26 14.32 -4.86
C GLY C 266 8.32 12.89 -4.30
N VAL C 267 9.06 12.76 -3.21
CA VAL C 267 9.24 11.48 -2.56
C VAL C 267 8.29 11.39 -1.37
N ASP C 268 8.12 10.16 -0.86
CA ASP C 268 7.29 9.95 0.33
C ASP C 268 8.07 10.24 1.61
N HIS C 269 9.33 9.85 1.67
CA HIS C 269 10.17 10.04 2.84
C HIS C 269 11.48 10.68 2.42
N CYS C 270 11.81 11.82 3.04
CA CYS C 270 13.01 12.57 2.73
C CYS C 270 13.91 12.56 3.97
N PHE C 271 15.17 12.17 3.79
CA PHE C 271 16.13 12.06 4.89
C PHE C 271 17.30 13.00 4.62
N GLU C 272 17.29 14.17 5.26
CA GLU C 272 18.41 15.10 5.18
C GLU C 272 19.49 14.64 6.14
N CYS C 273 20.74 14.53 5.64
CA CYS C 273 21.82 13.96 6.42
C CYS C 273 23.07 14.82 6.51
N THR C 274 23.16 15.92 5.76
CA THR C 274 24.32 16.80 5.85
C THR C 274 24.16 17.89 6.88
N GLY C 275 22.94 18.27 7.23
CA GLY C 275 22.73 19.35 8.16
C GLY C 275 23.02 20.72 7.61
N VAL C 276 23.33 20.84 6.32
CA VAL C 276 23.58 22.15 5.72
C VAL C 276 22.31 23.00 5.82
N PRO C 277 22.39 24.27 6.27
CA PRO C 277 21.17 25.02 6.59
C PRO C 277 20.14 25.07 5.48
N SER C 278 20.55 25.37 4.25
CA SER C 278 19.60 25.52 3.16
C SER C 278 19.02 24.19 2.70
N LEU C 279 19.58 23.06 3.13
CA LEU C 279 19.15 21.77 2.62
C LEU C 279 17.89 21.24 3.29
N LEU C 280 17.60 21.65 4.53
CA LEU C 280 16.37 21.20 5.16
C LEU C 280 15.14 21.74 4.42
N ASN C 281 15.20 23.00 3.98
CA ASN C 281 14.05 23.57 3.30
C ASN C 281 13.82 22.92 1.95
N GLU C 282 14.88 22.48 1.28
CA GLU C 282 14.70 21.85 -0.03
C GLU C 282 14.36 20.38 0.11
N ALA C 283 14.78 19.75 1.20
CA ALA C 283 14.30 18.42 1.53
C ALA C 283 12.78 18.41 1.73
N LEU C 284 12.23 19.47 2.33
CA LEU C 284 10.79 19.58 2.49
C LEU C 284 10.11 19.74 1.13
N GLU C 285 10.65 20.63 0.28
CA GLU C 285 10.07 20.84 -1.04
C GLU C 285 10.23 19.62 -1.93
N ALA C 286 11.20 18.74 -1.64
CA ALA C 286 11.41 17.53 -2.41
C ALA C 286 10.48 16.40 -2.02
N SER C 287 9.65 16.58 -1.00
CA SER C 287 8.72 15.54 -0.56
C SER C 287 7.33 15.81 -1.09
N LYS C 288 6.50 14.77 -1.05
CA LYS C 288 5.13 14.87 -1.54
C LYS C 288 4.33 15.87 -0.71
N ILE C 289 3.40 16.55 -1.38
CA ILE C 289 2.55 17.54 -0.72
C ILE C 289 1.44 16.82 0.02
N GLY C 290 1.38 17.01 1.34
CA GLY C 290 0.30 16.51 2.16
C GLY C 290 0.53 15.15 2.79
N ILE C 291 1.36 14.31 2.18
CA ILE C 291 1.57 12.95 2.66
C ILE C 291 3.06 12.64 2.76
N GLY C 292 3.90 13.66 2.61
CA GLY C 292 5.34 13.47 2.68
C GLY C 292 5.88 13.75 4.08
N THR C 293 6.96 13.05 4.41
CA THR C 293 7.64 13.21 5.70
C THR C 293 9.11 13.56 5.46
N VAL C 294 9.66 14.39 6.35
CA VAL C 294 11.06 14.82 6.27
C VAL C 294 11.71 14.57 7.63
N VAL C 295 12.87 13.93 7.61
CA VAL C 295 13.60 13.55 8.82
C VAL C 295 14.93 14.29 8.82
N PRO C 296 15.06 15.37 9.56
CA PRO C 296 16.35 16.07 9.64
C PRO C 296 17.32 15.35 10.56
N ILE C 297 18.18 14.52 9.99
CA ILE C 297 19.15 13.75 10.78
C ILE C 297 20.43 14.53 11.00
N GLY C 298 20.86 15.30 9.99
CA GLY C 298 22.11 16.03 10.10
C GLY C 298 22.04 17.17 11.09
N ALA C 299 23.22 17.61 11.53
CA ALA C 299 23.34 18.71 12.47
C ALA C 299 24.46 19.63 11.99
N GLY C 300 24.09 20.73 11.33
CA GLY C 300 25.06 21.68 10.83
C GLY C 300 25.72 22.53 11.90
N GLY C 301 25.15 22.57 13.09
CA GLY C 301 25.74 23.34 14.17
C GLY C 301 25.58 24.84 14.00
N GLU C 302 24.35 25.29 13.80
CA GLU C 302 24.02 26.70 13.71
C GLU C 302 23.07 27.07 14.85
N ALA C 303 22.85 28.37 15.02
CA ALA C 303 21.95 28.84 16.07
C ALA C 303 20.52 28.34 15.85
N SER C 304 20.07 28.36 14.60
CA SER C 304 18.70 27.93 14.28
C SER C 304 18.64 27.58 12.79
N VAL C 305 17.51 26.97 12.41
CA VAL C 305 17.25 26.59 11.03
C VAL C 305 16.00 27.33 10.56
N ALA C 306 16.00 27.78 9.31
CA ALA C 306 14.92 28.56 8.74
C ALA C 306 14.23 27.75 7.65
N ILE C 307 12.90 27.69 7.72
CA ILE C 307 12.09 27.01 6.71
C ILE C 307 11.08 27.99 6.16
N ASN C 308 10.69 27.79 4.91
CA ASN C 308 9.81 28.72 4.22
C ASN C 308 8.42 28.72 4.85
N SER C 309 7.86 29.92 5.02
CA SER C 309 6.58 30.05 5.70
C SER C 309 5.47 29.33 4.97
N LEU C 310 5.56 29.22 3.65
CA LEU C 310 4.51 28.56 2.88
C LEU C 310 4.54 27.05 3.05
N ILE C 311 5.69 26.49 3.46
CA ILE C 311 5.76 25.06 3.74
C ILE C 311 4.87 24.68 4.92
N LEU C 312 4.56 25.63 5.79
CA LEU C 312 3.64 25.38 6.90
C LEU C 312 2.22 25.11 6.43
N PHE C 313 1.94 25.27 5.13
CA PHE C 313 0.65 24.92 4.55
C PHE C 313 0.70 23.66 3.70
N SER C 314 1.89 23.05 3.53
CA SER C 314 2.06 21.94 2.59
C SER C 314 1.49 20.63 3.10
N GLY C 315 1.09 20.54 4.37
CA GLY C 315 0.53 19.31 4.89
C GLY C 315 1.53 18.21 5.18
N ARG C 316 2.82 18.47 5.04
CA ARG C 316 3.84 17.48 5.33
C ARG C 316 4.05 17.35 6.84
N THR C 317 4.80 16.32 7.22
CA THR C 317 5.18 16.08 8.61
C THR C 317 6.69 16.20 8.74
N LEU C 318 7.15 16.90 9.78
CA LEU C 318 8.57 17.10 10.06
C LEU C 318 8.90 16.36 11.35
N LYS C 319 9.32 15.11 11.22
CA LYS C 319 9.64 14.28 12.38
C LYS C 319 11.07 14.57 12.83
N PHE C 320 11.23 15.28 13.94
CA PHE C 320 12.55 15.47 14.50
C PHE C 320 13.05 14.17 15.11
N THR C 321 14.37 14.02 15.18
CA THR C 321 14.94 12.73 15.48
C THR C 321 16.22 12.89 16.30
N ALA C 322 16.57 11.82 17.01
CA ALA C 322 17.83 11.73 17.73
C ALA C 322 18.26 10.27 17.73
N PHE C 323 19.45 10.01 17.21
CA PHE C 323 19.95 8.64 17.04
C PHE C 323 19.00 7.80 16.18
N GLY C 324 18.27 8.45 15.28
CA GLY C 324 17.37 7.77 14.37
C GLY C 324 16.16 7.13 15.02
N GLY C 325 15.88 7.43 16.28
CA GLY C 325 14.79 6.78 16.97
C GLY C 325 15.07 5.36 17.42
N VAL C 326 16.32 4.91 17.30
CA VAL C 326 16.67 3.54 17.68
C VAL C 326 16.81 3.48 19.20
N ARG C 327 16.00 2.63 19.82
CA ARG C 327 16.13 2.38 21.25
C ARG C 327 17.37 1.54 21.52
N THR C 328 18.28 2.07 22.34
CA THR C 328 19.61 1.49 22.47
C THR C 328 19.63 0.14 23.16
N GLN C 329 18.62 -0.17 23.97
CA GLN C 329 18.61 -1.43 24.69
C GLN C 329 17.71 -2.49 24.07
N SER C 330 16.66 -2.08 23.36
CA SER C 330 15.74 -3.03 22.73
C SER C 330 15.90 -3.13 21.22
N ASP C 331 16.11 -2.01 20.53
CA ASP C 331 16.20 -2.02 19.08
C ASP C 331 17.63 -2.10 18.56
N LEU C 332 18.58 -1.46 19.26
CA LEU C 332 19.96 -1.47 18.78
C LEU C 332 20.57 -2.88 18.69
N PRO C 333 20.39 -3.79 19.66
CA PRO C 333 20.99 -5.12 19.51
C PRO C 333 20.47 -5.90 18.32
N VAL C 334 19.27 -5.59 17.82
CA VAL C 334 18.76 -6.27 16.64
C VAL C 334 19.51 -5.82 15.40
N ILE C 335 19.79 -4.52 15.29
CA ILE C 335 20.62 -4.03 14.18
C ILE C 335 22.00 -4.64 14.23
N ILE C 336 22.53 -4.89 15.43
CA ILE C 336 23.87 -5.45 15.58
C ILE C 336 23.90 -6.87 15.03
N ASP C 337 22.94 -7.71 15.44
CA ASP C 337 22.90 -9.09 14.98
C ASP C 337 22.41 -9.22 13.54
N LYS C 338 21.79 -8.17 13.00
CA LYS C 338 21.51 -8.13 11.57
C LYS C 338 22.77 -8.06 10.72
N CYS C 339 23.92 -7.71 11.32
CA CYS C 339 25.19 -7.76 10.61
C CYS C 339 25.90 -9.08 10.78
N LEU C 340 25.64 -9.79 11.89
CA LEU C 340 26.22 -11.12 12.08
C LEU C 340 25.66 -12.10 11.07
N ASN C 341 24.36 -11.99 10.76
CA ASN C 341 23.77 -12.76 9.68
C ASN C 341 24.08 -12.16 8.31
N LYS C 342 24.71 -10.99 8.28
CA LYS C 342 25.13 -10.33 7.05
C LYS C 342 23.97 -10.00 6.12
N GLU C 343 22.79 -9.75 6.70
CA GLU C 343 21.72 -9.12 5.93
C GLU C 343 22.17 -7.75 5.44
N ILE C 344 22.60 -6.89 6.36
CA ILE C 344 23.36 -5.68 6.05
C ILE C 344 24.80 -5.91 6.50
N GLN C 345 25.72 -5.07 6.01
CA GLN C 345 27.11 -5.13 6.43
C GLN C 345 27.87 -3.93 5.86
N LEU C 346 29.00 -3.62 6.51
CA LEU C 346 29.70 -2.36 6.34
C LEU C 346 31.16 -2.53 5.92
N ASP C 347 31.41 -3.46 5.00
CA ASP C 347 32.76 -3.58 4.46
C ASP C 347 33.07 -2.41 3.54
N GLU C 348 32.05 -1.88 2.85
CA GLU C 348 32.22 -0.72 1.99
C GLU C 348 32.29 0.58 2.77
N LEU C 349 32.11 0.54 4.08
CA LEU C 349 32.18 1.77 4.87
C LEU C 349 33.62 2.17 5.14
N LEU C 350 34.46 1.23 5.58
CA LEU C 350 35.85 1.55 5.86
C LEU C 350 36.56 1.96 4.58
N THR C 351 37.20 3.13 4.62
CA THR C 351 37.99 3.61 3.49
C THR C 351 39.37 4.02 3.95
N HIS C 352 39.49 4.47 5.21
CA HIS C 352 40.75 4.90 5.78
C HIS C 352 40.90 4.34 7.18
N GLU C 353 42.15 4.27 7.64
CA GLU C 353 42.45 3.83 8.99
C GLU C 353 43.66 4.59 9.51
N ILE C 354 43.63 4.94 10.79
CA ILE C 354 44.72 5.64 11.45
C ILE C 354 44.88 5.07 12.86
N HIS C 355 45.96 5.44 13.51
CA HIS C 355 46.19 5.14 14.91
C HIS C 355 46.03 6.42 15.73
N LEU C 356 45.78 6.24 17.03
CA LEU C 356 45.49 7.37 17.89
C LEU C 356 46.59 8.41 17.90
N ASP C 357 47.83 8.01 17.58
CA ASP C 357 48.93 8.97 17.59
C ASP C 357 48.85 9.95 16.43
N ASN C 358 48.33 9.51 15.28
CA ASN C 358 48.13 10.39 14.13
C ASN C 358 46.73 10.98 14.10
N ILE C 359 46.20 11.40 15.26
CA ILE C 359 44.82 11.86 15.33
C ILE C 359 44.65 13.24 14.71
N GLN C 360 45.72 14.03 14.61
CA GLN C 360 45.60 15.34 13.98
C GLN C 360 45.35 15.23 12.48
N GLU C 361 45.90 14.20 11.84
CA GLU C 361 45.69 14.01 10.41
C GLU C 361 44.26 13.60 10.09
N ALA C 362 43.51 13.07 11.07
CA ALA C 362 42.14 12.63 10.82
C ALA C 362 41.25 13.77 10.38
N PHE C 363 41.47 14.98 10.92
CA PHE C 363 40.67 16.13 10.52
C PHE C 363 40.97 16.58 9.10
N GLU C 364 42.09 16.15 8.52
CA GLU C 364 42.37 16.41 7.12
C GLU C 364 41.91 15.28 6.21
N ILE C 365 41.85 14.05 6.74
CA ILE C 365 41.39 12.92 5.94
C ILE C 365 39.89 13.02 5.70
N LEU C 366 39.15 13.70 6.59
CA LEU C 366 37.72 13.92 6.37
C LEU C 366 37.48 14.66 5.07
N LYS C 367 38.33 15.64 4.76
CA LYS C 367 38.15 16.46 3.57
C LYS C 367 38.42 15.69 2.28
N LYS C 368 38.99 14.49 2.35
CA LYS C 368 39.25 13.72 1.15
C LYS C 368 37.94 13.34 0.49
N PRO C 369 37.80 13.54 -0.82
CA PRO C 369 36.51 13.21 -1.47
C PRO C 369 36.14 11.74 -1.39
N ASP C 370 37.12 10.84 -1.40
CA ASP C 370 36.86 9.40 -1.35
C ASP C 370 36.88 8.86 0.08
N CYS C 371 36.53 9.67 1.07
CA CYS C 371 36.53 9.27 2.46
C CYS C 371 35.10 9.06 2.93
N VAL C 372 34.88 8.01 3.73
CA VAL C 372 33.55 7.68 4.23
C VAL C 372 33.63 7.45 5.73
N LYS C 373 34.42 6.46 6.15
CA LYS C 373 34.60 6.15 7.56
C LYS C 373 36.08 6.04 7.88
N ILE C 374 36.55 6.82 8.85
CA ILE C 374 37.93 6.76 9.33
C ILE C 374 37.94 5.88 10.57
N LEU C 375 38.71 4.80 10.53
CA LEU C 375 38.87 3.89 11.66
C LEU C 375 40.11 4.26 12.46
N ILE C 376 39.96 4.37 13.77
CA ILE C 376 41.06 4.70 14.67
C ILE C 376 41.45 3.43 15.44
N LYS C 377 42.71 3.04 15.33
CA LYS C 377 43.22 1.86 16.01
C LYS C 377 44.19 2.27 17.11
N PHE C 378 44.50 1.32 17.99
CA PHE C 378 45.39 1.57 19.12
C PHE C 378 46.50 0.52 19.13
N LEU C 379 47.75 0.98 19.03
CA LEU C 379 48.89 0.08 19.12
C LEU C 379 49.08 -0.40 20.55
N GLU C 380 50.08 0.13 21.24
CA GLU C 380 50.34 -0.21 22.64
C GLU C 380 51.08 0.93 23.35
N LYS D 4 -12.74 -64.11 20.93
CA LYS D 4 -11.56 -64.01 20.07
C LYS D 4 -11.97 -63.68 18.63
N ALA D 5 -11.27 -62.69 18.03
CA ALA D 5 -11.40 -62.24 16.65
C ALA D 5 -12.73 -61.53 16.40
N PRO D 6 -12.71 -60.31 15.86
CA PRO D 6 -13.96 -59.60 15.57
C PRO D 6 -14.77 -60.31 14.50
N GLY D 7 -16.04 -59.93 14.41
CA GLY D 7 -16.95 -60.56 13.48
C GLY D 7 -17.92 -59.59 12.82
N VAL D 8 -19.01 -60.13 12.26
CA VAL D 8 -19.98 -59.31 11.55
C VAL D 8 -20.80 -58.48 12.53
N ILE D 9 -21.03 -57.22 12.19
CA ILE D 9 -21.83 -56.31 13.01
C ILE D 9 -23.07 -55.93 12.21
N THR D 10 -24.23 -56.05 12.83
CA THR D 10 -25.48 -55.58 12.26
C THR D 10 -25.97 -54.36 13.04
N CYS D 11 -26.50 -53.38 12.32
CA CYS D 11 -26.91 -52.12 12.93
C CYS D 11 -27.80 -51.36 11.95
N LYS D 12 -28.08 -50.10 12.27
CA LYS D 12 -28.90 -49.23 11.44
C LYS D 12 -28.02 -48.26 10.66
N ALA D 13 -28.57 -47.75 9.56
CA ALA D 13 -27.86 -46.78 8.72
C ALA D 13 -28.87 -46.09 7.82
N ALA D 14 -28.48 -44.90 7.36
CA ALA D 14 -29.27 -44.15 6.39
C ALA D 14 -28.86 -44.58 4.98
N VAL D 15 -29.84 -44.95 4.17
CA VAL D 15 -29.58 -45.48 2.83
C VAL D 15 -30.49 -44.75 1.84
N VAL D 16 -29.91 -44.35 0.71
CA VAL D 16 -30.65 -43.76 -0.40
C VAL D 16 -30.45 -44.64 -1.62
N TRP D 17 -31.54 -44.87 -2.38
CA TRP D 17 -31.53 -45.84 -3.46
C TRP D 17 -31.57 -45.23 -4.85
N GLU D 18 -31.99 -43.97 -4.99
CA GLU D 18 -32.09 -43.33 -6.29
C GLU D 18 -31.67 -41.87 -6.17
N SER D 19 -31.34 -41.27 -7.31
CA SER D 19 -31.00 -39.85 -7.35
C SER D 19 -32.24 -39.02 -6.98
N SER D 20 -32.02 -38.01 -6.13
CA SER D 20 -33.10 -37.15 -5.65
C SER D 20 -34.24 -37.97 -5.04
N GLY D 21 -33.86 -39.05 -4.34
CA GLY D 21 -34.83 -39.93 -3.74
C GLY D 21 -34.84 -39.84 -2.23
N PRO D 22 -35.75 -40.59 -1.60
CA PRO D 22 -35.82 -40.57 -0.14
C PRO D 22 -34.63 -41.28 0.50
N VAL D 23 -34.40 -40.95 1.76
CA VAL D 23 -33.31 -41.52 2.55
C VAL D 23 -33.96 -42.46 3.57
N VAL D 24 -33.98 -43.75 3.27
CA VAL D 24 -34.65 -44.74 4.10
C VAL D 24 -33.67 -45.30 5.12
N LEU D 25 -34.11 -45.41 6.37
CA LEU D 25 -33.30 -45.99 7.42
C LEU D 25 -33.37 -47.51 7.34
N GLU D 26 -32.23 -48.15 7.08
CA GLU D 26 -32.17 -49.57 6.78
C GLU D 26 -31.38 -50.32 7.84
N GLU D 27 -31.65 -51.62 7.92
CA GLU D 27 -30.92 -52.54 8.79
C GLU D 27 -29.79 -53.17 7.98
N ILE D 28 -28.55 -52.80 8.27
CA ILE D 28 -27.43 -53.17 7.43
C ILE D 28 -26.54 -54.20 8.11
N ARG D 29 -25.52 -54.67 7.39
CA ARG D 29 -24.60 -55.69 7.86
C ARG D 29 -23.17 -55.23 7.56
N VAL D 30 -22.42 -54.90 8.61
CA VAL D 30 -21.07 -54.35 8.47
C VAL D 30 -20.06 -55.47 8.70
N ASP D 31 -19.19 -55.70 7.71
CA ASP D 31 -18.17 -56.73 7.82
C ASP D 31 -17.05 -56.28 8.75
N PRO D 32 -16.31 -57.22 9.32
CA PRO D 32 -15.15 -56.84 10.16
C PRO D 32 -14.06 -56.19 9.33
N PRO D 33 -13.18 -55.41 9.97
CA PRO D 33 -12.14 -54.70 9.20
C PRO D 33 -11.00 -55.62 8.83
N LYS D 34 -10.60 -55.58 7.56
CA LYS D 34 -9.52 -56.41 7.07
C LYS D 34 -8.19 -55.67 7.15
N ALA D 35 -7.23 -56.05 6.31
CA ALA D 35 -5.88 -55.50 6.40
C ALA D 35 -5.90 -54.00 6.17
N SER D 36 -5.18 -53.27 7.03
CA SER D 36 -5.03 -51.81 6.95
C SER D 36 -6.37 -51.07 7.08
N GLU D 37 -7.39 -51.74 7.63
CA GLU D 37 -8.70 -51.14 7.82
C GLU D 37 -9.05 -51.12 9.30
N VAL D 38 -9.91 -50.18 9.68
CA VAL D 38 -10.42 -50.08 11.04
C VAL D 38 -11.93 -49.98 10.98
N ARG D 39 -12.59 -50.45 12.04
CA ARG D 39 -14.03 -50.33 12.18
C ARG D 39 -14.35 -49.32 13.27
N ILE D 40 -15.36 -48.49 13.03
CA ILE D 40 -15.66 -47.34 13.88
C ILE D 40 -17.08 -47.48 14.40
N LYS D 41 -17.27 -47.12 15.68
CA LYS D 41 -18.60 -46.89 16.22
C LYS D 41 -18.84 -45.39 16.23
N MET D 42 -19.84 -44.94 15.47
CA MET D 42 -20.06 -43.52 15.29
C MET D 42 -20.54 -42.87 16.57
N LEU D 43 -19.95 -41.72 16.90
CA LEU D 43 -20.37 -40.91 18.03
C LEU D 43 -21.20 -39.70 17.63
N CYS D 44 -20.81 -39.03 16.54
CA CYS D 44 -21.55 -37.88 16.02
C CYS D 44 -21.50 -37.90 14.50
N ALA D 45 -22.44 -37.19 13.90
CA ALA D 45 -22.49 -37.02 12.45
C ALA D 45 -23.06 -35.65 12.15
N SER D 46 -23.01 -35.27 10.86
CA SER D 46 -23.47 -33.95 10.47
C SER D 46 -23.81 -33.96 8.99
N LEU D 47 -24.43 -32.87 8.54
CA LEU D 47 -24.84 -32.68 7.16
C LEU D 47 -24.01 -31.60 6.48
N CYS D 48 -24.19 -31.50 5.18
CA CYS D 48 -23.49 -30.55 4.33
C CYS D 48 -24.13 -30.62 2.95
N HIS D 49 -23.97 -29.56 2.16
CA HIS D 49 -24.49 -29.57 0.80
C HIS D 49 -23.87 -30.69 -0.02
N THR D 50 -22.63 -31.07 0.30
CA THR D 50 -22.00 -32.20 -0.36
C THR D 50 -22.83 -33.48 -0.19
N ASP D 51 -23.42 -33.66 1.01
CA ASP D 51 -24.29 -34.80 1.23
C ASP D 51 -25.57 -34.70 0.40
N VAL D 52 -26.03 -33.49 0.11
CA VAL D 52 -27.17 -33.33 -0.78
C VAL D 52 -26.78 -33.68 -2.22
N LEU D 53 -25.57 -33.27 -2.63
CA LEU D 53 -25.08 -33.63 -3.96
C LEU D 53 -24.92 -35.14 -4.10
N CYS D 54 -24.58 -35.83 -3.01
CA CYS D 54 -24.42 -37.28 -3.06
C CYS D 54 -25.76 -37.97 -3.31
N THR D 55 -26.84 -37.44 -2.74
CA THR D 55 -28.16 -38.01 -2.94
C THR D 55 -28.76 -37.67 -4.30
N LYS D 56 -28.20 -36.69 -5.01
CA LYS D 56 -28.68 -36.32 -6.34
C LYS D 56 -27.80 -36.84 -7.45
N GLY D 57 -26.85 -37.73 -7.15
CA GLY D 57 -26.01 -38.32 -8.16
C GLY D 57 -24.79 -37.52 -8.54
N PHE D 58 -24.38 -36.55 -7.73
CA PHE D 58 -23.22 -35.74 -8.02
C PHE D 58 -22.10 -36.03 -7.04
N PRO D 59 -20.85 -36.18 -7.52
CA PRO D 59 -20.47 -36.07 -8.93
C PRO D 59 -20.70 -37.37 -9.71
N ILE D 60 -20.58 -38.51 -9.04
CA ILE D 60 -20.78 -39.81 -9.64
C ILE D 60 -22.00 -40.46 -8.99
N PRO D 61 -23.02 -40.86 -9.75
CA PRO D 61 -24.22 -41.43 -9.15
C PRO D 61 -24.03 -42.91 -8.81
N LEU D 62 -23.90 -43.19 -7.51
CA LEU D 62 -23.73 -44.54 -7.00
C LEU D 62 -24.83 -44.84 -6.00
N PHE D 63 -25.57 -45.93 -6.22
CA PHE D 63 -26.69 -46.32 -5.38
C PHE D 63 -26.79 -47.83 -5.33
N PRO D 64 -27.19 -48.42 -4.18
CA PRO D 64 -27.55 -47.73 -2.93
C PRO D 64 -26.32 -47.18 -2.20
N ARG D 65 -26.51 -46.10 -1.45
CA ARG D 65 -25.40 -45.41 -0.81
C ARG D 65 -25.79 -45.04 0.61
N ILE D 66 -24.80 -45.02 1.50
CA ILE D 66 -24.97 -44.54 2.86
C ILE D 66 -24.30 -43.18 2.95
N PRO D 67 -25.06 -42.07 2.93
CA PRO D 67 -24.45 -40.75 2.84
C PRO D 67 -23.72 -40.34 4.11
N GLY D 68 -23.20 -39.12 4.13
CA GLY D 68 -22.50 -38.61 5.30
C GLY D 68 -21.00 -38.72 5.20
N HIS D 69 -20.30 -37.71 5.70
CA HIS D 69 -18.84 -37.70 5.69
C HIS D 69 -18.32 -36.93 6.89
N GLU D 70 -19.15 -36.03 7.42
CA GLU D 70 -18.83 -35.30 8.64
C GLU D 70 -19.20 -36.17 9.84
N GLY D 71 -18.26 -36.36 10.75
CA GLY D 71 -18.55 -37.15 11.93
C GLY D 71 -17.30 -37.46 12.73
N VAL D 72 -17.51 -38.24 13.78
CA VAL D 72 -16.43 -38.66 14.67
C VAL D 72 -16.87 -39.95 15.32
N GLY D 73 -15.91 -40.82 15.64
CA GLY D 73 -16.23 -42.11 16.21
C GLY D 73 -15.08 -42.65 17.05
N VAL D 74 -15.29 -43.89 17.52
CA VAL D 74 -14.32 -44.59 18.36
C VAL D 74 -13.98 -45.90 17.69
N ILE D 75 -12.68 -46.25 17.69
CA ILE D 75 -12.24 -47.51 17.09
C ILE D 75 -12.84 -48.67 17.87
N GLU D 76 -13.58 -49.52 17.16
CA GLU D 76 -14.15 -50.73 17.75
C GLU D 76 -13.29 -51.96 17.49
N SER D 77 -12.69 -52.07 16.31
CA SER D 77 -11.82 -53.19 15.98
C SER D 77 -10.85 -52.74 14.89
N ILE D 78 -9.73 -53.44 14.79
CA ILE D 78 -8.68 -53.12 13.83
C ILE D 78 -8.21 -54.39 13.14
N GLY D 79 -7.70 -54.22 11.92
CA GLY D 79 -7.03 -55.29 11.21
C GLY D 79 -5.52 -55.18 11.36
N LYS D 80 -4.82 -56.05 10.63
CA LYS D 80 -3.37 -56.01 10.63
C LYS D 80 -2.87 -54.72 9.97
N ASP D 81 -1.72 -54.25 10.45
CA ASP D 81 -1.07 -53.06 9.91
C ASP D 81 -2.01 -51.85 9.98
N ALA D 82 -2.58 -51.62 11.15
CA ALA D 82 -3.42 -50.46 11.38
C ALA D 82 -2.61 -49.19 11.65
N LYS D 83 -1.28 -49.26 11.55
CA LYS D 83 -0.41 -48.10 11.71
C LYS D 83 -0.60 -47.45 13.07
N GLY D 84 -0.52 -48.27 14.13
CA GLY D 84 -0.60 -47.77 15.50
C GLY D 84 -1.99 -47.54 16.03
N LEU D 85 -3.02 -47.61 15.19
CA LEU D 85 -4.39 -47.40 15.66
C LEU D 85 -4.85 -48.59 16.47
N LYS D 86 -5.44 -48.32 17.62
CA LYS D 86 -5.92 -49.35 18.54
C LYS D 86 -7.36 -49.03 18.93
N PRO D 87 -8.11 -50.03 19.40
CA PRO D 87 -9.47 -49.77 19.87
C PRO D 87 -9.48 -48.76 21.02
N GLY D 88 -10.55 -47.96 21.06
CA GLY D 88 -10.70 -46.93 22.05
C GLY D 88 -10.28 -45.55 21.59
N ASP D 89 -9.44 -45.46 20.56
CA ASP D 89 -8.99 -44.17 20.07
C ASP D 89 -10.13 -43.42 19.41
N ILE D 90 -10.31 -42.15 19.79
CA ILE D 90 -11.30 -41.29 19.14
C ILE D 90 -10.71 -40.79 17.84
N VAL D 91 -11.32 -41.18 16.72
CA VAL D 91 -10.80 -40.83 15.40
C VAL D 91 -11.83 -40.02 14.64
N MET D 92 -11.34 -39.30 13.63
CA MET D 92 -12.15 -38.45 12.79
C MET D 92 -11.88 -38.82 11.33
N PRO D 93 -12.92 -39.10 10.55
CA PRO D 93 -12.69 -39.45 9.14
C PRO D 93 -12.06 -38.30 8.37
N LEU D 94 -11.25 -38.64 7.38
CA LEU D 94 -10.51 -37.68 6.58
C LEU D 94 -10.98 -37.71 5.14
N TYR D 95 -10.97 -36.53 4.51
CA TYR D 95 -11.28 -36.43 3.08
C TYR D 95 -10.13 -36.95 2.23
N LEU D 96 -8.90 -36.92 2.76
CA LEU D 96 -7.71 -37.40 2.08
C LEU D 96 -6.57 -37.44 3.08
N GLY D 97 -5.69 -38.42 2.93
CA GLY D 97 -4.60 -38.62 3.86
C GLY D 97 -3.41 -37.73 3.58
N GLU D 98 -2.27 -38.10 4.18
CA GLU D 98 -1.04 -37.35 3.98
C GLU D 98 0.13 -38.27 4.32
N CYS D 99 0.72 -38.88 3.29
CA CYS D 99 1.85 -39.78 3.52
C CYS D 99 3.09 -39.01 3.98
N GLY D 100 3.25 -37.77 3.53
CA GLY D 100 4.38 -36.95 3.90
C GLY D 100 5.64 -37.17 3.11
N GLN D 101 5.69 -38.19 2.24
CA GLN D 101 6.91 -38.51 1.51
C GLN D 101 6.74 -38.50 -0.01
N CYS D 102 5.56 -38.16 -0.52
CA CYS D 102 5.37 -38.08 -1.97
C CYS D 102 5.90 -36.74 -2.49
N LEU D 103 5.90 -36.62 -3.82
CA LEU D 103 6.42 -35.40 -4.44
C LEU D 103 5.60 -34.17 -4.06
N ASN D 104 4.28 -34.33 -3.89
CA ASN D 104 3.45 -33.19 -3.53
C ASN D 104 3.52 -32.86 -2.05
N CYS D 105 3.70 -33.88 -1.19
CA CYS D 105 3.77 -33.62 0.24
C CYS D 105 5.08 -32.94 0.62
N LYS D 106 6.15 -33.20 -0.12
CA LYS D 106 7.46 -32.64 0.22
C LYS D 106 7.59 -31.17 -0.19
N THR D 107 6.72 -30.68 -1.07
CA THR D 107 6.77 -29.27 -1.43
C THR D 107 6.22 -28.39 -0.33
N GLY D 108 5.20 -28.88 0.39
CA GLY D 108 4.60 -28.08 1.44
C GLY D 108 3.69 -26.98 0.96
N LYS D 109 3.28 -27.03 -0.31
CA LYS D 109 2.39 -26.03 -0.88
C LYS D 109 1.00 -26.58 -1.20
N THR D 110 0.76 -27.87 -0.96
CA THR D 110 -0.53 -28.48 -1.25
C THR D 110 -0.81 -29.56 -0.24
N ASN D 111 -2.09 -29.88 -0.09
CA ASN D 111 -2.54 -30.96 0.79
C ASN D 111 -3.02 -32.18 0.01
N LEU D 112 -2.93 -32.15 -1.32
CA LEU D 112 -3.41 -33.25 -2.17
C LEU D 112 -2.30 -34.27 -2.32
N CYS D 113 -2.24 -35.20 -1.37
CA CYS D 113 -1.22 -36.23 -1.38
C CYS D 113 -1.44 -37.21 -2.54
N HIS D 114 -0.33 -37.58 -3.20
CA HIS D 114 -0.41 -38.51 -4.32
C HIS D 114 -0.74 -39.93 -3.86
N VAL D 115 -0.37 -40.28 -2.63
CA VAL D 115 -0.55 -41.65 -2.17
C VAL D 115 -1.94 -41.86 -1.60
N TYR D 116 -2.49 -40.86 -0.93
CA TYR D 116 -3.82 -40.93 -0.33
C TYR D 116 -4.67 -39.78 -0.87
N PRO D 117 -5.13 -39.88 -2.11
CA PRO D 117 -5.99 -38.84 -2.67
C PRO D 117 -7.44 -39.06 -2.23
N PRO D 118 -8.33 -38.09 -2.48
CA PRO D 118 -9.74 -38.32 -2.17
C PRO D 118 -10.31 -39.50 -2.94
N SER D 119 -11.19 -40.24 -2.29
CA SER D 119 -11.81 -41.41 -2.90
C SER D 119 -13.15 -41.04 -3.53
N PHE D 120 -13.49 -41.75 -4.61
CA PHE D 120 -14.77 -41.55 -5.28
C PHE D 120 -15.38 -42.86 -5.77
N SER D 121 -14.74 -44.00 -5.55
CA SER D 121 -15.28 -45.28 -6.01
C SER D 121 -16.44 -45.75 -5.15
N GLY D 122 -16.60 -45.18 -3.95
CA GLY D 122 -17.64 -45.66 -3.05
C GLY D 122 -17.39 -47.02 -2.45
N LEU D 123 -16.22 -47.61 -2.69
CA LEU D 123 -15.88 -48.92 -2.18
C LEU D 123 -14.50 -48.87 -1.56
N MET D 124 -14.10 -49.99 -0.94
CA MET D 124 -12.78 -50.10 -0.36
C MET D 124 -11.74 -50.28 -1.47
N ASN D 125 -10.47 -50.42 -1.05
CA ASN D 125 -9.39 -50.51 -2.02
C ASN D 125 -9.48 -51.77 -2.89
N ASP D 126 -10.01 -52.86 -2.34
CA ASP D 126 -10.13 -54.11 -3.07
C ASP D 126 -11.36 -54.17 -3.97
N GLY D 127 -12.04 -53.05 -4.17
CA GLY D 127 -13.20 -53.02 -5.05
C GLY D 127 -14.48 -53.61 -4.47
N THR D 128 -14.48 -53.98 -3.19
CA THR D 128 -15.65 -54.53 -2.54
C THR D 128 -16.11 -53.59 -1.41
N SER D 129 -17.32 -53.84 -0.91
CA SER D 129 -17.92 -53.03 0.12
C SER D 129 -18.04 -53.83 1.41
N ARG D 130 -17.73 -53.19 2.53
CA ARG D 130 -17.87 -53.81 3.84
C ARG D 130 -19.32 -53.89 4.29
N MET D 131 -20.21 -53.12 3.67
CA MET D 131 -21.57 -52.96 4.16
C MET D 131 -22.57 -53.64 3.23
N SER D 132 -23.52 -54.35 3.83
CA SER D 132 -24.55 -55.10 3.11
C SER D 132 -25.91 -54.70 3.65
N ILE D 133 -26.95 -55.13 2.93
CA ILE D 133 -28.32 -55.03 3.45
C ILE D 133 -28.64 -56.36 4.13
N ALA D 134 -28.90 -56.30 5.44
CA ALA D 134 -29.04 -57.52 6.23
C ALA D 134 -30.17 -58.42 5.75
N ARG D 135 -31.15 -57.87 5.02
CA ARG D 135 -32.27 -58.66 4.56
C ARG D 135 -32.04 -59.24 3.17
N THR D 136 -31.53 -58.44 2.24
CA THR D 136 -31.37 -58.85 0.85
C THR D 136 -29.93 -59.15 0.44
N GLY D 137 -28.95 -58.53 1.08
CA GLY D 137 -27.56 -58.81 0.79
C GLY D 137 -26.89 -57.89 -0.19
N GLU D 138 -27.59 -56.88 -0.70
CA GLU D 138 -27.00 -55.98 -1.68
C GLU D 138 -25.91 -55.14 -1.04
N SER D 139 -24.72 -55.16 -1.63
CA SER D 139 -23.62 -54.34 -1.13
C SER D 139 -23.94 -52.87 -1.35
N ILE D 140 -23.59 -52.05 -0.37
CA ILE D 140 -23.91 -50.63 -0.36
C ILE D 140 -22.63 -49.82 -0.52
N TYR D 141 -22.68 -48.80 -1.36
CA TYR D 141 -21.54 -47.90 -1.53
C TYR D 141 -21.45 -46.96 -0.34
N HIS D 142 -20.25 -46.80 0.20
CA HIS D 142 -20.03 -45.76 1.19
C HIS D 142 -19.82 -44.42 0.50
N PHE D 143 -19.52 -43.38 1.28
CA PHE D 143 -19.34 -42.05 0.72
C PHE D 143 -18.01 -41.46 1.19
N ALA D 144 -17.35 -40.73 0.30
CA ALA D 144 -16.05 -40.11 0.54
C ALA D 144 -15.08 -41.23 0.91
N SER D 145 -14.40 -41.17 2.06
CA SER D 145 -13.55 -42.25 2.51
C SER D 145 -14.15 -43.03 3.67
N CYS D 146 -15.26 -42.55 4.24
CA CYS D 146 -15.95 -43.23 5.34
C CYS D 146 -17.32 -42.62 5.56
N SER D 147 -18.37 -43.44 5.48
CA SER D 147 -19.71 -42.96 5.76
C SER D 147 -19.88 -42.72 7.25
N THR D 148 -20.62 -41.66 7.59
CA THR D 148 -20.88 -41.32 8.98
C THR D 148 -22.34 -41.44 9.39
N TRP D 149 -23.27 -41.51 8.44
CA TRP D 149 -24.68 -41.67 8.77
C TRP D 149 -25.00 -43.13 9.01
N THR D 150 -24.19 -43.78 9.85
CA THR D 150 -24.35 -45.19 10.17
C THR D 150 -23.77 -45.43 11.55
N GLU D 151 -24.29 -46.44 12.24
CA GLU D 151 -23.81 -46.74 13.58
C GLU D 151 -22.41 -47.34 13.56
N TYR D 152 -22.07 -48.09 12.51
CA TYR D 152 -20.76 -48.69 12.38
C TYR D 152 -20.28 -48.55 10.94
N ALA D 153 -19.00 -48.22 10.77
CA ALA D 153 -18.41 -48.05 9.46
C ALA D 153 -16.98 -48.56 9.47
N VAL D 154 -16.50 -48.94 8.29
CA VAL D 154 -15.13 -49.43 8.09
C VAL D 154 -14.42 -48.48 7.14
N ALA D 155 -13.21 -48.08 7.51
CA ALA D 155 -12.42 -47.16 6.70
C ALA D 155 -10.95 -47.55 6.76
N ASP D 156 -10.21 -47.14 5.74
CA ASP D 156 -8.77 -47.38 5.70
C ASP D 156 -8.07 -46.57 6.77
N CYS D 157 -7.02 -47.15 7.35
CA CYS D 157 -6.31 -46.50 8.45
C CYS D 157 -5.66 -45.20 8.03
N ASN D 158 -5.41 -45.00 6.73
CA ASN D 158 -4.77 -43.78 6.26
C ASN D 158 -5.76 -42.64 6.06
N TYR D 159 -7.06 -42.91 6.11
CA TYR D 159 -8.08 -41.89 5.93
C TYR D 159 -8.81 -41.57 7.23
N VAL D 160 -8.17 -41.82 8.38
CA VAL D 160 -8.69 -41.43 9.69
C VAL D 160 -7.57 -40.75 10.45
N LEU D 161 -7.94 -39.85 11.35
CA LEU D 161 -6.97 -39.12 12.17
C LEU D 161 -7.32 -39.31 13.63
N LYS D 162 -6.38 -39.85 14.40
CA LYS D 162 -6.55 -39.95 15.85
C LYS D 162 -6.46 -38.55 16.46
N ILE D 163 -7.48 -38.19 17.23
CA ILE D 163 -7.55 -36.84 17.79
C ILE D 163 -7.52 -36.91 19.31
N ASN D 164 -7.53 -35.75 19.95
CA ASN D 164 -7.47 -35.67 21.40
C ASN D 164 -8.79 -36.19 22.00
N PRO D 165 -8.75 -37.07 23.00
CA PRO D 165 -10.00 -37.51 23.64
C PRO D 165 -10.69 -36.44 24.45
N LYS D 166 -10.12 -35.23 24.55
CA LYS D 166 -10.71 -34.14 25.31
C LYS D 166 -11.69 -33.31 24.48
N ILE D 167 -11.51 -33.26 23.16
CA ILE D 167 -12.37 -32.43 22.32
C ILE D 167 -13.79 -32.95 22.37
N SER D 168 -14.75 -32.03 22.46
CA SER D 168 -16.15 -32.42 22.48
C SER D 168 -16.52 -33.06 21.15
N TYR D 169 -17.23 -34.19 21.21
CA TYR D 169 -17.53 -34.94 20.00
C TYR D 169 -18.35 -34.15 18.98
N PRO D 170 -19.31 -33.29 19.38
CA PRO D 170 -19.91 -32.40 18.37
C PRO D 170 -18.91 -31.43 17.76
N HIS D 171 -17.94 -30.95 18.54
CA HIS D 171 -16.94 -30.02 17.98
C HIS D 171 -16.08 -30.71 16.93
N ALA D 172 -15.64 -31.94 17.20
CA ALA D 172 -14.80 -32.65 16.25
C ALA D 172 -15.54 -32.91 14.94
N SER D 173 -16.86 -33.13 15.01
CA SER D 173 -17.64 -33.30 13.78
C SER D 173 -17.68 -32.01 12.98
N PHE D 174 -17.88 -30.87 13.65
CA PHE D 174 -17.91 -29.59 12.96
C PHE D 174 -16.53 -29.21 12.41
N LEU D 175 -15.48 -29.92 12.82
CA LEU D 175 -14.14 -29.73 12.30
C LEU D 175 -13.76 -30.76 11.24
N SER D 176 -14.69 -31.64 10.87
CA SER D 176 -14.41 -32.67 9.87
C SER D 176 -14.48 -32.13 8.44
N CYS D 177 -15.13 -30.99 8.23
CA CYS D 177 -15.34 -30.48 6.88
C CYS D 177 -15.52 -28.97 6.86
N GLY D 178 -16.72 -28.50 7.14
CA GLY D 178 -17.10 -27.10 6.98
C GLY D 178 -16.16 -26.08 7.58
N PHE D 179 -16.14 -25.97 8.92
CA PHE D 179 -15.38 -24.92 9.57
C PHE D 179 -13.89 -25.04 9.27
N THR D 180 -13.36 -26.26 9.27
CA THR D 180 -11.94 -26.45 9.02
C THR D 180 -11.56 -26.00 7.62
N THR D 181 -12.44 -26.22 6.64
CA THR D 181 -12.16 -25.81 5.27
C THR D 181 -12.11 -24.29 5.15
N GLY D 182 -13.08 -23.60 5.76
CA GLY D 182 -13.07 -22.15 5.71
C GLY D 182 -11.93 -21.54 6.50
N PHE D 183 -11.57 -22.15 7.63
CA PHE D 183 -10.48 -21.63 8.45
C PHE D 183 -9.15 -21.78 7.73
N GLY D 184 -8.86 -22.97 7.21
CA GLY D 184 -7.57 -23.22 6.60
C GLY D 184 -7.35 -22.46 5.31
N ALA D 185 -8.43 -22.11 4.61
CA ALA D 185 -8.28 -21.43 3.33
C ALA D 185 -7.68 -20.04 3.48
N THR D 186 -7.77 -19.43 4.66
CA THR D 186 -7.26 -18.08 4.88
C THR D 186 -5.76 -18.05 5.18
N TRP D 187 -5.07 -19.18 5.11
CA TRP D 187 -3.62 -19.16 5.22
C TRP D 187 -2.92 -20.28 4.45
N ARG D 188 -3.65 -21.19 3.81
CA ARG D 188 -3.03 -22.24 2.99
C ARG D 188 -3.16 -21.95 1.50
N GLU D 189 -4.38 -21.70 1.01
CA GLU D 189 -4.57 -21.38 -0.40
C GLU D 189 -4.16 -19.94 -0.69
N THR D 190 -4.83 -18.97 -0.05
CA THR D 190 -4.36 -17.60 -0.02
C THR D 190 -4.16 -17.18 1.43
N GLN D 191 -3.18 -16.31 1.65
CA GLN D 191 -2.75 -15.93 2.99
C GLN D 191 -3.25 -14.54 3.30
N VAL D 192 -4.32 -14.46 4.09
CA VAL D 192 -4.85 -13.17 4.55
C VAL D 192 -3.83 -12.55 5.49
N SER D 193 -3.26 -11.41 5.09
CA SER D 193 -2.23 -10.76 5.87
C SER D 193 -2.85 -9.73 6.82
N LYS D 194 -2.00 -9.14 7.65
CA LYS D 194 -2.46 -8.15 8.62
C LYS D 194 -2.93 -6.89 7.89
N GLY D 195 -4.15 -6.45 8.19
CA GLY D 195 -4.68 -5.23 7.63
C GLY D 195 -5.08 -5.34 6.17
N SER D 196 -5.79 -6.41 5.81
CA SER D 196 -6.22 -6.65 4.44
C SER D 196 -7.74 -6.76 4.40
N SER D 197 -8.28 -6.70 3.18
CA SER D 197 -9.72 -6.76 2.95
C SER D 197 -10.12 -8.17 2.57
N VAL D 198 -11.22 -8.65 3.14
CA VAL D 198 -11.71 -10.01 2.91
C VAL D 198 -13.23 -9.96 2.78
N ALA D 199 -13.74 -10.51 1.67
CA ALA D 199 -15.18 -10.64 1.46
C ALA D 199 -15.52 -12.13 1.42
N VAL D 200 -16.45 -12.54 2.27
CA VAL D 200 -16.89 -13.93 2.35
C VAL D 200 -18.28 -14.01 1.74
N PHE D 201 -18.39 -14.72 0.63
CA PHE D 201 -19.68 -14.90 -0.03
C PHE D 201 -20.38 -16.11 0.56
N GLY D 202 -21.55 -15.89 1.14
CA GLY D 202 -22.27 -16.95 1.83
C GLY D 202 -21.72 -17.18 3.22
N ILE D 203 -22.53 -16.91 4.24
CA ILE D 203 -22.08 -17.03 5.62
C ILE D 203 -22.66 -18.28 6.24
N GLY D 204 -22.34 -19.43 5.68
CA GLY D 204 -22.65 -20.71 6.27
C GLY D 204 -21.54 -21.12 7.22
N THR D 205 -21.51 -22.42 7.52
CA THR D 205 -20.44 -22.93 8.38
C THR D 205 -19.08 -22.83 7.70
N VAL D 206 -19.06 -22.87 6.37
CA VAL D 206 -17.80 -22.64 5.66
C VAL D 206 -17.44 -21.16 5.67
N GLY D 207 -18.43 -20.29 5.49
CA GLY D 207 -18.16 -18.86 5.54
C GLY D 207 -17.71 -18.41 6.92
N LEU D 208 -18.29 -18.98 7.97
CA LEU D 208 -17.91 -18.59 9.33
C LEU D 208 -16.47 -18.99 9.64
N GLY D 209 -15.96 -20.04 9.01
CA GLY D 209 -14.57 -20.39 9.17
C GLY D 209 -13.64 -19.36 8.54
N VAL D 210 -14.01 -18.84 7.38
CA VAL D 210 -13.19 -17.81 6.73
C VAL D 210 -13.19 -16.53 7.56
N ILE D 211 -14.36 -16.15 8.09
CA ILE D 211 -14.45 -14.92 8.88
C ILE D 211 -13.58 -15.03 10.12
N LYS D 212 -13.81 -16.07 10.94
CA LYS D 212 -12.96 -16.29 12.11
C LYS D 212 -11.51 -16.53 11.70
N GLY D 213 -11.28 -17.03 10.49
CA GLY D 213 -9.93 -17.19 10.00
C GLY D 213 -9.27 -15.85 9.69
N ALA D 214 -9.99 -14.98 8.95
CA ALA D 214 -9.42 -13.70 8.58
C ALA D 214 -9.18 -12.80 9.79
N GLN D 215 -9.95 -12.98 10.86
CA GLN D 215 -9.76 -12.16 12.06
C GLN D 215 -8.47 -12.53 12.76
N LEU D 216 -8.22 -13.82 12.96
CA LEU D 216 -7.02 -14.26 13.67
C LEU D 216 -5.74 -13.93 12.92
N GLN D 217 -5.83 -13.66 11.61
CA GLN D 217 -4.68 -13.21 10.85
C GLN D 217 -4.55 -11.69 10.82
N GLY D 218 -5.60 -10.96 11.18
CA GLY D 218 -5.52 -9.53 11.30
C GLY D 218 -6.11 -8.76 10.13
N ALA D 219 -7.26 -9.20 9.63
CA ALA D 219 -7.90 -8.52 8.52
C ALA D 219 -8.65 -7.29 9.02
N SER D 220 -8.43 -6.16 8.36
CA SER D 220 -9.12 -4.93 8.74
C SER D 220 -10.60 -5.02 8.41
N LYS D 221 -10.92 -5.20 7.14
CA LYS D 221 -12.30 -5.27 6.67
C LYS D 221 -12.63 -6.72 6.34
N ILE D 222 -13.68 -7.25 6.97
CA ILE D 222 -14.16 -8.60 6.73
C ILE D 222 -15.62 -8.48 6.33
N ILE D 223 -15.88 -8.50 5.03
CA ILE D 223 -17.23 -8.30 4.49
C ILE D 223 -17.94 -9.65 4.41
N GLY D 224 -19.15 -9.71 4.93
CA GLY D 224 -19.98 -10.90 4.83
C GLY D 224 -21.20 -10.65 3.98
N VAL D 225 -21.36 -11.41 2.90
CA VAL D 225 -22.44 -11.20 1.94
C VAL D 225 -23.28 -12.48 1.91
N ASP D 226 -24.45 -12.44 2.55
CA ASP D 226 -25.36 -13.58 2.55
C ASP D 226 -26.79 -13.10 2.37
N VAL D 227 -27.63 -14.01 1.89
CA VAL D 227 -29.03 -13.72 1.65
C VAL D 227 -29.82 -13.55 2.92
N ASN D 228 -29.30 -14.03 4.05
CA ASN D 228 -30.08 -14.22 5.28
C ASN D 228 -29.61 -13.29 6.38
N GLN D 229 -30.56 -12.56 6.97
CA GLN D 229 -30.25 -11.74 8.14
C GLN D 229 -30.02 -12.60 9.38
N TYR D 230 -30.61 -13.79 9.44
CA TYR D 230 -30.41 -14.67 10.59
C TYR D 230 -28.94 -15.05 10.73
N LYS D 231 -28.27 -15.34 9.62
CA LYS D 231 -26.85 -15.69 9.64
C LYS D 231 -25.95 -14.46 9.72
N ALA D 232 -26.51 -13.25 9.57
CA ALA D 232 -25.70 -12.05 9.69
C ALA D 232 -25.16 -11.88 11.11
N ALA D 233 -25.99 -12.17 12.12
CA ALA D 233 -25.56 -11.99 13.50
C ALA D 233 -24.48 -12.99 13.88
N LYS D 234 -24.61 -14.24 13.42
CA LYS D 234 -23.59 -15.25 13.73
C LYS D 234 -22.26 -14.94 13.08
N GLY D 235 -22.24 -14.17 11.98
CA GLY D 235 -20.99 -13.73 11.42
C GLY D 235 -20.33 -12.64 12.22
N LYS D 236 -21.14 -11.76 12.83
CA LYS D 236 -20.58 -10.69 13.65
C LYS D 236 -19.80 -11.23 14.85
N VAL D 237 -20.15 -12.43 15.33
CA VAL D 237 -19.49 -12.94 16.51
C VAL D 237 -18.10 -13.49 16.18
N PHE D 238 -17.89 -13.95 14.94
CA PHE D 238 -16.61 -14.54 14.57
C PHE D 238 -15.62 -13.51 14.03
N GLY D 239 -15.99 -12.23 13.98
CA GLY D 239 -15.06 -11.19 13.61
C GLY D 239 -15.40 -10.45 12.33
N MET D 240 -16.65 -10.55 11.89
CA MET D 240 -17.07 -9.86 10.68
C MET D 240 -17.27 -8.37 10.96
N THR D 241 -16.72 -7.53 10.10
CA THR D 241 -16.81 -6.09 10.28
C THR D 241 -18.00 -5.47 9.54
N ASP D 242 -18.23 -5.89 8.30
CA ASP D 242 -19.29 -5.32 7.48
C ASP D 242 -20.17 -6.44 6.93
N PHE D 243 -21.44 -6.11 6.69
CA PHE D 243 -22.41 -7.07 6.17
C PHE D 243 -23.10 -6.47 4.94
N ILE D 244 -23.48 -7.35 4.02
CA ILE D 244 -24.12 -6.97 2.77
C ILE D 244 -25.23 -7.96 2.47
N ASN D 245 -26.42 -7.46 2.15
CA ASN D 245 -27.55 -8.30 1.79
C ASN D 245 -27.98 -7.97 0.37
N PRO D 246 -27.91 -8.92 -0.57
CA PRO D 246 -28.25 -8.61 -1.97
C PRO D 246 -29.71 -8.24 -2.17
N LYS D 247 -30.62 -8.63 -1.28
CA LYS D 247 -32.03 -8.29 -1.46
C LYS D 247 -32.30 -6.81 -1.20
N ASP D 248 -31.53 -6.18 -0.31
CA ASP D 248 -31.79 -4.79 0.05
C ASP D 248 -31.52 -3.84 -1.11
N HIS D 249 -30.75 -4.24 -2.10
CA HIS D 249 -30.41 -3.38 -3.24
C HIS D 249 -30.47 -4.21 -4.51
N PRO D 250 -31.67 -4.40 -5.07
CA PRO D 250 -31.79 -5.25 -6.26
C PRO D 250 -31.18 -4.63 -7.52
N ASP D 251 -31.12 -3.30 -7.60
CA ASP D 251 -30.55 -2.67 -8.78
C ASP D 251 -29.04 -2.84 -8.87
N LYS D 252 -28.37 -3.06 -7.74
CA LYS D 252 -26.92 -3.21 -7.71
C LYS D 252 -26.53 -4.68 -7.54
N SER D 253 -25.41 -5.05 -8.15
CA SER D 253 -24.89 -6.40 -8.04
C SER D 253 -23.97 -6.52 -6.83
N VAL D 254 -23.72 -7.78 -6.43
CA VAL D 254 -22.87 -8.03 -5.27
C VAL D 254 -21.46 -7.51 -5.49
N SER D 255 -20.97 -7.57 -6.73
CA SER D 255 -19.61 -7.13 -7.01
C SER D 255 -19.44 -5.64 -6.70
N GLU D 256 -20.31 -4.79 -7.27
CA GLU D 256 -20.19 -3.36 -7.02
C GLU D 256 -20.67 -2.98 -5.62
N LEU D 257 -21.41 -3.86 -4.95
CA LEU D 257 -21.76 -3.60 -3.56
C LEU D 257 -20.54 -3.72 -2.65
N VAL D 258 -19.67 -4.71 -2.92
CA VAL D 258 -18.41 -4.79 -2.19
C VAL D 258 -17.48 -3.66 -2.60
N LYS D 259 -17.56 -3.23 -3.87
CA LYS D 259 -16.72 -2.13 -4.34
C LYS D 259 -17.12 -0.80 -3.71
N GLU D 260 -18.31 -0.70 -3.12
CA GLU D 260 -18.71 0.53 -2.44
C GLU D 260 -18.04 0.66 -1.08
N LEU D 261 -17.98 -0.43 -0.31
CA LEU D 261 -17.41 -0.41 1.02
C LEU D 261 -15.88 -0.49 1.02
N THR D 262 -15.25 -0.59 -0.15
CA THR D 262 -13.81 -0.75 -0.24
C THR D 262 -13.17 0.32 -1.12
N HIS D 263 -13.84 1.49 -1.23
CA HIS D 263 -13.31 2.63 -1.99
C HIS D 263 -13.07 2.29 -3.45
N GLY D 264 -13.92 1.45 -4.04
CA GLY D 264 -13.84 1.12 -5.46
C GLY D 264 -12.79 0.10 -5.84
N LEU D 265 -11.78 -0.13 -4.99
CA LEU D 265 -10.73 -1.07 -5.33
C LEU D 265 -11.23 -2.50 -5.32
N GLY D 266 -12.07 -2.85 -4.35
CA GLY D 266 -12.42 -4.23 -4.09
C GLY D 266 -11.67 -4.76 -2.88
N VAL D 267 -11.93 -6.03 -2.57
CA VAL D 267 -11.28 -6.68 -1.45
C VAL D 267 -10.06 -7.43 -1.95
N ASP D 268 -9.18 -7.78 -1.01
CA ASP D 268 -7.94 -8.48 -1.36
C ASP D 268 -8.17 -9.96 -1.61
N HIS D 269 -9.07 -10.58 -0.84
CA HIS D 269 -9.34 -12.01 -0.97
C HIS D 269 -10.84 -12.26 -0.88
N CYS D 270 -11.38 -12.96 -1.87
CA CYS D 270 -12.77 -13.36 -1.88
CA CYS D 270 -12.77 -13.37 -1.90
C CYS D 270 -12.86 -14.86 -1.68
N PHE D 271 -13.84 -15.29 -0.87
CA PHE D 271 -14.05 -16.69 -0.54
C PHE D 271 -15.46 -17.07 -0.92
N GLU D 272 -15.64 -17.59 -2.13
CA GLU D 272 -16.95 -18.07 -2.56
C GLU D 272 -17.25 -19.40 -1.87
N CYS D 273 -18.29 -19.42 -1.04
CA CYS D 273 -18.62 -20.60 -0.24
C CYS D 273 -20.01 -21.14 -0.53
N THR D 274 -20.75 -20.56 -1.47
CA THR D 274 -22.12 -20.99 -1.74
C THR D 274 -22.19 -22.05 -2.82
N GLY D 275 -21.27 -22.06 -3.77
CA GLY D 275 -21.35 -22.93 -4.91
C GLY D 275 -22.32 -22.50 -5.98
N VAL D 276 -23.02 -21.39 -5.78
CA VAL D 276 -23.94 -20.86 -6.79
C VAL D 276 -23.14 -20.43 -8.02
N PRO D 277 -23.54 -20.85 -9.24
CA PRO D 277 -22.70 -20.55 -10.41
C PRO D 277 -22.55 -19.07 -10.70
N SER D 278 -23.56 -18.26 -10.38
CA SER D 278 -23.47 -16.83 -10.66
C SER D 278 -22.54 -16.09 -9.72
N LEU D 279 -22.15 -16.70 -8.60
CA LEU D 279 -21.43 -15.98 -7.57
C LEU D 279 -19.92 -16.03 -7.72
N LEU D 280 -19.37 -17.02 -8.45
CA LEU D 280 -17.92 -17.01 -8.66
C LEU D 280 -17.50 -15.85 -9.55
N ASN D 281 -18.33 -15.50 -10.53
CA ASN D 281 -18.03 -14.33 -11.35
C ASN D 281 -18.16 -13.04 -10.55
N GLU D 282 -19.08 -13.00 -9.59
CA GLU D 282 -19.15 -11.83 -8.72
C GLU D 282 -18.00 -11.81 -7.72
N ALA D 283 -17.53 -12.97 -7.30
CA ALA D 283 -16.38 -13.02 -6.40
C ALA D 283 -15.12 -12.49 -7.08
N LEU D 284 -14.96 -12.78 -8.38
CA LEU D 284 -13.80 -12.28 -9.09
C LEU D 284 -13.85 -10.76 -9.22
N GLU D 285 -15.01 -10.21 -9.60
CA GLU D 285 -15.15 -8.76 -9.72
C GLU D 285 -15.09 -8.05 -8.38
N ALA D 286 -15.37 -8.77 -7.28
CA ALA D 286 -15.28 -8.18 -5.96
C ALA D 286 -13.84 -8.07 -5.48
N SER D 287 -12.93 -8.89 -6.01
CA SER D 287 -11.53 -8.80 -5.63
C SER D 287 -10.85 -7.63 -6.35
N LYS D 288 -9.69 -7.24 -5.81
CA LYS D 288 -8.97 -6.11 -6.36
C LYS D 288 -8.42 -6.44 -7.75
N ILE D 289 -8.33 -5.41 -8.59
CA ILE D 289 -7.75 -5.56 -9.91
C ILE D 289 -6.23 -5.68 -9.78
N GLY D 290 -5.67 -6.78 -10.24
CA GLY D 290 -4.23 -6.95 -10.26
C GLY D 290 -3.68 -7.75 -9.10
N ILE D 291 -4.21 -7.54 -7.90
CA ILE D 291 -3.73 -8.19 -6.69
C ILE D 291 -4.81 -8.97 -5.96
N GLY D 292 -6.01 -9.07 -6.51
CA GLY D 292 -7.07 -9.81 -5.86
C GLY D 292 -6.89 -11.31 -6.00
N THR D 293 -7.54 -12.05 -5.09
CA THR D 293 -7.46 -13.50 -5.06
C THR D 293 -8.83 -14.07 -4.72
N VAL D 294 -9.21 -15.16 -5.39
CA VAL D 294 -10.51 -15.79 -5.19
C VAL D 294 -10.29 -17.25 -4.89
N VAL D 295 -10.93 -17.74 -3.84
CA VAL D 295 -10.84 -19.13 -3.42
C VAL D 295 -12.24 -19.75 -3.53
N PRO D 296 -12.53 -20.45 -4.62
CA PRO D 296 -13.85 -21.08 -4.76
C PRO D 296 -13.99 -22.32 -3.90
N ILE D 297 -14.54 -22.16 -2.70
CA ILE D 297 -14.69 -23.26 -1.76
C ILE D 297 -15.99 -24.02 -2.01
N GLY D 298 -17.07 -23.31 -2.33
CA GLY D 298 -18.35 -23.97 -2.51
C GLY D 298 -18.36 -24.84 -3.75
N ALA D 299 -19.10 -25.95 -3.66
CA ALA D 299 -19.21 -26.92 -4.74
C ALA D 299 -20.61 -26.82 -5.35
N GLY D 300 -20.66 -26.73 -6.68
CA GLY D 300 -21.91 -26.67 -7.39
C GLY D 300 -22.32 -28.02 -7.95
N GLY D 301 -23.60 -28.12 -8.31
CA GLY D 301 -24.16 -29.35 -8.81
C GLY D 301 -24.06 -29.59 -10.29
N GLU D 302 -23.55 -28.62 -11.07
CA GLU D 302 -23.42 -28.79 -12.51
C GLU D 302 -21.96 -28.95 -12.90
N ALA D 303 -21.74 -29.62 -14.04
CA ALA D 303 -20.41 -30.06 -14.45
C ALA D 303 -19.49 -28.95 -14.94
N SER D 304 -19.99 -27.73 -15.12
CA SER D 304 -19.16 -26.64 -15.64
C SER D 304 -19.45 -25.36 -14.88
N VAL D 305 -18.53 -24.41 -14.98
CA VAL D 305 -18.65 -23.09 -14.37
C VAL D 305 -18.12 -22.06 -15.37
N ALA D 306 -18.86 -20.97 -15.54
CA ALA D 306 -18.51 -19.96 -16.53
C ALA D 306 -17.92 -18.72 -15.86
N ILE D 307 -16.95 -18.12 -16.53
CA ILE D 307 -16.26 -16.93 -16.04
C ILE D 307 -16.22 -15.91 -17.18
N ASN D 308 -16.49 -14.64 -16.84
CA ASN D 308 -16.39 -13.55 -17.81
C ASN D 308 -15.03 -13.55 -18.48
N SER D 309 -15.03 -13.52 -19.81
CA SER D 309 -13.79 -13.64 -20.57
C SER D 309 -12.84 -12.48 -20.33
N LEU D 310 -13.37 -11.31 -19.97
CA LEU D 310 -12.52 -10.16 -19.72
C LEU D 310 -11.82 -10.22 -18.37
N ILE D 311 -12.23 -11.14 -17.49
CA ILE D 311 -11.54 -11.32 -16.22
C ILE D 311 -10.16 -11.93 -16.46
N LEU D 312 -9.98 -12.67 -17.56
CA LEU D 312 -8.69 -13.23 -17.90
C LEU D 312 -7.62 -12.17 -18.13
N PHE D 313 -8.01 -10.89 -18.26
CA PHE D 313 -7.09 -9.78 -18.37
C PHE D 313 -6.93 -9.00 -17.07
N SER D 314 -7.63 -9.39 -16.00
CA SER D 314 -7.67 -8.62 -14.77
C SER D 314 -6.50 -8.90 -13.83
N GLY D 315 -5.66 -9.88 -14.15
CA GLY D 315 -4.49 -10.15 -13.33
C GLY D 315 -4.77 -10.71 -11.95
N ARG D 316 -6.00 -11.16 -11.68
CA ARG D 316 -6.32 -11.72 -10.38
C ARG D 316 -5.78 -13.15 -10.28
N THR D 317 -5.96 -13.75 -9.11
CA THR D 317 -5.50 -15.12 -8.85
C THR D 317 -6.70 -15.97 -8.47
N LEU D 318 -6.90 -17.06 -9.20
CA LEU D 318 -7.98 -18.01 -8.94
C LEU D 318 -7.34 -19.28 -8.40
N LYS D 319 -7.41 -19.45 -7.07
CA LYS D 319 -6.75 -20.56 -6.39
C LYS D 319 -7.80 -21.63 -6.09
N PHE D 320 -7.77 -22.70 -6.87
CA PHE D 320 -8.68 -23.82 -6.61
C PHE D 320 -8.23 -24.57 -5.37
N THR D 321 -9.19 -25.22 -4.71
CA THR D 321 -8.95 -25.71 -3.36
C THR D 321 -9.71 -27.01 -3.11
N ALA D 322 -9.19 -27.80 -2.17
CA ALA D 322 -9.86 -28.98 -1.66
C ALA D 322 -9.57 -29.05 -0.17
N PHE D 323 -10.62 -29.13 0.64
CA PHE D 323 -10.51 -29.13 2.09
C PHE D 323 -9.73 -27.91 2.60
N GLY D 324 -9.86 -26.78 1.89
CA GLY D 324 -9.23 -25.55 2.31
C GLY D 324 -7.72 -25.58 2.36
N GLY D 325 -7.09 -26.54 1.69
CA GLY D 325 -5.65 -26.66 1.76
C GLY D 325 -5.12 -27.21 3.06
N VAL D 326 -6.00 -27.63 3.97
CA VAL D 326 -5.56 -28.15 5.25
C VAL D 326 -4.92 -29.52 5.05
N ARG D 327 -3.69 -29.68 5.54
CA ARG D 327 -3.03 -30.97 5.53
C ARG D 327 -3.54 -31.80 6.71
N THR D 328 -4.08 -32.98 6.42
CA THR D 328 -4.80 -33.74 7.43
C THR D 328 -3.90 -34.30 8.52
N GLN D 329 -2.59 -34.42 8.27
CA GLN D 329 -1.66 -34.90 9.28
C GLN D 329 -0.75 -33.83 9.84
N SER D 330 -0.58 -32.71 9.14
CA SER D 330 0.29 -31.62 9.56
C SER D 330 -0.49 -30.41 10.06
N ASP D 331 -1.47 -29.94 9.30
CA ASP D 331 -2.20 -28.73 9.66
C ASP D 331 -3.47 -29.01 10.46
N LEU D 332 -4.12 -30.15 10.22
CA LEU D 332 -5.40 -30.41 10.86
C LEU D 332 -5.29 -30.54 12.38
N PRO D 333 -4.33 -31.29 12.95
CA PRO D 333 -4.25 -31.32 14.42
C PRO D 333 -3.98 -29.96 15.04
N VAL D 334 -3.34 -29.04 14.30
CA VAL D 334 -3.11 -27.71 14.81
C VAL D 334 -4.43 -26.95 14.98
N ILE D 335 -5.41 -27.22 14.11
CA ILE D 335 -6.70 -26.56 14.22
C ILE D 335 -7.53 -27.14 15.37
N ILE D 336 -7.41 -28.45 15.61
CA ILE D 336 -8.25 -29.09 16.63
C ILE D 336 -7.86 -28.63 18.02
N ASP D 337 -6.56 -28.40 18.27
CA ASP D 337 -6.17 -27.94 19.60
C ASP D 337 -6.59 -26.50 19.86
N LYS D 338 -6.88 -25.73 18.81
CA LYS D 338 -7.33 -24.36 18.99
C LYS D 338 -8.74 -24.28 19.57
N CYS D 339 -9.47 -25.39 19.62
CA CYS D 339 -10.70 -25.46 20.40
C CYS D 339 -10.47 -25.96 21.81
N LEU D 340 -9.36 -26.64 22.06
CA LEU D 340 -8.97 -26.95 23.42
C LEU D 340 -8.51 -25.71 24.18
N ASN D 341 -7.78 -24.82 23.49
CA ASN D 341 -7.47 -23.50 24.02
C ASN D 341 -8.60 -22.51 23.77
N LYS D 342 -9.59 -22.90 22.96
CA LYS D 342 -10.76 -22.08 22.66
C LYS D 342 -10.38 -20.74 22.03
N GLU D 343 -9.30 -20.74 21.24
CA GLU D 343 -9.01 -19.59 20.39
C GLU D 343 -10.15 -19.37 19.40
N ILE D 344 -10.57 -20.43 18.73
CA ILE D 344 -11.83 -20.46 17.99
C ILE D 344 -12.83 -21.25 18.84
N GLN D 345 -14.03 -20.70 19.02
CA GLN D 345 -15.07 -21.40 19.76
C GLN D 345 -16.26 -21.66 18.86
N LEU D 346 -16.69 -22.93 18.82
CA LEU D 346 -17.63 -23.44 17.84
C LEU D 346 -19.00 -23.72 18.45
N ASP D 347 -19.34 -23.04 19.55
CA ASP D 347 -20.64 -23.27 20.17
C ASP D 347 -21.76 -22.60 19.40
N GLU D 348 -21.48 -21.47 18.75
CA GLU D 348 -22.51 -20.78 17.98
C GLU D 348 -22.83 -21.48 16.67
N LEU D 349 -22.01 -22.46 16.25
CA LEU D 349 -22.29 -23.19 15.02
C LEU D 349 -23.51 -24.09 15.18
N LEU D 350 -23.58 -24.83 16.29
CA LEU D 350 -24.70 -25.73 16.52
C LEU D 350 -25.98 -24.94 16.68
N THR D 351 -27.01 -25.30 15.91
CA THR D 351 -28.31 -24.66 16.01
C THR D 351 -29.42 -25.70 16.11
N HIS D 352 -29.21 -26.87 15.50
CA HIS D 352 -30.19 -27.94 15.51
C HIS D 352 -29.54 -29.25 15.91
N GLU D 353 -30.37 -30.19 16.36
CA GLU D 353 -29.91 -31.48 16.82
C GLU D 353 -30.97 -32.52 16.52
N ILE D 354 -30.57 -33.60 15.84
CA ILE D 354 -31.45 -34.72 15.54
C ILE D 354 -30.72 -36.02 15.85
N HIS D 355 -31.49 -37.10 15.89
CA HIS D 355 -30.94 -38.44 15.94
C HIS D 355 -31.14 -39.11 14.58
N LEU D 356 -30.35 -40.16 14.34
CA LEU D 356 -30.38 -40.79 13.03
C LEU D 356 -31.75 -41.37 12.69
N ASP D 357 -32.55 -41.72 13.71
CA ASP D 357 -33.91 -42.19 13.46
C ASP D 357 -34.73 -41.17 12.69
N ASN D 358 -34.45 -39.88 12.89
CA ASN D 358 -35.19 -38.82 12.20
C ASN D 358 -34.28 -38.13 11.18
N ILE D 359 -33.57 -38.91 10.37
CA ILE D 359 -32.65 -38.30 9.41
C ILE D 359 -33.35 -37.85 8.14
N GLN D 360 -34.50 -38.45 7.79
CA GLN D 360 -35.32 -37.89 6.73
C GLN D 360 -35.69 -36.44 7.05
N GLU D 361 -35.78 -36.11 8.34
CA GLU D 361 -36.14 -34.75 8.76
C GLU D 361 -35.03 -33.75 8.47
N ALA D 362 -33.78 -34.22 8.42
CA ALA D 362 -32.65 -33.30 8.38
C ALA D 362 -32.57 -32.53 7.06
N PHE D 363 -33.09 -33.11 5.98
CA PHE D 363 -32.98 -32.45 4.68
C PHE D 363 -33.87 -31.21 4.61
N GLU D 364 -35.06 -31.28 5.22
CA GLU D 364 -35.90 -30.09 5.29
C GLU D 364 -35.49 -29.14 6.39
N ILE D 365 -34.78 -29.63 7.42
CA ILE D 365 -34.29 -28.75 8.48
C ILE D 365 -33.23 -27.80 7.94
N LEU D 366 -32.31 -28.31 7.10
CA LEU D 366 -31.27 -27.46 6.53
C LEU D 366 -31.84 -26.38 5.64
N LYS D 367 -33.08 -26.53 5.17
CA LYS D 367 -33.73 -25.48 4.40
C LYS D 367 -34.20 -24.32 5.26
N LYS D 368 -34.27 -24.50 6.58
CA LYS D 368 -34.77 -23.45 7.46
C LYS D 368 -33.80 -22.28 7.47
N PRO D 369 -34.30 -21.04 7.49
CA PRO D 369 -33.40 -19.88 7.41
C PRO D 369 -32.49 -19.73 8.61
N ASP D 370 -32.94 -20.14 9.80
CA ASP D 370 -32.14 -20.02 11.03
C ASP D 370 -31.26 -21.23 11.27
N CYS D 371 -30.96 -22.01 10.24
CA CYS D 371 -30.16 -23.22 10.38
C CYS D 371 -28.71 -22.94 10.01
N VAL D 372 -27.79 -23.47 10.81
CA VAL D 372 -26.35 -23.30 10.57
C VAL D 372 -25.68 -24.67 10.53
N LYS D 373 -25.82 -25.44 11.61
CA LYS D 373 -25.24 -26.78 11.68
C LYS D 373 -26.25 -27.75 12.28
N ILE D 374 -26.29 -28.96 11.71
CA ILE D 374 -27.18 -30.02 12.18
C ILE D 374 -26.31 -31.13 12.73
N LEU D 375 -26.54 -31.49 13.99
CA LEU D 375 -25.78 -32.56 14.65
C LEU D 375 -26.64 -33.80 14.74
N ILE D 376 -26.10 -34.93 14.30
CA ILE D 376 -26.77 -36.22 14.35
C ILE D 376 -26.21 -37.00 15.52
N LYS D 377 -27.07 -37.41 16.44
CA LYS D 377 -26.67 -38.24 17.57
C LYS D 377 -27.23 -39.65 17.39
N PHE D 378 -26.63 -40.60 18.10
CA PHE D 378 -27.01 -42.00 18.03
C PHE D 378 -27.40 -42.49 19.42
N LEU D 379 -28.65 -42.87 19.58
CA LEU D 379 -29.11 -43.37 20.87
C LEU D 379 -28.69 -44.83 21.03
N GLU D 380 -28.01 -45.13 22.14
CA GLU D 380 -27.48 -46.47 22.41
C GLU D 380 -28.61 -47.41 22.82
N HIS D 381 -29.46 -47.72 21.85
CA HIS D 381 -30.55 -48.67 22.05
C HIS D 381 -30.99 -49.26 20.71
ZN ZN E . -0.16 -7.20 -31.07
ZN ZN F . 0.42 3.25 -10.94
ZN ZN G . -11.31 33.20 7.21
ZN ZN H . -8.21 14.79 -5.01
ZN ZN I . 28.88 10.12 15.00
ZN ZN J . 13.00 5.39 30.14
ZN ZN K . -19.15 -31.40 4.59
ZN ZN L . 1.86 -37.59 0.30
#